data_7SWD
#
_entry.id   7SWD
#
_cell.length_a   1.00
_cell.length_b   1.00
_cell.length_c   1.00
_cell.angle_alpha   90.00
_cell.angle_beta   90.00
_cell.angle_gamma   90.00
#
_symmetry.space_group_name_H-M   'P 1'
#
loop_
_entity.id
_entity.type
_entity.pdbx_description
1 polymer 'Virion spike glycoprotein GP1'
2 polymer 'Virion spike glycoprotein GP2'
3 polymer '1C11 scFv'
4 polymer '1C3 heavy chain'
5 polymer '1C3 light chain'
6 branched beta-D-mannopyranose-(1-4)-2-acetamido-2-deoxy-beta-D-glucopyranose-(1-4)-2-acetamido-2-deoxy-beta-D-glucopyranose
#
loop_
_entity_poly.entity_id
_entity_poly.type
_entity_poly.pdbx_seq_one_letter_code
_entity_poly.pdbx_strand_id
1 'polypeptide(L)'
;IPLGVIHNSTLQVSDVDKLVCRDKLSSTNQLRSVGLNLEGNGVATDVPSATKRWGFRSGVPPKVVNYEAGEWAENCYNLE
IKKPDGSECLPAAPDGIRGFPRCRYVHKVSGTGPCAGDFAFHKEGAFFLYDRLASTVIYRGTTFAEGVVAFLILPQAKKD
FFSSHPLREPVNATEDPSSGYYSTTIRYQATGFGTNETEYLFEVDNLTYVQLESRFTPQFLLQLNETIYTSGKRSNTTGK
LIWKVNPEIDTTIGEWAFWETKKNLTRKIRSEELSFTVVS
;
A,C,E
2 'polypeptide(L)'
;IVNAQPKCNPNLHYWTTQDEGAAIGLAWIPYFGPAAEGIYTEGLMHNQDGLICGLRQLANETTQALQLFLRATTELRTFS
ILNRKAIDFLLQRWGG
;
B,D,F
3 'polypeptide(L)'
;QVQLVQSGAEVKKPGASVKVSCRTSGYTFSSYNIHWVRQAPGQGLEWMGVINPYGRSTTLYARRFRDRVTMTRDTSTSTV
YMELSSLRSEDTAVYFCGRLYSGAPYGLDVWGQGSTVTVSSGTGGSGGGGSGGGGSGGGASDIVMTQSPLSLPVTPGEPA
SISCRSSQSLLHSNGYNYVDWYLQKPGQSPQLLIYLGSSRASGVPDRFSGSGSGTDFTLKISRVETEDVGIYYCMQGLQT
PLTFGGGTKVEIK
;
G,H,I
4 'polypeptide(L)'
;QVQLVQSGAEVKKPGSSVKVACKVSGGTFSSYTISWVRQAPGQGLEWMGGIIPSFGVGHYSQKFRDRVTLTADKSTTTAF
LELSSVRSEDTALYYCAILGTFNWKSGGNYFGPWGQGTLVTVSS
;
J
5 'polypeptide(L)'
;DIVLTQSPDSLAASLGERATISCKSSHSVLYSSNNKDFFAWYQQKPGQPPKLLISWASTRESGVPVRFNGGGSGTHFTLT
ISSLQAEDVAVYYCQQYFSSPITFGQGTRLEIKRT
;
K
#
# COMPACT_ATOMS: atom_id res chain seq x y z
N ILE A 1 -21.68 8.19 -2.57
CA ILE A 1 -21.78 6.86 -3.15
C ILE A 1 -23.08 6.20 -2.70
N PRO A 2 -24.01 6.02 -3.62
CA PRO A 2 -25.28 5.38 -3.27
C PRO A 2 -25.06 3.96 -2.75
N LEU A 3 -25.90 3.57 -1.80
CA LEU A 3 -25.82 2.26 -1.17
C LEU A 3 -27.16 1.55 -1.34
N GLY A 4 -27.11 0.26 -1.61
CA GLY A 4 -28.32 -0.52 -1.88
C GLY A 4 -28.81 -1.25 -0.64
N VAL A 5 -30.13 -1.26 -0.47
CA VAL A 5 -30.78 -1.93 0.66
C VAL A 5 -31.87 -2.85 0.11
N ILE A 6 -31.99 -4.04 0.69
CA ILE A 6 -32.89 -5.08 0.21
C ILE A 6 -33.95 -5.36 1.26
N HIS A 7 -35.20 -5.52 0.83
CA HIS A 7 -36.27 -5.91 1.75
C HIS A 7 -36.47 -7.43 1.75
N ASN A 8 -36.96 -7.97 0.64
CA ASN A 8 -36.91 -9.41 0.41
C ASN A 8 -36.26 -9.73 -0.92
N SER A 9 -36.76 -9.06 -1.98
CA SER A 9 -36.29 -9.29 -3.34
C SER A 9 -36.19 -7.98 -4.13
N THR A 10 -36.26 -6.84 -3.46
CA THR A 10 -36.19 -5.54 -4.09
C THR A 10 -35.00 -4.77 -3.54
N LEU A 11 -34.40 -3.93 -4.37
CA LEU A 11 -33.25 -3.13 -3.98
C LEU A 11 -33.67 -1.69 -3.78
N GLN A 12 -33.32 -1.13 -2.63
CA GLN A 12 -33.62 0.26 -2.29
C GLN A 12 -32.32 1.03 -2.19
N VAL A 13 -32.23 2.14 -2.93
CA VAL A 13 -31.03 2.96 -2.96
C VAL A 13 -31.05 3.92 -1.79
N SER A 14 -29.93 4.02 -1.08
CA SER A 14 -29.80 4.93 0.05
C SER A 14 -29.49 6.35 -0.42
N VAL A 20 -34.52 5.03 6.18
CA VAL A 20 -35.50 4.52 7.12
C VAL A 20 -34.80 3.98 8.36
N CYS A 21 -35.32 4.34 9.54
CA CYS A 21 -34.71 3.90 10.79
C CYS A 21 -34.74 2.38 10.92
N ARG A 22 -35.76 1.74 10.36
CA ARG A 22 -35.84 0.29 10.42
C ARG A 22 -34.68 -0.35 9.67
N ASP A 23 -34.16 0.33 8.64
CA ASP A 23 -33.03 -0.22 7.89
C ASP A 23 -31.84 -0.39 8.81
N LYS A 24 -31.51 -1.65 9.10
CA LYS A 24 -30.56 -2.00 10.13
C LYS A 24 -29.41 -2.78 9.50
N LEU A 25 -28.22 -2.66 10.11
CA LEU A 25 -27.06 -3.42 9.69
C LEU A 25 -26.38 -3.92 10.96
N SER A 26 -26.45 -5.23 11.19
CA SER A 26 -26.03 -5.78 12.48
C SER A 26 -24.51 -5.81 12.60
N SER A 27 -23.81 -6.19 11.55
CA SER A 27 -22.36 -6.33 11.62
C SER A 27 -21.76 -5.99 10.26
N THR A 28 -20.47 -5.66 10.28
CA THR A 28 -19.78 -5.26 9.06
C THR A 28 -19.61 -6.40 8.08
N ASN A 29 -19.74 -7.64 8.54
CA ASN A 29 -19.48 -8.78 7.66
C ASN A 29 -20.43 -8.81 6.48
N GLN A 30 -21.65 -8.28 6.64
CA GLN A 30 -22.63 -8.37 5.58
C GLN A 30 -22.42 -7.32 4.50
N LEU A 31 -21.76 -6.20 4.81
CA LEU A 31 -21.40 -5.22 3.79
C LEU A 31 -20.59 -5.89 2.69
N ARG A 32 -21.13 -5.93 1.48
CA ARG A 32 -20.49 -6.66 0.40
C ARG A 32 -20.40 -5.77 -0.83
N SER A 33 -19.23 -5.80 -1.46
CA SER A 33 -18.97 -5.05 -2.69
C SER A 33 -18.92 -6.03 -3.85
N VAL A 34 -19.87 -5.90 -4.77
CA VAL A 34 -20.07 -6.86 -5.85
C VAL A 34 -19.75 -6.19 -7.18
N GLY A 35 -18.96 -6.87 -8.00
CA GLY A 35 -18.58 -6.35 -9.31
C GLY A 35 -19.21 -7.14 -10.44
N LEU A 36 -19.99 -6.47 -11.28
CA LEU A 36 -20.77 -7.14 -12.32
C LEU A 36 -20.24 -6.81 -13.71
N ASN A 37 -20.08 -7.84 -14.52
CA ASN A 37 -19.56 -7.70 -15.86
C ASN A 37 -20.61 -7.12 -16.80
N LEU A 38 -20.13 -6.52 -17.88
CA LEU A 38 -21.01 -5.93 -18.89
C LEU A 38 -21.50 -6.96 -19.91
N GLU A 39 -21.27 -8.25 -19.68
CA GLU A 39 -21.67 -9.24 -20.67
C GLU A 39 -23.19 -9.24 -20.85
N GLY A 40 -23.92 -9.10 -19.75
CA GLY A 40 -25.36 -9.04 -19.76
C GLY A 40 -25.94 -7.64 -19.73
N ASN A 41 -25.12 -6.62 -19.99
CA ASN A 41 -25.56 -5.23 -19.94
C ASN A 41 -25.81 -4.67 -21.33
N GLY A 42 -26.12 -5.53 -22.29
CA GLY A 42 -26.36 -5.08 -23.65
C GLY A 42 -25.15 -4.48 -24.32
N VAL A 43 -23.96 -5.04 -24.07
CA VAL A 43 -22.72 -4.55 -24.64
C VAL A 43 -22.12 -5.65 -25.51
N ALA A 44 -21.84 -5.32 -26.77
CA ALA A 44 -21.27 -6.29 -27.67
C ALA A 44 -19.90 -6.74 -27.18
N THR A 45 -19.73 -8.06 -27.07
CA THR A 45 -18.53 -8.64 -26.47
C THR A 45 -17.51 -9.08 -27.50
N ASP A 46 -17.73 -8.78 -28.78
CA ASP A 46 -16.76 -9.18 -29.79
C ASP A 46 -15.49 -8.34 -29.67
N VAL A 47 -14.41 -8.86 -30.26
CA VAL A 47 -13.10 -8.22 -30.12
C VAL A 47 -13.07 -6.81 -30.70
N PRO A 48 -13.48 -6.56 -31.96
CA PRO A 48 -13.27 -5.22 -32.52
C PRO A 48 -14.29 -4.20 -32.07
N SER A 49 -15.51 -4.66 -31.76
CA SER A 49 -16.50 -3.75 -31.18
C SER A 49 -16.05 -3.26 -29.81
N ALA A 50 -15.49 -4.17 -29.00
CA ALA A 50 -15.05 -3.81 -27.66
C ALA A 50 -13.75 -3.03 -27.65
N THR A 51 -12.84 -3.34 -28.59
CA THR A 51 -11.54 -2.69 -28.61
C THR A 51 -11.66 -1.17 -28.74
N LYS A 52 -12.74 -0.69 -29.36
CA LYS A 52 -12.91 0.74 -29.51
C LYS A 52 -13.10 1.43 -28.16
N ARG A 53 -13.55 0.71 -27.14
CA ARG A 53 -13.88 1.35 -25.87
C ARG A 53 -12.66 1.66 -25.01
N TRP A 54 -11.49 1.10 -25.32
CA TRP A 54 -10.29 1.35 -24.55
C TRP A 54 -9.43 2.36 -25.30
N GLY A 55 -9.19 3.50 -24.67
CA GLY A 55 -8.44 4.56 -25.31
C GLY A 55 -7.31 5.05 -24.43
N PHE A 56 -6.25 5.52 -25.08
CA PHE A 56 -5.01 5.86 -24.40
C PHE A 56 -4.96 7.34 -24.06
N ARG A 57 -4.68 7.62 -22.79
CA ARG A 57 -4.55 8.95 -22.23
C ARG A 57 -3.23 9.03 -21.48
N SER A 58 -2.94 10.21 -20.93
CA SER A 58 -1.71 10.38 -20.15
C SER A 58 -1.94 11.44 -19.10
N GLY A 59 -1.12 11.40 -18.06
CA GLY A 59 -1.20 12.39 -17.01
C GLY A 59 -2.34 12.23 -16.03
N VAL A 60 -2.91 11.03 -15.92
CA VAL A 60 -3.96 10.74 -14.96
C VAL A 60 -3.56 9.52 -14.15
N PRO A 61 -3.49 9.61 -12.82
CA PRO A 61 -3.05 8.46 -12.03
C PRO A 61 -4.09 7.36 -12.01
N PRO A 62 -3.68 6.10 -12.15
CA PRO A 62 -4.63 5.01 -12.04
C PRO A 62 -5.08 4.83 -10.59
N LYS A 63 -6.29 4.32 -10.43
CA LYS A 63 -6.86 4.08 -9.12
C LYS A 63 -7.44 2.67 -9.07
N VAL A 64 -7.43 2.08 -7.87
CA VAL A 64 -7.87 0.70 -7.69
C VAL A 64 -8.83 0.62 -6.51
N VAL A 65 -9.88 -0.18 -6.65
CA VAL A 65 -10.88 -0.39 -5.63
C VAL A 65 -11.03 -1.88 -5.37
N ASN A 66 -11.43 -2.23 -4.15
CA ASN A 66 -11.62 -3.61 -3.76
C ASN A 66 -13.10 -3.98 -3.85
N TYR A 67 -13.41 -5.04 -4.59
CA TYR A 67 -14.76 -5.59 -4.65
C TYR A 67 -14.70 -7.05 -4.21
N GLU A 68 -15.59 -7.44 -3.30
CA GLU A 68 -15.50 -8.75 -2.70
C GLU A 68 -15.95 -9.86 -3.65
N ALA A 69 -17.07 -9.67 -4.34
CA ALA A 69 -17.68 -10.70 -5.15
C ALA A 69 -17.79 -10.24 -6.60
N GLY A 70 -17.89 -11.20 -7.51
CA GLY A 70 -17.97 -10.89 -8.93
C GLY A 70 -18.84 -11.87 -9.67
N GLU A 71 -19.17 -11.48 -10.90
CA GLU A 71 -19.99 -12.30 -11.79
C GLU A 71 -19.10 -13.06 -12.76
N TRP A 72 -19.59 -14.22 -13.19
CA TRP A 72 -18.87 -14.99 -14.20
C TRP A 72 -18.76 -14.16 -15.47
N ALA A 73 -17.69 -14.42 -16.24
CA ALA A 73 -17.42 -13.69 -17.46
C ALA A 73 -17.40 -14.66 -18.63
N GLU A 74 -18.30 -14.46 -19.59
CA GLU A 74 -18.26 -15.27 -20.81
C GLU A 74 -17.15 -14.80 -21.74
N ASN A 75 -16.88 -13.50 -21.78
CA ASN A 75 -15.87 -12.93 -22.66
C ASN A 75 -14.96 -12.02 -21.84
N CYS A 76 -13.69 -12.41 -21.75
CA CYS A 76 -12.69 -11.64 -21.03
C CYS A 76 -11.46 -11.48 -21.91
N TYR A 77 -10.79 -10.35 -21.74
CA TYR A 77 -9.75 -9.90 -22.68
C TYR A 77 -8.39 -9.87 -22.00
N ASN A 78 -7.39 -10.44 -22.67
CA ASN A 78 -5.99 -10.35 -22.24
C ASN A 78 -5.22 -9.52 -23.26
N LEU A 79 -4.66 -8.42 -22.81
CA LEU A 79 -4.02 -7.44 -23.69
C LEU A 79 -2.51 -7.46 -23.51
N GLU A 80 -1.79 -7.51 -24.63
CA GLU A 80 -0.34 -7.35 -24.65
C GLU A 80 0.06 -6.42 -25.79
N ILE A 81 -0.60 -5.26 -25.85
CA ILE A 81 -0.48 -4.35 -26.98
C ILE A 81 0.96 -3.94 -27.25
N LYS A 82 1.30 -3.84 -28.54
CA LYS A 82 2.64 -3.52 -29.00
C LYS A 82 2.62 -2.21 -29.77
N LYS A 83 3.56 -1.32 -29.45
CA LYS A 83 3.74 -0.09 -30.21
C LYS A 83 4.34 -0.42 -31.58
N PRO A 84 4.22 0.49 -32.54
CA PRO A 84 4.70 0.16 -33.90
C PRO A 84 6.16 -0.19 -33.97
N ASP A 85 7.00 0.40 -33.13
CA ASP A 85 8.41 0.04 -33.14
C ASP A 85 8.68 -1.32 -32.52
N GLY A 86 7.67 -1.99 -31.97
CA GLY A 86 7.82 -3.27 -31.33
C GLY A 86 7.82 -3.21 -29.81
N SER A 87 7.87 -2.02 -29.23
CA SER A 87 7.80 -1.87 -27.79
C SER A 87 6.39 -2.13 -27.30
N GLU A 88 6.27 -2.48 -26.01
CA GLU A 88 4.98 -2.64 -25.37
C GLU A 88 4.64 -1.40 -24.57
N CYS A 89 3.41 -0.90 -24.73
CA CYS A 89 2.99 0.35 -24.13
C CYS A 89 2.09 0.19 -22.91
N LEU A 90 1.46 -0.96 -22.72
CA LEU A 90 0.64 -1.15 -21.54
C LEU A 90 1.52 -1.20 -20.30
N PRO A 91 1.13 -0.52 -19.22
CA PRO A 91 1.98 -0.49 -18.02
C PRO A 91 2.10 -1.88 -17.40
N ALA A 92 3.20 -2.09 -16.69
CA ALA A 92 3.47 -3.37 -16.04
C ALA A 92 2.46 -3.63 -14.92
N ALA A 93 2.05 -4.88 -14.80
CA ALA A 93 1.08 -5.25 -13.78
C ALA A 93 1.71 -5.11 -12.39
N PRO A 94 1.12 -4.34 -11.48
CA PRO A 94 1.67 -4.23 -10.13
C PRO A 94 1.38 -5.49 -9.33
N ASP A 95 2.06 -5.59 -8.18
CA ASP A 95 1.89 -6.74 -7.32
C ASP A 95 0.49 -6.77 -6.70
N GLY A 96 0.01 -7.97 -6.41
CA GLY A 96 -1.31 -8.14 -5.85
C GLY A 96 -2.43 -8.14 -6.85
N ILE A 97 -2.14 -7.95 -8.13
CA ILE A 97 -3.15 -7.95 -9.18
C ILE A 97 -2.85 -9.10 -10.12
N ARG A 98 -3.84 -9.99 -10.29
CA ARG A 98 -3.72 -11.07 -11.26
C ARG A 98 -4.99 -11.12 -12.07
N GLY A 99 -5.12 -12.12 -12.93
CA GLY A 99 -6.20 -12.16 -13.88
C GLY A 99 -7.54 -12.35 -13.21
N PHE A 100 -8.58 -12.13 -14.01
CA PHE A 100 -9.93 -12.37 -13.56
C PHE A 100 -10.07 -13.85 -13.21
N PRO A 101 -10.64 -14.19 -12.07
CA PRO A 101 -10.63 -15.60 -11.63
C PRO A 101 -11.42 -16.54 -12.52
N ARG A 102 -12.69 -16.23 -12.77
CA ARG A 102 -13.59 -17.16 -13.46
C ARG A 102 -13.98 -16.58 -14.81
N CYS A 103 -13.40 -17.11 -15.87
CA CYS A 103 -13.71 -16.72 -17.24
C CYS A 103 -13.79 -17.95 -18.12
N ARG A 104 -14.78 -18.00 -19.00
CA ARG A 104 -14.92 -19.12 -19.92
C ARG A 104 -13.90 -19.06 -21.04
N TYR A 105 -13.90 -17.96 -21.79
CA TYR A 105 -13.11 -17.86 -23.01
C TYR A 105 -12.21 -16.63 -22.91
N VAL A 106 -10.92 -16.82 -23.18
CA VAL A 106 -9.93 -15.77 -23.05
C VAL A 106 -9.60 -15.23 -24.44
N HIS A 107 -9.83 -13.93 -24.62
CA HIS A 107 -9.49 -13.26 -25.87
C HIS A 107 -8.07 -12.73 -25.77
N LYS A 108 -7.13 -13.38 -26.44
CA LYS A 108 -5.75 -12.90 -26.47
C LYS A 108 -5.61 -11.86 -27.60
N VAL A 109 -6.27 -10.73 -27.38
CA VAL A 109 -6.21 -9.63 -28.35
C VAL A 109 -4.87 -8.93 -28.26
N SER A 110 -4.30 -8.60 -29.42
CA SER A 110 -2.94 -8.08 -29.47
C SER A 110 -2.77 -7.33 -30.78
N GLY A 111 -1.60 -6.69 -30.91
CA GLY A 111 -1.18 -6.10 -32.17
C GLY A 111 -1.72 -4.72 -32.46
N THR A 112 -2.38 -4.08 -31.50
CA THR A 112 -2.88 -2.73 -31.75
C THR A 112 -1.71 -1.75 -31.75
N GLY A 113 -1.16 -1.47 -32.93
CA GLY A 113 0.03 -0.66 -33.04
C GLY A 113 -0.06 0.71 -32.40
N PRO A 114 -0.88 1.60 -32.96
CA PRO A 114 -0.83 3.02 -32.53
C PRO A 114 -1.47 3.27 -31.17
N CYS A 115 -0.81 2.82 -30.12
CA CYS A 115 -1.12 3.29 -28.77
C CYS A 115 -0.16 4.40 -28.40
N ALA A 116 -0.71 5.57 -28.07
CA ALA A 116 0.08 6.80 -27.92
C ALA A 116 -0.26 7.49 -26.62
N GLY A 117 -0.24 6.76 -25.52
CA GLY A 117 -0.52 7.35 -24.22
C GLY A 117 0.17 6.59 -23.11
N ASP A 118 0.24 7.24 -21.95
CA ASP A 118 0.88 6.63 -20.80
C ASP A 118 0.02 5.52 -20.18
N PHE A 119 -1.30 5.59 -20.37
CA PHE A 119 -2.20 4.62 -19.79
C PHE A 119 -3.38 4.42 -20.71
N ALA A 120 -4.12 3.34 -20.47
CA ALA A 120 -5.33 3.05 -21.24
C ALA A 120 -6.53 3.06 -20.30
N PHE A 121 -7.49 3.93 -20.58
CA PHE A 121 -8.69 4.08 -19.79
C PHE A 121 -9.89 3.65 -20.61
N HIS A 122 -11.02 3.56 -19.92
CA HIS A 122 -12.24 3.01 -20.50
C HIS A 122 -13.14 4.14 -20.96
N LYS A 123 -13.55 4.09 -22.23
CA LYS A 123 -14.31 5.17 -22.83
C LYS A 123 -15.75 5.26 -22.33
N GLU A 124 -16.25 4.22 -21.67
CA GLU A 124 -17.63 4.22 -21.20
C GLU A 124 -17.74 4.58 -19.72
N GLY A 125 -16.66 4.49 -18.97
CA GLY A 125 -16.64 4.84 -17.56
C GLY A 125 -16.52 3.67 -16.63
N ALA A 126 -16.45 2.46 -17.16
CA ALA A 126 -16.45 1.27 -16.34
C ALA A 126 -15.07 1.05 -15.71
N PHE A 127 -14.96 -0.06 -15.00
CA PHE A 127 -13.73 -0.53 -14.39
C PHE A 127 -13.32 -1.84 -15.05
N PHE A 128 -12.03 -2.14 -14.99
CA PHE A 128 -11.50 -3.45 -15.36
C PHE A 128 -11.35 -4.29 -14.10
N LEU A 129 -12.05 -5.41 -14.03
CA LEU A 129 -12.27 -6.08 -12.74
C LEU A 129 -10.99 -6.69 -12.17
N TYR A 130 -10.23 -7.41 -12.99
CA TYR A 130 -9.05 -8.14 -12.48
C TYR A 130 -9.50 -9.08 -11.37
N ASP A 131 -8.58 -9.40 -10.46
CA ASP A 131 -8.86 -10.31 -9.34
C ASP A 131 -9.21 -9.50 -8.10
N ARG A 132 -10.51 -9.31 -7.89
CA ARG A 132 -11.03 -8.61 -6.71
C ARG A 132 -10.45 -7.20 -6.57
N LEU A 133 -9.88 -6.66 -7.65
CA LEU A 133 -9.29 -5.33 -7.64
C LEU A 133 -9.69 -4.61 -8.92
N ALA A 134 -10.81 -3.90 -8.87
CA ALA A 134 -11.22 -3.11 -10.03
C ALA A 134 -10.22 -1.97 -10.25
N SER A 135 -9.85 -1.75 -11.51
CA SER A 135 -8.90 -0.71 -11.84
C SER A 135 -9.50 0.19 -12.91
N THR A 136 -9.03 1.42 -12.95
CA THR A 136 -9.40 2.34 -14.01
C THR A 136 -8.43 2.31 -15.17
N VAL A 137 -7.42 1.43 -15.13
CA VAL A 137 -6.39 1.36 -16.13
C VAL A 137 -6.19 -0.09 -16.53
N ILE A 138 -5.60 -0.30 -17.70
CA ILE A 138 -5.31 -1.63 -18.22
C ILE A 138 -3.86 -1.96 -17.90
N TYR A 139 -3.63 -3.08 -17.23
CA TYR A 139 -2.30 -3.55 -16.94
C TYR A 139 -1.91 -4.68 -17.89
N ARG A 140 -0.64 -4.71 -18.26
CA ARG A 140 -0.16 -5.57 -19.34
C ARG A 140 -0.04 -7.02 -18.89
N GLY A 141 -0.55 -7.92 -19.73
CA GLY A 141 -0.31 -9.33 -19.59
C GLY A 141 -1.31 -10.10 -18.77
N THR A 142 -2.20 -9.43 -18.06
CA THR A 142 -3.15 -10.09 -17.18
C THR A 142 -4.57 -9.92 -17.71
N THR A 143 -5.33 -11.00 -17.69
CA THR A 143 -6.68 -10.97 -18.24
C THR A 143 -7.62 -10.23 -17.30
N PHE A 144 -8.68 -9.67 -17.88
CA PHE A 144 -9.63 -8.87 -17.14
C PHE A 144 -10.98 -8.94 -17.82
N ALA A 145 -11.97 -8.30 -17.19
CA ALA A 145 -13.28 -8.13 -17.78
C ALA A 145 -13.74 -6.71 -17.45
N GLU A 146 -14.40 -6.06 -18.40
CA GLU A 146 -14.92 -4.73 -18.17
C GLU A 146 -16.29 -4.83 -17.50
N GLY A 147 -16.46 -4.09 -16.43
CA GLY A 147 -17.70 -4.13 -15.68
C GLY A 147 -17.76 -2.98 -14.70
N VAL A 148 -18.67 -3.09 -13.74
CA VAL A 148 -18.91 -2.03 -12.77
C VAL A 148 -18.85 -2.62 -11.37
N VAL A 149 -18.58 -1.78 -10.39
CA VAL A 149 -18.51 -2.20 -8.99
C VAL A 149 -19.56 -1.45 -8.20
N ALA A 150 -20.38 -2.19 -7.43
CA ALA A 150 -21.41 -1.63 -6.59
C ALA A 150 -21.23 -2.12 -5.16
N PHE A 151 -21.80 -1.37 -4.22
CA PHE A 151 -21.69 -1.67 -2.79
C PHE A 151 -23.09 -1.90 -2.22
N LEU A 152 -23.21 -2.89 -1.35
CA LEU A 152 -24.51 -3.32 -0.86
C LEU A 152 -24.41 -3.66 0.62
N ILE A 153 -25.54 -3.53 1.30
CA ILE A 153 -25.74 -4.10 2.63
C ILE A 153 -26.69 -5.29 2.48
N LEU A 154 -26.24 -6.44 2.95
CA LEU A 154 -27.02 -7.65 2.77
C LEU A 154 -28.09 -7.78 3.86
N PRO A 155 -29.21 -8.44 3.55
CA PRO A 155 -30.22 -8.67 4.59
C PRO A 155 -29.73 -9.64 5.64
N GLN A 156 -30.27 -9.49 6.85
CA GLN A 156 -29.91 -10.36 7.96
C GLN A 156 -30.67 -11.68 7.90
N ILE B 1 -34.50 2.19 -9.15
CA ILE B 1 -33.92 1.00 -9.73
C ILE B 1 -34.49 0.77 -11.12
N VAL B 2 -35.03 1.84 -11.72
CA VAL B 2 -35.59 1.74 -13.06
C VAL B 2 -34.46 1.61 -14.05
N ASN B 3 -34.40 0.49 -14.76
CA ASN B 3 -33.31 0.25 -15.68
C ASN B 3 -33.29 1.23 -16.85
N ALA B 4 -32.33 2.16 -16.82
CA ALA B 4 -31.95 2.89 -18.02
C ALA B 4 -31.01 2.06 -18.87
N GLN B 5 -30.47 1.00 -18.31
CA GLN B 5 -29.64 0.07 -19.05
C GLN B 5 -30.48 -0.60 -20.15
N PRO B 6 -29.94 -0.71 -21.36
CA PRO B 6 -30.74 -1.27 -22.46
C PRO B 6 -31.18 -2.71 -22.22
N LYS B 7 -30.37 -3.51 -21.53
CA LYS B 7 -30.69 -4.91 -21.35
C LYS B 7 -30.16 -5.39 -20.01
N CYS B 8 -31.05 -5.97 -19.20
CA CYS B 8 -30.69 -6.56 -17.92
C CYS B 8 -30.60 -8.07 -18.07
N ASN B 9 -29.52 -8.65 -17.57
CA ASN B 9 -29.43 -10.09 -17.46
C ASN B 9 -30.17 -10.52 -16.20
N PRO B 10 -31.19 -11.37 -16.30
CA PRO B 10 -32.04 -11.64 -15.13
C PRO B 10 -31.41 -12.52 -14.08
N ASN B 11 -30.25 -13.10 -14.34
CA ASN B 11 -29.59 -13.98 -13.39
C ASN B 11 -28.08 -13.77 -13.44
N LEU B 12 -27.41 -14.07 -12.34
CA LEU B 12 -25.96 -14.01 -12.32
C LEU B 12 -25.39 -15.28 -11.69
N HIS B 13 -24.26 -15.71 -12.23
CA HIS B 13 -23.46 -16.80 -11.69
C HIS B 13 -22.25 -16.14 -11.04
N TYR B 14 -22.26 -16.05 -9.72
CA TYR B 14 -21.28 -15.25 -9.00
C TYR B 14 -20.27 -16.13 -8.27
N TRP B 15 -19.18 -15.50 -7.85
CA TRP B 15 -18.14 -16.13 -7.07
C TRP B 15 -17.75 -15.18 -5.94
N THR B 16 -17.50 -15.75 -4.77
CA THR B 16 -17.14 -14.97 -3.60
C THR B 16 -15.86 -15.50 -2.98
N THR B 17 -15.18 -14.64 -2.24
CA THR B 17 -14.00 -15.05 -1.50
C THR B 17 -14.18 -14.96 0.00
N GLN B 18 -15.14 -14.17 0.48
CA GLN B 18 -15.33 -14.05 1.92
C GLN B 18 -15.97 -15.31 2.50
N ASP B 19 -16.75 -16.04 1.72
CA ASP B 19 -17.39 -17.24 2.22
C ASP B 19 -16.35 -18.32 2.53
N GLU B 20 -16.67 -19.17 3.50
CA GLU B 20 -15.75 -20.18 3.99
C GLU B 20 -15.77 -21.47 3.19
N GLY B 21 -16.67 -21.58 2.20
CA GLY B 21 -16.85 -22.82 1.47
C GLY B 21 -15.68 -23.23 0.61
N ALA B 22 -14.69 -22.36 0.44
CA ALA B 22 -13.58 -22.67 -0.46
C ALA B 22 -12.63 -23.70 0.14
N ALA B 23 -12.49 -23.73 1.46
CA ALA B 23 -11.53 -24.62 2.11
C ALA B 23 -12.17 -25.30 3.31
N ILE B 24 -13.36 -25.87 3.12
CA ILE B 24 -14.00 -26.64 4.18
C ILE B 24 -13.12 -27.81 4.58
N GLY B 25 -12.68 -28.60 3.60
CA GLY B 25 -11.68 -29.61 3.84
C GLY B 25 -10.33 -28.99 3.59
N LEU B 26 -9.52 -29.67 2.77
CA LEU B 26 -8.23 -29.14 2.34
C LEU B 26 -7.42 -28.75 3.58
N ALA B 27 -6.96 -27.51 3.68
CA ALA B 27 -6.28 -27.10 4.90
C ALA B 27 -6.19 -25.58 4.95
N TRP B 28 -5.93 -25.06 6.14
CA TRP B 28 -5.77 -23.62 6.27
C TRP B 28 -4.32 -23.22 6.07
N ILE B 29 -3.38 -24.04 6.51
CA ILE B 29 -1.96 -23.73 6.43
C ILE B 29 -1.61 -23.51 4.97
N PRO B 30 -1.02 -22.36 4.61
CA PRO B 30 -0.72 -22.11 3.21
C PRO B 30 0.24 -23.12 2.61
N TYR B 31 1.10 -23.71 3.44
CA TYR B 31 2.07 -24.66 2.92
C TYR B 31 1.39 -25.88 2.30
N PHE B 32 0.36 -26.42 2.95
CA PHE B 32 -0.50 -27.43 2.35
C PHE B 32 -1.83 -26.75 2.08
N GLY B 33 -1.94 -26.07 0.95
CA GLY B 33 -3.09 -25.24 0.73
C GLY B 33 -3.48 -25.10 -0.72
N PRO B 34 -4.65 -24.52 -0.96
CA PRO B 34 -5.10 -24.31 -2.34
C PRO B 34 -4.26 -23.26 -3.04
N ALA B 35 -4.40 -23.22 -4.35
CA ALA B 35 -3.74 -22.20 -5.16
C ALA B 35 -4.50 -20.88 -5.00
N ALA B 36 -4.09 -19.87 -5.77
CA ALA B 36 -4.76 -18.58 -5.70
C ALA B 36 -6.17 -18.63 -6.26
N GLU B 37 -6.47 -19.64 -7.07
CA GLU B 37 -7.77 -19.80 -7.70
C GLU B 37 -8.73 -20.65 -6.88
N GLY B 38 -8.26 -21.24 -5.78
CA GLY B 38 -9.10 -22.11 -4.98
C GLY B 38 -9.73 -21.41 -3.80
N ILE B 39 -9.80 -20.09 -3.86
CA ILE B 39 -10.25 -19.27 -2.74
C ILE B 39 -11.64 -18.75 -3.07
N TYR B 40 -12.34 -19.46 -3.95
CA TYR B 40 -13.55 -18.95 -4.59
C TYR B 40 -14.69 -19.94 -4.41
N THR B 41 -15.82 -19.44 -3.93
CA THR B 41 -17.03 -20.23 -3.78
C THR B 41 -18.02 -19.77 -4.83
N GLU B 42 -18.61 -20.72 -5.54
CA GLU B 42 -19.53 -20.42 -6.62
C GLU B 42 -20.94 -20.21 -6.08
N GLY B 43 -21.77 -19.57 -6.91
CA GLY B 43 -23.15 -19.33 -6.55
C GLY B 43 -23.95 -18.93 -7.76
N LEU B 44 -25.26 -19.10 -7.65
CA LEU B 44 -26.18 -18.94 -8.77
C LEU B 44 -27.44 -18.24 -8.31
N MET B 45 -27.99 -17.35 -9.14
CA MET B 45 -29.16 -16.56 -8.76
C MET B 45 -30.23 -16.52 -9.84
N HIS B 46 -30.70 -17.69 -10.32
CA HIS B 46 -31.86 -17.68 -11.22
C HIS B 46 -33.01 -16.86 -10.64
N ASN B 47 -33.32 -17.05 -9.36
CA ASN B 47 -34.46 -16.34 -8.81
C ASN B 47 -34.12 -14.87 -8.61
N GLN B 48 -35.16 -14.08 -8.34
CA GLN B 48 -35.02 -12.67 -7.99
C GLN B 48 -34.43 -11.86 -9.16
N ASP B 49 -35.03 -12.02 -10.34
CA ASP B 49 -34.53 -11.35 -11.53
C ASP B 49 -34.68 -9.83 -11.41
N GLY B 50 -35.81 -9.37 -10.87
CA GLY B 50 -35.99 -7.94 -10.67
C GLY B 50 -34.93 -7.35 -9.77
N LEU B 51 -34.54 -8.09 -8.74
CA LEU B 51 -33.43 -7.66 -7.89
C LEU B 51 -32.15 -7.49 -8.70
N ILE B 52 -31.88 -8.42 -9.62
CA ILE B 52 -30.64 -8.38 -10.38
C ILE B 52 -30.63 -7.21 -11.35
N CYS B 53 -31.75 -6.95 -12.02
CA CYS B 53 -31.81 -5.80 -12.92
C CYS B 53 -31.69 -4.49 -12.14
N GLY B 54 -32.35 -4.40 -10.99
CA GLY B 54 -32.18 -3.23 -10.15
C GLY B 54 -30.75 -3.07 -9.69
N LEU B 55 -30.06 -4.18 -9.44
CA LEU B 55 -28.67 -4.10 -8.99
C LEU B 55 -27.76 -3.67 -10.13
N ARG B 56 -28.03 -4.15 -11.35
CA ARG B 56 -27.38 -3.61 -12.54
C ARG B 56 -27.51 -2.09 -12.59
N GLN B 57 -28.74 -1.61 -12.41
CA GLN B 57 -28.97 -0.18 -12.51
C GLN B 57 -28.28 0.58 -11.40
N LEU B 58 -28.23 0.00 -10.20
CA LEU B 58 -27.47 0.63 -9.12
C LEU B 58 -26.00 0.73 -9.47
N ALA B 59 -25.43 -0.33 -10.05
CA ALA B 59 -24.04 -0.28 -10.50
C ALA B 59 -23.83 0.85 -11.50
N ASN B 60 -24.73 0.96 -12.47
CA ASN B 60 -24.68 2.08 -13.40
C ASN B 60 -24.72 3.43 -12.69
N GLU B 61 -25.59 3.57 -11.70
CA GLU B 61 -25.78 4.88 -11.10
C GLU B 61 -24.62 5.27 -10.22
N THR B 62 -23.98 4.30 -9.57
CA THR B 62 -22.92 4.59 -8.60
C THR B 62 -21.55 4.72 -9.23
N THR B 63 -21.44 4.54 -10.54
CA THR B 63 -20.11 4.55 -11.16
C THR B 63 -19.44 5.90 -11.01
N GLN B 64 -20.16 6.98 -11.32
CA GLN B 64 -19.50 8.27 -11.38
C GLN B 64 -19.14 8.78 -10.00
N ALA B 65 -19.93 8.44 -8.99
CA ALA B 65 -19.51 8.76 -7.62
C ALA B 65 -18.21 8.05 -7.30
N LEU B 66 -18.08 6.79 -7.70
CA LEU B 66 -16.82 6.08 -7.47
C LEU B 66 -15.68 6.75 -8.22
N GLN B 67 -15.90 7.17 -9.46
CA GLN B 67 -14.83 7.81 -10.21
C GLN B 67 -14.41 9.13 -9.57
N LEU B 68 -15.37 9.93 -9.13
CA LEU B 68 -15.04 11.20 -8.46
C LEU B 68 -14.29 10.94 -7.16
N PHE B 69 -14.76 9.96 -6.38
CA PHE B 69 -14.10 9.65 -5.12
C PHE B 69 -12.67 9.18 -5.34
N LEU B 70 -12.46 8.34 -6.36
CA LEU B 70 -11.12 7.88 -6.67
C LEU B 70 -10.23 9.02 -7.14
N ARG B 71 -10.76 9.88 -8.01
CA ARG B 71 -9.96 10.98 -8.55
C ARG B 71 -9.53 11.93 -7.44
N ALA B 72 -10.42 12.23 -6.49
CA ALA B 72 -10.03 13.10 -5.39
C ALA B 72 -8.99 12.44 -4.48
N THR B 73 -9.13 11.14 -4.22
CA THR B 73 -8.30 10.46 -3.23
C THR B 73 -6.89 10.25 -3.75
N THR B 74 -5.89 10.49 -2.88
CA THR B 74 -4.50 10.23 -3.25
C THR B 74 -4.13 8.76 -3.08
N GLU B 75 -4.81 8.03 -2.21
CA GLU B 75 -4.49 6.62 -2.01
C GLU B 75 -4.85 5.82 -3.25
N LEU B 76 -3.87 5.14 -3.84
CA LEU B 76 -4.11 4.42 -5.08
C LEU B 76 -5.02 3.22 -4.87
N ARG B 77 -4.72 2.40 -3.87
CA ARG B 77 -5.46 1.16 -3.62
C ARG B 77 -6.37 1.40 -2.42
N THR B 78 -7.63 1.68 -2.69
CA THR B 78 -8.58 2.03 -1.65
C THR B 78 -9.39 0.78 -1.29
N PHE B 79 -9.17 0.28 -0.08
CA PHE B 79 -9.90 -0.86 0.45
C PHE B 79 -10.81 -0.47 1.62
N SER B 80 -11.04 0.83 1.83
CA SER B 80 -11.71 1.31 3.03
C SER B 80 -13.04 1.97 2.71
N ILE B 81 -13.64 1.67 1.56
CA ILE B 81 -14.94 2.25 1.23
C ILE B 81 -16.03 1.66 2.11
N LEU B 82 -16.00 0.35 2.34
CA LEU B 82 -17.02 -0.26 3.20
C LEU B 82 -16.87 0.20 4.64
N ASN B 83 -15.63 0.28 5.13
CA ASN B 83 -15.41 0.80 6.47
C ASN B 83 -15.88 2.24 6.58
N ARG B 84 -15.61 3.04 5.56
CA ARG B 84 -16.09 4.43 5.56
C ARG B 84 -17.62 4.48 5.54
N LYS B 85 -18.26 3.54 4.84
CA LYS B 85 -19.72 3.52 4.83
C LYS B 85 -20.28 3.15 6.19
N ALA B 86 -19.64 2.20 6.88
CA ALA B 86 -20.06 1.87 8.24
C ALA B 86 -19.91 3.07 9.16
N ILE B 87 -18.77 3.78 9.05
CA ILE B 87 -18.57 4.99 9.83
C ILE B 87 -19.65 6.02 9.53
N ASP B 88 -19.93 6.24 8.25
CA ASP B 88 -20.93 7.24 7.88
C ASP B 88 -22.29 6.88 8.46
N PHE B 89 -22.71 5.62 8.30
CA PHE B 89 -23.99 5.19 8.83
C PHE B 89 -24.06 5.39 10.34
N LEU B 90 -23.15 4.76 11.07
CA LEU B 90 -23.30 4.73 12.52
C LEU B 90 -23.00 6.09 13.13
N LEU B 91 -22.14 6.87 12.48
CA LEU B 91 -21.89 8.24 12.89
C LEU B 91 -23.12 9.11 12.67
N GLN B 92 -23.81 8.92 11.54
CA GLN B 92 -25.02 9.68 11.28
C GLN B 92 -26.08 9.39 12.32
N ARG B 93 -26.20 8.12 12.72
CA ARG B 93 -27.26 7.79 13.66
C ARG B 93 -26.91 8.14 15.10
N TRP B 94 -25.75 7.71 15.59
CA TRP B 94 -25.41 7.89 17.00
C TRP B 94 -24.30 8.91 17.23
N GLY B 95 -24.06 9.80 16.28
CA GLY B 95 -22.96 10.73 16.41
C GLY B 95 -23.08 11.71 17.56
N GLY B 96 -24.02 12.64 17.45
CA GLY B 96 -24.20 13.68 18.45
C GLY B 96 -24.59 13.17 19.82
N ILE C 1 -12.22 -14.23 14.13
CA ILE C 1 -11.02 -14.24 14.95
C ILE C 1 -11.38 -14.20 16.43
N PRO C 2 -10.84 -15.14 17.19
CA PRO C 2 -11.10 -15.17 18.64
C PRO C 2 -10.48 -13.99 19.36
N LEU C 3 -11.31 -13.06 19.82
CA LEU C 3 -10.85 -11.88 20.53
C LEU C 3 -10.79 -12.19 22.01
N GLY C 4 -9.61 -12.01 22.61
CA GLY C 4 -9.43 -12.36 24.01
C GLY C 4 -9.56 -11.19 24.95
N VAL C 5 -10.71 -11.05 25.59
CA VAL C 5 -10.91 -10.00 26.58
C VAL C 5 -10.20 -10.39 27.86
N ILE C 6 -9.73 -9.39 28.59
CA ILE C 6 -9.03 -9.60 29.84
C ILE C 6 -10.01 -9.43 30.99
N HIS C 7 -9.97 -10.36 31.93
CA HIS C 7 -10.66 -10.22 33.20
C HIS C 7 -9.75 -9.46 34.16
N ASN C 8 -10.26 -9.15 35.35
CA ASN C 8 -9.44 -8.47 36.35
C ASN C 8 -8.16 -9.25 36.63
N SER C 9 -8.19 -10.57 36.49
CA SER C 9 -6.98 -11.36 36.67
C SER C 9 -6.83 -12.48 35.63
N THR C 10 -7.80 -12.69 34.74
CA THR C 10 -7.77 -13.83 33.84
C THR C 10 -8.12 -13.43 32.42
N LEU C 11 -8.23 -14.42 31.54
CA LEU C 11 -8.48 -14.23 30.12
C LEU C 11 -9.73 -14.99 29.72
N GLN C 12 -10.56 -14.36 28.90
CA GLN C 12 -11.76 -15.00 28.38
C GLN C 12 -11.88 -14.69 26.90
N VAL C 13 -12.03 -15.72 26.08
CA VAL C 13 -12.18 -15.52 24.66
C VAL C 13 -13.60 -15.08 24.35
N SER C 14 -13.76 -14.37 23.23
CA SER C 14 -15.08 -13.90 22.82
C SER C 14 -15.08 -13.54 21.34
N VAL C 20 -22.66 -9.12 25.88
CA VAL C 20 -22.09 -8.81 27.18
C VAL C 20 -21.73 -7.33 27.27
N CYS C 21 -22.60 -6.55 27.92
CA CYS C 21 -22.31 -5.14 28.14
C CYS C 21 -21.28 -4.92 29.25
N ARG C 22 -20.96 -5.97 30.02
CA ARG C 22 -19.98 -5.83 31.08
C ARG C 22 -18.60 -5.51 30.53
N ASP C 23 -18.24 -6.12 29.40
CA ASP C 23 -16.96 -5.87 28.76
C ASP C 23 -16.98 -4.50 28.09
N LYS C 24 -16.11 -3.61 28.55
CA LYS C 24 -16.07 -2.24 28.10
C LYS C 24 -14.66 -1.85 27.71
N LEU C 25 -14.56 -0.98 26.71
CA LEU C 25 -13.27 -0.47 26.26
C LEU C 25 -13.44 0.98 25.83
N SER C 26 -12.42 1.79 26.11
CA SER C 26 -12.54 3.23 26.05
C SER C 26 -11.91 3.88 24.83
N SER C 27 -10.98 3.20 24.17
CA SER C 27 -10.36 3.73 22.95
C SER C 27 -9.62 2.59 22.25
N THR C 28 -9.08 2.91 21.08
CA THR C 28 -8.38 1.88 20.29
C THR C 28 -7.10 1.43 20.97
N ASN C 29 -6.48 2.28 21.78
CA ASN C 29 -5.25 1.87 22.45
C ASN C 29 -5.49 0.71 23.41
N GLN C 30 -6.75 0.47 23.80
CA GLN C 30 -7.07 -0.70 24.60
C GLN C 30 -6.99 -1.99 23.81
N LEU C 31 -6.88 -1.92 22.50
CA LEU C 31 -6.74 -3.10 21.66
C LEU C 31 -5.26 -3.34 21.39
N ARG C 32 -4.76 -4.52 21.79
CA ARG C 32 -3.34 -4.81 21.71
C ARG C 32 -3.16 -6.14 20.98
N SER C 33 -2.32 -6.13 19.94
CA SER C 33 -1.98 -7.32 19.18
C SER C 33 -0.59 -7.77 19.59
N VAL C 34 -0.48 -8.94 20.22
CA VAL C 34 0.76 -9.42 20.79
C VAL C 34 1.29 -10.57 19.95
N GLY C 35 2.60 -10.56 19.71
CA GLY C 35 3.24 -11.64 18.99
C GLY C 35 4.03 -12.55 19.90
N LEU C 36 3.60 -13.80 20.03
CA LEU C 36 4.21 -14.77 20.92
C LEU C 36 5.02 -15.77 20.11
N ASN C 37 6.29 -15.92 20.47
CA ASN C 37 7.16 -16.81 19.71
C ASN C 37 6.80 -18.28 19.94
N LEU C 38 7.17 -19.10 18.97
CA LEU C 38 6.90 -20.53 19.06
C LEU C 38 7.78 -21.19 20.11
N GLU C 39 8.93 -20.59 20.44
CA GLU C 39 9.79 -21.15 21.48
C GLU C 39 9.09 -21.14 22.84
N GLY C 40 8.14 -20.23 23.04
CA GLY C 40 7.35 -20.24 24.25
C GLY C 40 6.38 -21.40 24.32
N ASN C 41 6.23 -22.15 23.24
CA ASN C 41 5.36 -23.32 23.20
C ASN C 41 6.15 -24.60 23.39
N GLY C 42 7.40 -24.50 23.83
CA GLY C 42 8.22 -25.69 24.04
C GLY C 42 8.59 -26.42 22.76
N VAL C 43 8.99 -25.68 21.73
CA VAL C 43 9.37 -26.27 20.45
C VAL C 43 10.89 -26.32 20.35
N ALA C 44 11.40 -27.32 19.65
CA ALA C 44 12.84 -27.43 19.44
C ALA C 44 13.35 -26.22 18.68
N THR C 45 14.57 -25.79 19.02
CA THR C 45 15.09 -24.54 18.51
C THR C 45 16.38 -24.67 17.72
N ASP C 46 17.00 -25.84 17.69
CA ASP C 46 18.25 -26.00 16.94
C ASP C 46 17.99 -25.94 15.44
N VAL C 47 19.06 -25.67 14.69
CA VAL C 47 18.94 -25.46 13.25
C VAL C 47 18.38 -26.68 12.51
N PRO C 48 18.91 -27.90 12.69
CA PRO C 48 18.42 -29.00 11.84
C PRO C 48 16.95 -29.30 12.04
N SER C 49 16.44 -29.18 13.26
CA SER C 49 15.02 -29.44 13.47
C SER C 49 14.15 -28.29 13.01
N ALA C 50 14.60 -27.05 13.22
CA ALA C 50 13.81 -25.90 12.82
C ALA C 50 13.75 -25.75 11.31
N THR C 51 14.83 -26.09 10.61
CA THR C 51 14.86 -25.96 9.15
C THR C 51 13.82 -26.86 8.51
N LYS C 52 13.46 -27.97 9.17
CA LYS C 52 12.45 -28.85 8.60
C LYS C 52 11.06 -28.25 8.63
N ARG C 53 10.86 -27.17 9.38
CA ARG C 53 9.55 -26.54 9.46
C ARG C 53 9.31 -25.48 8.39
N TRP C 54 10.26 -25.27 7.49
CA TRP C 54 10.09 -24.36 6.36
C TRP C 54 10.08 -25.17 5.07
N GLY C 55 9.06 -24.98 4.25
CA GLY C 55 8.97 -25.66 2.98
C GLY C 55 8.77 -24.66 1.86
N PHE C 56 8.85 -25.18 0.63
CA PHE C 56 8.78 -24.33 -0.55
C PHE C 56 7.50 -24.61 -1.32
N ARG C 57 6.82 -23.55 -1.72
CA ARG C 57 5.54 -23.64 -2.41
C ARG C 57 5.48 -22.56 -3.47
N SER C 58 4.56 -22.73 -4.42
CA SER C 58 4.35 -21.74 -5.46
C SER C 58 2.86 -21.65 -5.77
N GLY C 59 2.43 -20.45 -6.12
CA GLY C 59 1.03 -20.21 -6.45
C GLY C 59 0.20 -19.58 -5.36
N VAL C 60 0.81 -19.18 -4.25
CA VAL C 60 0.07 -18.50 -3.18
C VAL C 60 0.81 -17.22 -2.82
N PRO C 61 0.15 -16.08 -2.79
CA PRO C 61 0.83 -14.81 -2.49
C PRO C 61 1.07 -14.66 -0.99
N PRO C 62 2.13 -13.95 -0.60
CA PRO C 62 2.38 -13.71 0.82
C PRO C 62 1.56 -12.54 1.33
N LYS C 63 0.98 -12.72 2.52
CA LYS C 63 0.18 -11.69 3.16
C LYS C 63 0.78 -11.36 4.52
N VAL C 64 0.86 -10.07 4.84
CA VAL C 64 1.53 -9.60 6.04
C VAL C 64 0.55 -8.85 6.93
N VAL C 65 0.65 -9.10 8.23
CA VAL C 65 -0.19 -8.43 9.23
C VAL C 65 0.72 -7.87 10.32
N ASN C 66 0.55 -6.59 10.64
CA ASN C 66 1.35 -6.00 11.71
C ASN C 66 0.88 -6.51 13.07
N TYR C 67 1.78 -6.44 14.04
CA TYR C 67 1.45 -6.75 15.43
C TYR C 67 2.11 -5.70 16.31
N GLU C 68 1.45 -5.36 17.41
CA GLU C 68 1.88 -4.22 18.20
C GLU C 68 2.98 -4.56 19.21
N ALA C 69 2.96 -5.75 19.80
CA ALA C 69 3.93 -6.10 20.83
C ALA C 69 4.42 -7.53 20.62
N GLY C 70 5.66 -7.77 21.02
CA GLY C 70 6.26 -9.08 20.91
C GLY C 70 6.96 -9.53 22.17
N GLU C 71 7.78 -10.57 22.08
CA GLU C 71 8.55 -11.04 23.22
C GLU C 71 9.98 -11.31 22.77
N TRP C 72 10.88 -11.30 23.74
CA TRP C 72 12.29 -11.53 23.44
C TRP C 72 12.47 -12.93 22.85
N ALA C 73 13.28 -13.01 21.81
CA ALA C 73 13.57 -14.27 21.13
C ALA C 73 14.94 -14.76 21.56
N GLU C 74 14.96 -15.90 22.28
CA GLU C 74 16.23 -16.49 22.66
C GLU C 74 17.03 -16.89 21.43
N ASN C 75 16.37 -17.50 20.45
CA ASN C 75 16.97 -17.84 19.17
C ASN C 75 16.07 -17.34 18.05
N CYS C 76 16.53 -16.31 17.35
CA CYS C 76 15.86 -15.80 16.16
C CYS C 76 16.73 -16.14 14.95
N TYR C 77 16.07 -16.33 13.81
CA TYR C 77 16.69 -16.97 12.66
C TYR C 77 16.95 -15.95 11.56
N ASN C 78 18.03 -16.16 10.82
CA ASN C 78 18.34 -15.38 9.64
C ASN C 78 18.68 -16.37 8.53
N LEU C 79 18.05 -16.21 7.38
CA LEU C 79 18.13 -17.21 6.32
C LEU C 79 18.65 -16.59 5.03
N GLU C 80 19.58 -17.28 4.39
CA GLU C 80 20.17 -16.85 3.11
C GLU C 80 20.58 -18.11 2.34
N ILE C 81 19.68 -18.58 1.46
CA ILE C 81 19.88 -19.82 0.73
C ILE C 81 19.90 -19.54 -0.77
N LYS C 82 20.63 -20.39 -1.49
CA LYS C 82 20.81 -20.25 -2.93
C LYS C 82 20.86 -21.63 -3.56
N LYS C 83 20.12 -21.83 -4.64
CA LYS C 83 20.26 -23.08 -5.38
C LYS C 83 21.55 -23.00 -6.21
N PRO C 84 22.09 -24.14 -6.68
CA PRO C 84 23.46 -24.11 -7.20
C PRO C 84 23.63 -23.27 -8.44
N ASP C 85 22.54 -22.88 -9.10
CA ASP C 85 22.64 -21.84 -10.11
C ASP C 85 22.95 -20.49 -9.50
N GLY C 86 22.88 -20.37 -8.17
CA GLY C 86 23.21 -19.15 -7.48
C GLY C 86 22.06 -18.20 -7.30
N SER C 87 20.88 -18.51 -7.85
CA SER C 87 19.77 -17.58 -7.76
C SER C 87 19.26 -17.47 -6.32
N GLU C 88 18.83 -16.28 -5.97
CA GLU C 88 18.23 -16.03 -4.65
C GLU C 88 16.80 -16.56 -4.66
N CYS C 89 16.61 -17.72 -4.03
CA CYS C 89 15.29 -18.34 -4.02
C CYS C 89 14.29 -17.54 -3.21
N LEU C 90 14.72 -16.81 -2.25
CA LEU C 90 13.75 -16.05 -1.48
C LEU C 90 13.46 -14.70 -2.12
N PRO C 91 12.27 -14.15 -1.87
CA PRO C 91 12.01 -12.78 -2.30
C PRO C 91 12.81 -11.79 -1.47
N ALA C 92 13.08 -10.64 -2.06
CA ALA C 92 13.73 -9.56 -1.34
C ALA C 92 12.77 -8.99 -0.29
N ALA C 93 13.34 -8.41 0.75
CA ALA C 93 12.50 -7.83 1.79
C ALA C 93 12.04 -6.45 1.37
N PRO C 94 10.73 -6.23 1.17
CA PRO C 94 10.26 -4.91 0.74
C PRO C 94 10.46 -3.87 1.83
N ASP C 95 10.55 -2.62 1.39
CA ASP C 95 10.76 -1.51 2.34
C ASP C 95 9.67 -1.48 3.39
N GLY C 96 10.08 -1.25 4.63
CA GLY C 96 9.19 -1.31 5.76
C GLY C 96 9.29 -2.59 6.58
N ILE C 97 10.21 -3.48 6.22
CA ILE C 97 10.42 -4.74 6.92
C ILE C 97 11.88 -4.84 7.31
N ARG C 98 12.13 -5.12 8.58
CA ARG C 98 13.51 -5.23 9.07
C ARG C 98 13.58 -6.37 10.07
N GLY C 99 14.74 -6.51 10.69
CA GLY C 99 14.97 -7.62 11.59
C GLY C 99 14.14 -7.51 12.85
N PHE C 100 14.01 -8.65 13.51
CA PHE C 100 13.25 -8.70 14.74
C PHE C 100 14.03 -7.98 15.84
N PRO C 101 13.42 -7.01 16.53
CA PRO C 101 14.19 -6.01 17.28
C PRO C 101 14.74 -6.46 18.64
N ARG C 102 14.39 -7.65 19.12
CA ARG C 102 14.87 -8.12 20.43
C ARG C 102 15.28 -9.58 20.32
N CYS C 103 16.57 -9.81 20.06
CA CYS C 103 17.07 -11.17 19.83
C CYS C 103 18.33 -11.42 20.64
N ARG C 104 18.34 -12.53 21.37
CA ARG C 104 19.54 -12.90 22.13
C ARG C 104 20.66 -13.36 21.21
N TYR C 105 20.35 -14.25 20.26
CA TYR C 105 21.36 -14.75 19.36
C TYR C 105 20.72 -15.08 18.02
N VAL C 106 21.41 -14.73 16.94
CA VAL C 106 20.90 -14.91 15.59
C VAL C 106 21.55 -16.14 14.98
N HIS C 107 20.74 -16.96 14.31
CA HIS C 107 21.23 -18.11 13.55
C HIS C 107 21.28 -17.69 12.09
N LYS C 108 22.48 -17.39 11.60
CA LYS C 108 22.66 -16.98 10.21
C LYS C 108 22.76 -18.23 9.33
N VAL C 109 21.60 -18.86 9.14
CA VAL C 109 21.53 -20.11 8.40
C VAL C 109 21.76 -19.86 6.91
N SER C 110 22.63 -20.68 6.32
CA SER C 110 22.85 -20.68 4.88
C SER C 110 22.60 -22.09 4.36
N GLY C 111 21.89 -22.19 3.24
CA GLY C 111 21.53 -23.48 2.70
C GLY C 111 21.73 -23.53 1.19
N THR C 112 21.84 -24.76 0.69
CA THR C 112 22.00 -25.01 -0.73
C THR C 112 20.82 -25.80 -1.29
N GLY C 113 19.78 -26.02 -0.49
CA GLY C 113 18.64 -26.78 -0.94
C GLY C 113 17.91 -26.12 -2.08
N PRO C 114 17.72 -26.85 -3.17
CA PRO C 114 16.99 -26.31 -4.32
C PRO C 114 15.58 -25.88 -3.94
N CYS C 115 15.14 -24.78 -4.55
CA CYS C 115 13.82 -24.22 -4.28
C CYS C 115 12.85 -24.66 -5.36
N ALA C 116 11.97 -25.60 -5.02
CA ALA C 116 10.96 -26.05 -5.97
C ALA C 116 9.79 -25.09 -6.08
N GLY C 117 9.66 -24.15 -5.15
CA GLY C 117 8.58 -23.19 -5.19
C GLY C 117 9.11 -21.78 -5.10
N ASP C 118 8.25 -20.83 -5.50
CA ASP C 118 8.67 -19.44 -5.49
C ASP C 118 8.90 -18.93 -4.07
N PHE C 119 8.02 -19.31 -3.14
CA PHE C 119 8.08 -18.81 -1.77
C PHE C 119 8.37 -19.95 -0.81
N ALA C 120 8.71 -19.58 0.42
CA ALA C 120 8.95 -20.53 1.48
C ALA C 120 7.98 -20.24 2.62
N PHE C 121 7.13 -21.20 2.93
CA PHE C 121 6.11 -21.06 3.96
C PHE C 121 6.45 -21.91 5.18
N HIS C 122 5.79 -21.58 6.29
CA HIS C 122 5.88 -22.36 7.51
C HIS C 122 5.02 -23.60 7.42
N LYS C 123 5.48 -24.67 8.07
CA LYS C 123 4.77 -25.94 8.08
C LYS C 123 3.86 -26.11 9.28
N GLU C 124 3.81 -25.15 10.18
CA GLU C 124 2.95 -25.23 11.36
C GLU C 124 1.83 -24.22 11.34
N GLY C 125 1.69 -23.44 10.28
CA GLY C 125 0.72 -22.37 10.24
C GLY C 125 1.15 -21.13 10.97
N ALA C 126 2.32 -21.14 11.58
CA ALA C 126 2.80 -19.99 12.31
C ALA C 126 3.29 -18.91 11.35
N PHE C 127 3.46 -17.72 11.89
CA PHE C 127 3.92 -16.57 11.12
C PHE C 127 5.40 -16.34 11.37
N PHE C 128 6.02 -15.62 10.44
CA PHE C 128 7.39 -15.13 10.60
C PHE C 128 7.34 -13.69 11.05
N LEU C 129 8.06 -13.38 12.12
CA LEU C 129 8.02 -12.06 12.72
C LEU C 129 9.23 -11.25 12.27
N TYR C 130 8.96 -10.13 11.60
CA TYR C 130 9.95 -9.10 11.26
C TYR C 130 9.49 -7.79 11.89
N ASP C 131 10.28 -7.27 12.83
CA ASP C 131 9.99 -5.98 13.43
C ASP C 131 8.60 -5.94 14.04
N ARG C 132 7.70 -5.16 13.45
CA ARG C 132 6.33 -5.04 13.91
C ARG C 132 5.37 -5.57 12.87
N LEU C 133 5.80 -6.60 12.14
CA LEU C 133 5.03 -7.21 11.07
C LEU C 133 5.17 -8.71 11.18
N ALA C 134 4.10 -9.41 10.81
CA ALA C 134 4.07 -10.87 10.80
C ALA C 134 3.63 -11.31 9.42
N SER C 135 4.50 -12.01 8.71
CA SER C 135 4.19 -12.44 7.36
C SER C 135 4.17 -13.96 7.30
N THR C 136 3.86 -14.47 6.11
CA THR C 136 3.77 -15.91 5.89
C THR C 136 4.90 -16.46 5.03
N VAL C 137 5.90 -15.64 4.71
CA VAL C 137 7.00 -16.06 3.84
C VAL C 137 8.31 -15.58 4.43
N ILE C 138 9.36 -16.34 4.18
CA ILE C 138 10.68 -15.98 4.67
C ILE C 138 11.30 -14.97 3.72
N TYR C 139 12.03 -14.00 4.27
CA TYR C 139 12.67 -12.95 3.49
C TYR C 139 14.18 -13.00 3.67
N ARG C 140 14.88 -12.61 2.62
CA ARG C 140 16.33 -12.72 2.59
C ARG C 140 16.99 -11.79 3.61
N GLY C 141 18.10 -12.26 4.18
CA GLY C 141 18.97 -11.38 4.92
C GLY C 141 18.46 -10.96 6.27
N THR C 142 17.22 -10.46 6.31
CA THR C 142 16.68 -9.95 7.55
C THR C 142 16.42 -11.09 8.53
N THR C 143 16.59 -10.81 9.81
CA THR C 143 16.40 -11.79 10.87
C THR C 143 14.95 -11.82 11.30
N PHE C 144 14.39 -13.01 11.41
CA PHE C 144 12.99 -13.22 11.75
C PHE C 144 12.87 -14.16 12.93
N ALA C 145 11.79 -14.01 13.66
CA ALA C 145 11.41 -15.01 14.65
C ALA C 145 10.25 -15.83 14.09
N GLU C 146 9.90 -16.90 14.80
CA GLU C 146 8.73 -17.70 14.45
C GLU C 146 7.71 -17.53 15.56
N GLY C 147 6.50 -17.10 15.20
CA GLY C 147 5.53 -16.83 16.24
C GLY C 147 4.16 -16.57 15.67
N VAL C 148 3.21 -16.43 16.60
CA VAL C 148 1.79 -16.28 16.28
C VAL C 148 1.29 -14.97 16.87
N VAL C 149 0.29 -14.38 16.21
CA VAL C 149 -0.28 -13.10 16.60
C VAL C 149 -1.62 -13.34 17.26
N ALA C 150 -1.82 -12.76 18.44
CA ALA C 150 -3.06 -12.90 19.19
C ALA C 150 -3.58 -11.52 19.61
N PHE C 151 -4.89 -11.34 19.56
CA PHE C 151 -5.51 -10.04 19.84
C PHE C 151 -6.13 -10.02 21.24
N LEU C 152 -5.98 -8.89 21.92
CA LEU C 152 -6.41 -8.75 23.31
C LEU C 152 -6.98 -7.36 23.56
N ILE C 153 -7.69 -7.23 24.67
CA ILE C 153 -8.09 -5.95 25.23
C ILE C 153 -7.35 -5.78 26.56
N LEU C 154 -6.68 -4.66 26.72
CA LEU C 154 -5.99 -4.40 27.97
C LEU C 154 -6.93 -3.77 29.00
N PRO C 155 -6.68 -3.96 30.28
CA PRO C 155 -7.56 -3.39 31.31
C PRO C 155 -7.43 -1.88 31.37
N GLN C 156 -8.50 -1.25 31.85
CA GLN C 156 -8.54 0.19 32.00
C GLN C 156 -7.49 0.69 32.99
N ILE D 1 -9.95 -22.05 27.12
CA ILE D 1 -8.56 -21.61 27.15
C ILE D 1 -7.68 -22.66 27.83
N VAL D 2 -8.09 -23.92 27.70
CA VAL D 2 -7.32 -25.01 28.31
C VAL D 2 -5.96 -25.10 27.63
N ASN D 3 -4.90 -25.14 28.44
CA ASN D 3 -3.54 -25.17 27.92
C ASN D 3 -3.22 -26.57 27.45
N ALA D 4 -3.21 -26.76 26.13
CA ALA D 4 -2.90 -28.05 25.53
C ALA D 4 -1.46 -28.15 25.07
N GLN D 5 -0.63 -27.16 25.40
CA GLN D 5 0.74 -27.15 24.95
C GLN D 5 1.56 -28.22 25.67
N PRO D 6 2.61 -28.72 25.03
CA PRO D 6 3.52 -29.65 25.75
C PRO D 6 4.18 -28.98 26.93
N LYS D 7 4.85 -27.86 26.68
CA LYS D 7 5.47 -27.05 27.72
C LYS D 7 5.14 -25.60 27.44
N CYS D 8 4.78 -24.87 28.49
CA CYS D 8 4.42 -23.46 28.35
C CYS D 8 5.32 -22.63 29.24
N ASN D 9 5.78 -21.50 28.71
CA ASN D 9 6.67 -20.62 29.45
C ASN D 9 5.85 -19.82 30.47
N PRO D 10 6.15 -19.91 31.76
CA PRO D 10 5.32 -19.23 32.77
C PRO D 10 5.48 -17.72 32.82
N ASN D 11 6.51 -17.16 32.21
CA ASN D 11 6.75 -15.73 32.24
C ASN D 11 6.93 -15.18 30.84
N LEU D 12 6.76 -13.86 30.71
CA LEU D 12 6.85 -13.18 29.43
C LEU D 12 7.65 -11.90 29.58
N HIS D 13 8.42 -11.56 28.55
CA HIS D 13 9.22 -10.34 28.51
C HIS D 13 8.87 -9.60 27.23
N TYR D 14 8.07 -8.55 27.32
CA TYR D 14 7.48 -7.91 26.15
C TYR D 14 8.19 -6.60 25.82
N TRP D 15 8.59 -6.46 24.57
CA TRP D 15 9.02 -5.19 24.01
C TRP D 15 7.86 -4.59 23.24
N THR D 16 7.68 -3.28 23.37
CA THR D 16 6.52 -2.61 22.82
C THR D 16 6.89 -1.19 22.43
N THR D 17 6.39 -0.75 21.28
CA THR D 17 6.60 0.62 20.83
C THR D 17 5.46 1.54 21.19
N GLN D 18 4.30 1.00 21.54
CA GLN D 18 3.12 1.82 21.86
C GLN D 18 3.13 2.15 23.35
N ASP D 19 3.93 3.15 23.70
CA ASP D 19 4.03 3.63 25.08
C ASP D 19 3.89 5.14 25.21
N GLU D 20 4.09 5.91 24.14
CA GLU D 20 4.01 7.37 24.14
C GLU D 20 5.15 7.99 24.95
N GLY D 21 5.93 7.16 25.63
CA GLY D 21 7.15 7.62 26.25
C GLY D 21 8.29 7.53 25.25
N ALA D 22 8.53 6.31 24.77
CA ALA D 22 9.48 6.05 23.69
C ALA D 22 10.79 6.78 23.92
N ALA D 23 11.07 7.78 23.08
CA ALA D 23 12.19 8.69 23.30
C ALA D 23 11.80 9.76 24.32
N ILE D 24 11.45 9.30 25.52
CA ILE D 24 11.14 10.22 26.60
C ILE D 24 12.38 11.04 26.93
N GLY D 25 12.19 12.34 27.10
CA GLY D 25 13.34 13.23 27.03
C GLY D 25 13.87 13.19 25.61
N LEU D 26 15.18 12.98 25.48
CA LEU D 26 15.80 12.77 24.17
C LEU D 26 15.41 13.81 23.15
N ALA D 27 14.66 13.40 22.14
CA ALA D 27 14.20 14.29 21.10
C ALA D 27 13.10 13.59 20.33
N TRP D 28 12.33 14.38 19.59
CA TRP D 28 11.31 13.82 18.71
C TRP D 28 11.45 14.28 17.27
N ILE D 29 12.29 15.26 16.98
CA ILE D 29 12.56 15.58 15.58
C ILE D 29 13.18 14.36 14.92
N PRO D 30 12.68 13.91 13.77
CA PRO D 30 13.24 12.70 13.17
C PRO D 30 14.71 12.86 12.81
N TYR D 31 15.13 14.07 12.44
CA TYR D 31 16.54 14.27 12.10
C TYR D 31 17.44 13.99 13.30
N PHE D 32 17.03 14.43 14.48
CA PHE D 32 17.68 14.06 15.73
C PHE D 32 17.00 12.81 16.24
N GLY D 33 17.22 12.47 17.50
CA GLY D 33 16.49 11.41 18.12
C GLY D 33 17.02 10.03 17.80
N PRO D 34 16.32 9.00 18.24
CA PRO D 34 16.86 7.65 18.21
C PRO D 34 16.88 7.05 16.81
N ALA D 35 17.56 5.91 16.72
CA ALA D 35 17.64 5.15 15.48
C ALA D 35 16.35 4.34 15.32
N ALA D 36 16.36 3.39 14.38
CA ALA D 36 15.17 2.59 14.16
C ALA D 36 14.94 1.57 15.27
N GLU D 37 15.97 1.26 16.05
CA GLU D 37 15.90 0.25 17.11
C GLU D 37 15.87 0.86 18.51
N GLY D 38 15.71 2.17 18.64
CA GLY D 38 15.74 2.80 19.95
C GLY D 38 14.38 3.20 20.47
N ILE D 39 13.35 3.04 19.65
CA ILE D 39 12.02 3.46 20.05
C ILE D 39 11.47 2.56 21.15
N TYR D 40 11.78 1.27 21.10
CA TYR D 40 11.06 0.29 21.90
C TYR D 40 11.29 0.47 23.40
N THR D 41 10.23 0.26 24.16
CA THR D 41 10.30 0.08 25.60
C THR D 41 10.11 -1.39 25.91
N GLU D 42 10.36 -1.77 27.16
CA GLU D 42 10.28 -3.18 27.50
C GLU D 42 9.76 -3.34 28.92
N GLY D 43 9.19 -4.52 29.18
CA GLY D 43 8.66 -4.84 30.49
C GLY D 43 8.64 -6.34 30.70
N LEU D 44 8.52 -6.73 31.96
CA LEU D 44 8.51 -8.14 32.37
C LEU D 44 7.15 -8.47 32.95
N MET D 45 6.32 -9.17 32.20
CA MET D 45 4.98 -9.56 32.63
C MET D 45 5.00 -11.04 32.97
N HIS D 46 4.91 -11.33 34.26
CA HIS D 46 4.77 -12.69 34.79
C HIS D 46 3.69 -12.70 35.85
N ASN D 47 2.58 -12.01 35.57
CA ASN D 47 1.58 -11.72 36.60
C ASN D 47 0.95 -12.99 37.15
N GLN D 48 0.58 -13.91 36.27
CA GLN D 48 -0.14 -15.10 36.70
C GLN D 48 0.03 -16.18 35.65
N ASP D 49 -0.20 -17.42 36.07
CA ASP D 49 -0.30 -18.53 35.13
C ASP D 49 -1.63 -18.53 34.38
N GLY D 50 -2.52 -17.58 34.66
CA GLY D 50 -3.75 -17.46 33.92
C GLY D 50 -3.59 -16.75 32.59
N LEU D 51 -3.15 -15.48 32.63
CA LEU D 51 -2.88 -14.76 31.39
C LEU D 51 -1.76 -15.42 30.62
N ILE D 52 -0.55 -15.41 31.19
CA ILE D 52 0.54 -16.14 30.59
C ILE D 52 0.28 -17.63 30.71
N CYS D 53 0.73 -18.39 29.71
CA CYS D 53 0.45 -19.80 29.48
C CYS D 53 -1.00 -19.98 29.03
N GLY D 54 -1.77 -18.89 28.96
CA GLY D 54 -3.08 -18.94 28.35
C GLY D 54 -3.07 -18.17 27.04
N LEU D 55 -2.27 -17.11 26.98
CA LEU D 55 -2.12 -16.37 25.73
C LEU D 55 -1.54 -17.24 24.63
N ARG D 56 -0.63 -18.13 24.99
CA ARG D 56 -0.04 -19.02 24.00
C ARG D 56 -1.09 -19.93 23.37
N GLN D 57 -1.97 -20.48 24.20
CA GLN D 57 -3.06 -21.28 23.64
C GLN D 57 -4.04 -20.43 22.87
N LEU D 58 -4.24 -19.18 23.29
CA LEU D 58 -5.07 -18.28 22.50
C LEU D 58 -4.47 -18.06 21.11
N ALA D 59 -3.16 -17.93 21.04
CA ALA D 59 -2.50 -17.80 19.73
C ALA D 59 -2.67 -19.07 18.91
N ASN D 60 -2.46 -20.23 19.53
CA ASN D 60 -2.77 -21.50 18.86
C ASN D 60 -4.18 -21.55 18.31
N GLU D 61 -5.14 -20.97 19.02
CA GLU D 61 -6.52 -21.08 18.59
C GLU D 61 -6.92 -20.00 17.58
N THR D 62 -6.19 -18.88 17.55
CA THR D 62 -6.50 -17.79 16.63
C THR D 62 -5.68 -17.81 15.35
N THR D 63 -4.63 -18.64 15.28
CA THR D 63 -3.82 -18.68 14.07
C THR D 63 -4.64 -19.13 12.86
N GLN D 64 -5.56 -20.07 13.05
CA GLN D 64 -6.38 -20.52 11.94
C GLN D 64 -7.27 -19.39 11.41
N ALA D 65 -7.88 -18.64 12.32
CA ALA D 65 -8.70 -17.51 11.90
C ALA D 65 -7.86 -16.51 11.14
N LEU D 66 -6.68 -16.19 11.64
CA LEU D 66 -5.86 -15.19 10.97
C LEU D 66 -5.42 -15.68 9.59
N GLN D 67 -5.08 -16.97 9.48
CA GLN D 67 -4.71 -17.50 8.16
C GLN D 67 -5.86 -17.45 7.18
N LEU D 68 -7.07 -17.81 7.62
CA LEU D 68 -8.21 -17.74 6.72
C LEU D 68 -8.50 -16.31 6.29
N PHE D 69 -8.38 -15.36 7.23
CA PHE D 69 -8.61 -13.96 6.89
C PHE D 69 -7.59 -13.48 5.88
N LEU D 70 -6.33 -13.86 6.04
CA LEU D 70 -5.29 -13.42 5.10
C LEU D 70 -5.44 -14.09 3.75
N ARG D 71 -5.85 -15.35 3.72
CA ARG D 71 -6.07 -16.02 2.46
C ARG D 71 -7.28 -15.45 1.72
N ALA D 72 -8.26 -14.93 2.48
CA ALA D 72 -9.42 -14.31 1.85
C ALA D 72 -9.11 -12.95 1.25
N THR D 73 -8.40 -12.10 1.99
CA THR D 73 -8.23 -10.71 1.56
C THR D 73 -7.19 -10.62 0.44
N THR D 74 -7.14 -9.45 -0.19
CA THR D 74 -6.22 -9.20 -1.30
C THR D 74 -5.27 -8.05 -1.02
N GLU D 75 -5.23 -7.54 0.20
CA GLU D 75 -4.35 -6.43 0.56
C GLU D 75 -3.05 -6.99 1.15
N LEU D 76 -1.92 -6.62 0.56
CA LEU D 76 -0.65 -7.27 0.88
C LEU D 76 -0.24 -7.05 2.33
N ARG D 77 -0.37 -5.82 2.83
CA ARG D 77 0.04 -5.50 4.18
C ARG D 77 -1.18 -5.00 4.94
N THR D 78 -1.65 -5.79 5.88
CA THR D 78 -2.87 -5.48 6.61
C THR D 78 -2.52 -4.75 7.90
N PHE D 79 -3.17 -3.62 8.12
CA PHE D 79 -3.01 -2.84 9.33
C PHE D 79 -4.32 -2.50 10.02
N SER D 80 -5.47 -2.84 9.42
CA SER D 80 -6.78 -2.43 9.92
C SER D 80 -7.58 -3.61 10.45
N ILE D 81 -6.91 -4.66 10.92
CA ILE D 81 -7.66 -5.75 11.58
C ILE D 81 -8.18 -5.28 12.93
N LEU D 82 -7.35 -4.58 13.70
CA LEU D 82 -7.78 -4.10 15.00
C LEU D 82 -8.89 -3.05 14.86
N ASN D 83 -8.77 -2.16 13.87
CA ASN D 83 -9.83 -1.20 13.62
C ASN D 83 -11.11 -1.91 13.22
N ARG D 84 -11.01 -2.93 12.38
CA ARG D 84 -12.19 -3.67 11.97
C ARG D 84 -12.84 -4.37 13.17
N LYS D 85 -12.04 -4.93 14.07
CA LYS D 85 -12.60 -5.54 15.27
C LYS D 85 -13.29 -4.52 16.15
N ALA D 86 -12.67 -3.34 16.30
CA ALA D 86 -13.31 -2.29 17.09
C ALA D 86 -14.64 -1.88 16.48
N ILE D 87 -14.69 -1.74 15.16
CA ILE D 87 -15.94 -1.35 14.52
C ILE D 87 -16.99 -2.43 14.67
N ASP D 88 -16.59 -3.70 14.53
CA ASP D 88 -17.53 -4.80 14.72
C ASP D 88 -18.12 -4.77 16.13
N PHE D 89 -17.26 -4.64 17.14
CA PHE D 89 -17.74 -4.57 18.52
C PHE D 89 -18.69 -3.40 18.71
N LEU D 90 -18.26 -2.20 18.33
CA LEU D 90 -19.07 -1.01 18.61
C LEU D 90 -20.39 -1.04 17.88
N LEU D 91 -20.38 -1.52 16.63
CA LEU D 91 -21.57 -1.54 15.80
C LEU D 91 -22.51 -2.69 16.13
N GLN D 92 -22.02 -3.73 16.80
CA GLN D 92 -22.90 -4.85 17.12
C GLN D 92 -24.00 -4.43 18.07
N ARG D 93 -23.65 -3.72 19.14
CA ARG D 93 -24.66 -3.35 20.13
C ARG D 93 -25.64 -2.33 19.56
N TRP D 94 -25.13 -1.24 18.97
CA TRP D 94 -25.97 -0.23 18.34
C TRP D 94 -26.19 -0.58 16.87
N GLY D 95 -26.92 -1.66 16.66
CA GLY D 95 -27.22 -2.11 15.31
C GLY D 95 -28.09 -1.13 14.53
N GLY D 96 -29.01 -0.46 15.21
CA GLY D 96 -29.88 0.52 14.56
C GLY D 96 -29.17 1.78 14.12
N ILE E 1 -2.52 13.19 19.33
CA ILE E 1 -2.84 14.02 18.17
C ILE E 1 -3.91 15.02 18.55
N PRO E 2 -3.50 16.23 18.89
CA PRO E 2 -4.47 17.25 19.29
C PRO E 2 -5.46 17.55 18.18
N LEU E 3 -6.69 17.86 18.59
CA LEU E 3 -7.78 18.14 17.66
C LEU E 3 -8.00 19.64 17.54
N GLY E 4 -8.77 20.01 16.53
CA GLY E 4 -9.24 21.37 16.37
C GLY E 4 -10.72 21.39 16.06
N VAL E 5 -11.50 22.11 16.87
CA VAL E 5 -12.95 22.14 16.69
C VAL E 5 -13.42 23.59 16.65
N ILE E 6 -14.52 23.81 15.95
CA ILE E 6 -15.10 25.13 15.79
C ILE E 6 -16.58 25.09 16.11
N THR E 10 -14.07 30.76 16.68
CA THR E 10 -13.13 30.36 17.71
C THR E 10 -12.57 28.97 17.46
N LEU E 11 -11.38 28.71 17.98
CA LEU E 11 -10.71 27.43 17.81
C LEU E 11 -10.43 26.82 19.18
N GLN E 12 -11.00 25.66 19.44
CA GLN E 12 -10.85 24.96 20.71
C GLN E 12 -10.07 23.68 20.48
N VAL E 13 -9.05 23.46 21.30
CA VAL E 13 -8.21 22.27 21.17
C VAL E 13 -8.80 21.20 22.09
N SER E 14 -9.23 20.09 21.51
CA SER E 14 -9.81 19.01 22.29
C SER E 14 -8.84 17.84 22.39
N VAL E 20 -16.60 16.58 24.75
CA VAL E 20 -17.63 17.59 24.98
C VAL E 20 -18.85 17.33 24.11
N CYS E 21 -20.02 17.30 24.74
CA CYS E 21 -21.27 17.06 24.02
C CYS E 21 -21.72 18.27 23.22
N ARG E 22 -21.20 19.46 23.56
CA ARG E 22 -21.59 20.66 22.82
C ARG E 22 -21.13 20.59 21.37
N ASP E 23 -19.88 20.17 21.14
CA ASP E 23 -19.35 20.05 19.79
C ASP E 23 -19.62 18.64 19.29
N LYS E 24 -20.56 18.51 18.36
CA LYS E 24 -20.88 17.23 17.76
C LYS E 24 -19.89 16.90 16.67
N LEU E 25 -20.06 15.72 16.06
CA LEU E 25 -19.28 15.32 14.89
C LEU E 25 -20.31 14.69 13.95
N SER E 26 -20.93 15.52 13.11
CA SER E 26 -22.13 15.09 12.41
C SER E 26 -21.81 14.03 11.36
N SER E 27 -20.79 14.26 10.55
CA SER E 27 -20.49 13.36 9.45
C SER E 27 -18.98 13.33 9.23
N THR E 28 -18.53 12.29 8.52
CA THR E 28 -17.11 12.06 8.35
C THR E 28 -16.43 13.15 7.54
N ASN E 29 -17.16 13.87 6.69
CA ASN E 29 -16.55 14.95 5.92
C ASN E 29 -16.14 16.13 6.79
N GLN E 30 -16.65 16.19 8.02
CA GLN E 30 -16.29 17.29 8.92
C GLN E 30 -14.80 17.27 9.24
N LEU E 31 -14.23 16.08 9.43
CA LEU E 31 -12.81 15.97 9.72
C LEU E 31 -11.98 16.42 8.51
N ARG E 32 -10.96 17.22 8.77
CA ARG E 32 -10.10 17.70 7.71
C ARG E 32 -8.66 17.79 8.21
N SER E 33 -7.73 17.71 7.26
CA SER E 33 -6.31 17.86 7.54
C SER E 33 -5.75 18.92 6.59
N VAL E 34 -5.12 19.94 7.16
CA VAL E 34 -4.69 21.12 6.42
C VAL E 34 -3.17 21.22 6.50
N GLY E 35 -2.53 21.35 5.33
CA GLY E 35 -1.09 21.48 5.24
C GLY E 35 -0.56 22.91 5.22
N LEU E 36 -0.55 23.57 6.37
CA LEU E 36 -0.15 24.97 6.41
C LEU E 36 1.37 25.12 6.22
N ASN E 37 1.75 26.01 5.33
CA ASN E 37 3.17 26.23 5.05
C ASN E 37 3.82 27.11 6.11
N LEU E 38 5.14 26.95 6.25
CA LEU E 38 5.90 27.75 7.18
C LEU E 38 5.99 29.22 6.76
N GLU E 39 5.57 29.55 5.54
CA GLU E 39 5.61 30.93 5.09
C GLU E 39 4.89 31.86 6.05
N GLY E 40 3.75 31.41 6.58
CA GLY E 40 3.01 32.23 7.52
C GLY E 40 3.77 32.50 8.81
N ASN E 41 4.61 31.55 9.23
CA ASN E 41 5.37 31.76 10.45
C ASN E 41 6.41 32.86 10.30
N GLY E 42 6.79 33.20 9.08
CA GLY E 42 7.75 34.25 8.85
C GLY E 42 9.18 33.78 8.67
N VAL E 43 9.39 32.56 8.18
CA VAL E 43 10.74 32.04 7.99
C VAL E 43 11.29 32.54 6.66
N ALA E 44 12.61 32.73 6.61
CA ALA E 44 13.26 33.11 5.38
C ALA E 44 13.15 31.98 4.35
N THR E 45 13.07 32.36 3.08
CA THR E 45 12.87 31.38 2.01
C THR E 45 13.97 31.42 0.96
N ASP E 46 15.05 32.16 1.20
CA ASP E 46 16.15 32.14 0.26
C ASP E 46 16.86 30.78 0.28
N VAL E 47 17.52 30.47 -0.83
CA VAL E 47 18.09 29.13 -1.02
C VAL E 47 19.15 28.79 0.03
N PRO E 48 20.16 29.63 0.31
CA PRO E 48 21.22 29.18 1.22
C PRO E 48 20.79 29.07 2.67
N SER E 49 19.82 29.86 3.12
CA SER E 49 19.31 29.65 4.47
C SER E 49 18.40 28.44 4.54
N ALA E 50 17.59 28.24 3.50
CA ALA E 50 16.69 27.09 3.46
C ALA E 50 17.46 25.78 3.44
N THR E 51 18.57 25.74 2.70
CA THR E 51 19.37 24.52 2.62
C THR E 51 19.90 24.12 4.00
N LYS E 52 20.03 25.08 4.91
CA LYS E 52 20.56 24.75 6.23
C LYS E 52 19.58 23.91 7.03
N ARG E 53 18.28 24.06 6.79
CA ARG E 53 17.28 23.36 7.60
C ARG E 53 17.15 21.87 7.26
N TRP E 54 17.81 21.38 6.22
CA TRP E 54 17.69 19.99 5.81
C TRP E 54 18.99 19.28 6.13
N GLY E 55 18.90 18.13 6.79
CA GLY E 55 20.08 17.38 7.17
C GLY E 55 19.95 15.92 6.79
N PHE E 56 21.09 15.34 6.43
CA PHE E 56 21.11 13.96 5.95
C PHE E 56 21.34 13.01 7.10
N ARG E 57 20.50 11.98 7.17
CA ARG E 57 20.44 11.04 8.28
C ARG E 57 20.38 9.63 7.74
N SER E 58 20.87 8.68 8.53
CA SER E 58 20.73 7.27 8.23
C SER E 58 20.14 6.54 9.43
N GLY E 59 19.25 5.58 9.15
CA GLY E 59 18.69 4.73 10.18
C GLY E 59 17.26 5.01 10.60
N VAL E 60 16.54 5.86 9.87
CA VAL E 60 15.15 6.19 10.19
C VAL E 60 14.30 5.96 8.95
N PRO E 61 13.20 5.20 9.05
CA PRO E 61 12.39 4.95 7.86
C PRO E 61 11.68 6.22 7.42
N PRO E 62 11.36 6.34 6.14
CA PRO E 62 10.60 7.50 5.64
C PRO E 62 9.12 7.32 5.92
N LYS E 63 8.55 8.23 6.71
CA LYS E 63 7.15 8.16 7.08
C LYS E 63 6.35 9.21 6.31
N VAL E 64 5.16 8.82 5.85
CA VAL E 64 4.31 9.67 5.03
C VAL E 64 2.91 9.71 5.64
N VAL E 65 2.33 10.90 5.70
CA VAL E 65 0.98 11.11 6.16
C VAL E 65 0.22 11.81 5.05
N ASN E 66 -1.11 11.76 5.12
CA ASN E 66 -1.98 12.32 4.10
C ASN E 66 -2.70 13.54 4.65
N TYR E 67 -2.61 14.66 3.92
CA TYR E 67 -3.38 15.86 4.22
C TYR E 67 -4.28 16.16 3.04
N GLU E 68 -5.47 16.71 3.33
CA GLU E 68 -6.50 16.88 2.32
C GLU E 68 -6.54 18.26 1.68
N ALA E 69 -6.11 19.29 2.38
CA ALA E 69 -6.15 20.65 1.85
C ALA E 69 -4.84 21.34 2.16
N GLY E 70 -4.45 22.27 1.29
CA GLY E 70 -3.22 22.99 1.47
C GLY E 70 -3.34 24.48 1.29
N GLU E 71 -2.22 25.18 1.29
CA GLU E 71 -2.18 26.61 1.07
C GLU E 71 -1.22 26.90 -0.07
N TRP E 72 -1.56 27.88 -0.90
CA TRP E 72 -0.65 28.34 -1.94
C TRP E 72 0.73 28.59 -1.37
N ALA E 73 1.73 27.99 -2.01
CA ALA E 73 3.12 28.15 -1.60
C ALA E 73 3.74 29.26 -2.45
N GLU E 74 4.18 30.33 -1.79
CA GLU E 74 4.91 31.38 -2.50
C GLU E 74 6.21 30.85 -3.08
N ASN E 75 6.88 29.96 -2.33
CA ASN E 75 8.09 29.30 -2.82
C ASN E 75 7.99 27.82 -2.48
N CYS E 76 8.13 26.97 -3.49
CA CYS E 76 8.30 25.55 -3.26
C CYS E 76 9.62 25.13 -3.89
N TYR E 77 10.25 24.12 -3.31
CA TYR E 77 11.61 23.74 -3.64
C TYR E 77 11.60 22.43 -4.41
N ASN E 78 12.40 22.37 -5.46
CA ASN E 78 12.57 21.16 -6.26
C ASN E 78 14.04 20.79 -6.22
N LEU E 79 14.40 19.86 -5.35
CA LEU E 79 15.80 19.56 -5.06
C LEU E 79 16.28 18.38 -5.91
N GLU E 80 17.41 18.59 -6.58
CA GLU E 80 18.07 17.59 -7.44
C GLU E 80 19.57 17.68 -7.17
N ILE E 81 20.06 16.85 -6.26
CA ILE E 81 21.47 16.90 -5.87
C ILE E 81 22.15 15.59 -6.23
N LYS E 82 23.46 15.67 -6.45
CA LYS E 82 24.27 14.55 -6.88
C LYS E 82 25.43 14.36 -5.91
N LYS E 83 25.64 13.12 -5.48
CA LYS E 83 26.86 12.78 -4.77
C LYS E 83 28.05 12.97 -5.70
N PRO E 84 29.21 13.37 -5.18
CA PRO E 84 30.34 13.68 -6.06
C PRO E 84 30.73 12.57 -7.02
N ASP E 85 30.53 11.31 -6.65
CA ASP E 85 30.77 10.22 -7.59
C ASP E 85 29.69 10.14 -8.67
N GLY E 86 28.61 10.90 -8.56
CA GLY E 86 27.56 10.93 -9.54
C GLY E 86 26.28 10.22 -9.14
N SER E 87 26.32 9.40 -8.10
CA SER E 87 25.11 8.72 -7.64
C SER E 87 24.14 9.72 -7.05
N GLU E 88 22.85 9.47 -7.24
CA GLU E 88 21.84 10.36 -6.68
C GLU E 88 21.73 10.17 -5.18
N CYS E 89 21.78 11.27 -4.44
CA CYS E 89 21.66 11.20 -3.00
C CYS E 89 20.22 10.91 -2.56
N LEU E 90 19.27 11.65 -3.12
CA LEU E 90 17.89 11.46 -2.72
C LEU E 90 17.38 10.11 -3.22
N PRO E 91 16.47 9.48 -2.47
CA PRO E 91 15.83 8.26 -3.00
C PRO E 91 14.93 8.58 -4.18
N ALA E 92 14.72 7.58 -5.01
CA ALA E 92 13.84 7.72 -6.16
C ALA E 92 12.42 8.03 -5.69
N ALA E 93 11.71 8.86 -6.45
CA ALA E 93 10.37 9.26 -6.07
C ALA E 93 9.44 8.06 -6.08
N PRO E 94 8.78 7.73 -4.98
CA PRO E 94 7.90 6.56 -4.97
C PRO E 94 6.63 6.79 -5.77
N ASP E 95 5.80 5.76 -5.89
CA ASP E 95 4.56 5.88 -6.64
C ASP E 95 3.54 6.72 -5.89
N GLY E 96 2.64 7.34 -6.65
CA GLY E 96 1.61 8.17 -6.07
C GLY E 96 2.10 9.47 -5.46
N ILE E 97 3.32 9.90 -5.79
CA ILE E 97 3.88 11.14 -5.28
C ILE E 97 4.10 12.07 -6.45
N ARG E 98 3.48 13.24 -6.39
CA ARG E 98 3.66 14.27 -7.40
C ARG E 98 3.93 15.59 -6.71
N GLY E 99 4.35 16.57 -7.50
CA GLY E 99 4.77 17.83 -6.94
C GLY E 99 3.62 18.61 -6.33
N PHE E 100 3.99 19.58 -5.51
CA PHE E 100 2.99 20.39 -4.84
C PHE E 100 2.25 21.22 -5.89
N PRO E 101 0.92 21.12 -5.97
CA PRO E 101 0.23 21.61 -7.17
C PRO E 101 0.23 23.13 -7.33
N ARG E 102 0.27 23.89 -6.24
CA ARG E 102 -0.05 25.31 -6.34
C ARG E 102 1.13 26.20 -5.99
N CYS E 103 2.31 25.91 -6.52
CA CYS E 103 3.42 26.84 -6.38
C CYS E 103 3.23 28.07 -7.25
N ARG E 104 3.72 29.20 -6.76
CA ARG E 104 3.86 30.40 -7.57
C ARG E 104 5.23 30.48 -8.22
N TYR E 105 6.26 30.04 -7.52
CA TYR E 105 7.63 30.08 -8.00
C TYR E 105 8.37 28.86 -7.46
N VAL E 106 9.27 28.31 -8.26
CA VAL E 106 10.01 27.10 -7.92
C VAL E 106 11.48 27.43 -7.78
N HIS E 107 12.09 27.01 -6.67
CA HIS E 107 13.51 27.24 -6.42
C HIS E 107 14.25 25.92 -6.62
N LYS E 108 14.61 25.65 -7.87
CA LYS E 108 15.33 24.43 -8.19
C LYS E 108 16.74 24.48 -7.62
N VAL E 109 17.25 23.31 -7.23
CA VAL E 109 18.59 23.18 -6.66
C VAL E 109 19.42 22.31 -7.60
N SER E 110 20.55 22.85 -8.06
CA SER E 110 21.38 22.13 -9.02
C SER E 110 22.17 21.00 -8.36
N GLY E 111 22.68 21.21 -7.15
CA GLY E 111 23.43 20.19 -6.46
C GLY E 111 24.17 20.71 -5.25
N THR E 112 24.43 19.84 -4.26
CA THR E 112 25.13 20.22 -3.05
C THR E 112 26.38 19.38 -2.80
N GLY E 113 26.81 18.59 -3.78
CA GLY E 113 28.01 17.80 -3.65
C GLY E 113 27.85 16.65 -2.67
N PRO E 114 28.63 16.67 -1.59
CA PRO E 114 28.62 15.55 -0.64
C PRO E 114 27.26 15.35 0.02
N CYS E 115 26.92 14.08 0.22
CA CYS E 115 25.64 13.69 0.82
C CYS E 115 25.93 12.64 1.88
N ALA E 116 25.60 12.95 3.13
CA ALA E 116 25.95 12.09 4.26
C ALA E 116 24.76 11.20 4.66
N GLY E 117 24.47 10.23 3.81
CA GLY E 117 23.39 9.31 4.07
C GLY E 117 22.53 9.15 2.84
N ASP E 118 21.30 8.69 3.05
CA ASP E 118 20.35 8.57 1.96
C ASP E 118 19.11 9.43 2.13
N PHE E 119 18.57 9.52 3.34
CA PHE E 119 17.38 10.30 3.62
C PHE E 119 17.76 11.67 4.14
N ALA E 120 17.01 12.68 3.72
CA ALA E 120 17.22 14.05 4.16
C ALA E 120 15.97 14.50 4.92
N PHE E 121 16.12 14.75 6.21
CA PHE E 121 15.02 15.17 7.07
C PHE E 121 15.11 16.67 7.34
N HIS E 122 14.00 17.22 7.79
CA HIS E 122 13.92 18.65 8.05
C HIS E 122 14.26 18.91 9.52
N LYS E 123 15.31 19.71 9.76
CA LYS E 123 15.83 19.87 11.11
C LYS E 123 14.84 20.57 12.02
N GLU E 124 14.09 21.54 11.50
CA GLU E 124 13.13 22.25 12.34
C GLU E 124 11.99 21.33 12.78
N GLY E 125 11.68 20.32 11.98
CA GLY E 125 10.67 19.34 12.34
C GLY E 125 9.36 19.53 11.61
N ALA E 126 9.43 19.93 10.37
CA ALA E 126 8.27 20.17 9.54
C ALA E 126 8.26 19.19 8.38
N PHE E 127 7.06 18.78 7.98
CA PHE E 127 6.91 17.86 6.87
C PHE E 127 7.18 18.57 5.55
N PHE E 128 7.49 17.78 4.53
CA PHE E 128 7.55 18.23 3.15
C PHE E 128 6.25 17.83 2.47
N LEU E 129 5.58 18.78 1.85
CA LEU E 129 4.15 18.61 1.58
C LEU E 129 3.87 17.72 0.37
N TYR E 130 4.58 17.90 -0.73
CA TYR E 130 4.26 17.19 -1.98
C TYR E 130 2.81 17.47 -2.35
N ASP E 131 2.14 16.51 -2.99
CA ASP E 131 0.75 16.64 -3.43
C ASP E 131 -0.10 15.77 -2.51
N ARG E 132 -0.72 16.40 -1.52
CA ARG E 132 -1.63 15.70 -0.59
C ARG E 132 -0.97 14.52 0.11
N LEU E 133 0.36 14.53 0.19
CA LEU E 133 1.07 13.48 0.92
C LEU E 133 2.27 14.13 1.61
N ALA E 134 2.06 14.57 2.84
CA ALA E 134 3.16 15.13 3.62
C ALA E 134 4.08 14.01 4.08
N SER E 135 5.39 14.21 3.90
CA SER E 135 6.37 13.17 4.19
C SER E 135 7.51 13.75 4.98
N THR E 136 8.23 12.88 5.67
CA THR E 136 9.36 13.34 6.46
C THR E 136 10.68 13.36 5.70
N VAL E 137 10.73 12.77 4.51
CA VAL E 137 11.96 12.69 3.73
C VAL E 137 11.79 13.49 2.46
N ILE E 138 12.91 13.96 1.92
CA ILE E 138 12.90 14.68 0.65
C ILE E 138 13.09 13.67 -0.48
N TYR E 139 12.13 13.63 -1.40
CA TYR E 139 12.21 12.80 -2.59
C TYR E 139 12.78 13.59 -3.77
N ARG E 140 13.23 12.85 -4.77
CA ARG E 140 14.03 13.43 -5.85
C ARG E 140 13.14 13.85 -7.00
N GLY E 141 13.35 15.08 -7.47
CA GLY E 141 12.73 15.55 -8.69
C GLY E 141 11.32 16.09 -8.56
N THR E 142 10.74 16.05 -7.37
CA THR E 142 9.37 16.50 -7.17
C THR E 142 9.37 17.81 -6.39
N THR E 143 8.53 18.74 -6.83
CA THR E 143 8.46 20.05 -6.19
C THR E 143 7.71 19.92 -4.86
N PHE E 144 8.36 20.33 -3.78
CA PHE E 144 7.81 20.24 -2.44
C PHE E 144 7.92 21.58 -1.74
N ALA E 145 7.04 21.77 -0.75
CA ALA E 145 7.06 22.95 0.09
C ALA E 145 7.14 22.50 1.54
N GLU E 146 7.88 23.25 2.35
CA GLU E 146 7.97 22.95 3.77
C GLU E 146 6.69 23.38 4.45
N GLY E 147 6.22 22.58 5.40
CA GLY E 147 5.01 22.95 6.11
C GLY E 147 4.61 21.85 7.08
N VAL E 148 3.61 22.17 7.89
CA VAL E 148 3.13 21.29 8.95
C VAL E 148 1.63 21.07 8.81
N VAL E 149 1.18 19.92 9.30
CA VAL E 149 -0.18 19.43 9.09
C VAL E 149 -0.98 19.59 10.39
N ALA E 150 -2.18 20.16 10.27
CA ALA E 150 -3.09 20.30 11.41
C ALA E 150 -4.39 19.56 11.12
N PHE E 151 -5.07 19.15 12.20
CA PHE E 151 -6.32 18.39 12.11
C PHE E 151 -7.47 19.21 12.68
N LEU E 152 -8.59 19.26 11.95
CA LEU E 152 -9.72 20.10 12.31
C LEU E 152 -11.02 19.31 12.24
N ILE E 153 -12.01 19.74 13.03
CA ILE E 153 -13.38 19.28 12.94
C ILE E 153 -14.21 20.47 12.46
N LEU E 154 -14.58 20.45 11.18
CA LEU E 154 -15.23 21.57 10.54
C LEU E 154 -16.73 21.60 10.87
N PRO E 155 -17.37 22.78 10.73
CA PRO E 155 -18.82 22.88 10.95
C PRO E 155 -19.63 22.01 9.99
N ILE F 1 -4.68 28.69 22.21
CA ILE F 1 -4.35 28.84 20.80
C ILE F 1 -3.62 30.14 20.58
N VAL F 2 -3.04 30.69 21.66
CA VAL F 2 -2.28 31.92 21.56
C VAL F 2 -1.02 31.66 20.76
N ASN F 3 -0.70 32.58 19.85
CA ASN F 3 0.44 32.39 18.95
C ASN F 3 1.68 33.03 19.55
N ALA F 4 2.68 32.20 19.81
CA ALA F 4 4.02 32.67 20.15
C ALA F 4 4.89 32.84 18.91
N GLN F 5 4.37 32.50 17.74
CA GLN F 5 5.15 32.60 16.52
C GLN F 5 5.42 34.06 16.18
N PRO F 6 6.57 34.36 15.57
CA PRO F 6 6.87 35.76 15.27
C PRO F 6 5.89 36.42 14.32
N LYS F 7 5.36 35.67 13.35
CA LYS F 7 4.52 36.23 12.30
C LYS F 7 3.17 35.53 12.28
N CYS F 8 2.10 36.32 12.24
CA CYS F 8 0.74 35.83 12.02
C CYS F 8 0.29 36.29 10.65
N ASN F 9 -0.14 35.35 9.82
CA ASN F 9 -0.55 35.68 8.45
C ASN F 9 -2.06 35.55 8.35
N PRO F 10 -2.80 36.66 8.30
CA PRO F 10 -4.27 36.55 8.22
C PRO F 10 -4.78 36.00 6.91
N ASN F 11 -3.98 36.03 5.85
CA ASN F 11 -4.41 35.54 4.55
C ASN F 11 -4.15 34.04 4.44
N LEU F 12 -5.19 33.29 4.08
CA LEU F 12 -5.09 31.85 3.88
C LEU F 12 -5.74 31.49 2.55
N HIS F 13 -4.95 31.53 1.48
CA HIS F 13 -5.40 31.04 0.18
C HIS F 13 -5.33 29.52 0.22
N TYR F 14 -6.47 28.84 0.11
CA TYR F 14 -6.48 27.39 0.27
C TYR F 14 -7.02 26.72 -0.98
N TRP F 15 -6.29 25.70 -1.43
CA TRP F 15 -6.73 24.77 -2.45
C TRP F 15 -7.09 23.46 -1.77
N THR F 16 -8.10 22.78 -2.30
CA THR F 16 -8.50 21.50 -1.75
C THR F 16 -9.20 20.70 -2.83
N THR F 17 -9.34 19.40 -2.57
CA THR F 17 -9.97 18.51 -3.52
C THR F 17 -11.07 17.64 -2.91
N GLN F 18 -11.29 17.70 -1.60
CA GLN F 18 -12.31 16.86 -0.98
C GLN F 18 -13.73 17.28 -1.34
N ASP F 19 -13.89 18.45 -1.97
CA ASP F 19 -15.22 18.99 -2.20
C ASP F 19 -16.09 18.07 -3.05
N GLU F 20 -15.46 17.27 -3.93
CA GLU F 20 -16.15 16.29 -4.78
C GLU F 20 -16.94 17.02 -5.86
N GLY F 21 -17.01 18.34 -5.78
CA GLY F 21 -17.62 19.13 -6.82
C GLY F 21 -16.58 19.95 -7.55
N ALA F 22 -15.34 19.45 -7.55
CA ALA F 22 -14.26 20.17 -8.20
C ALA F 22 -14.39 20.15 -9.73
N ALA F 23 -14.91 19.06 -10.28
CA ALA F 23 -15.04 18.89 -11.73
C ALA F 23 -16.48 19.09 -12.19
N ILE F 24 -17.19 20.08 -11.66
CA ILE F 24 -18.52 20.39 -12.19
C ILE F 24 -18.37 20.80 -13.64
N GLY F 25 -19.19 20.23 -14.50
CA GLY F 25 -18.96 20.35 -15.92
C GLY F 25 -17.83 19.43 -16.35
N LEU F 26 -17.22 19.76 -17.50
CA LEU F 26 -16.15 18.94 -18.06
C LEU F 26 -16.60 17.49 -18.19
N ALA F 27 -16.00 16.62 -17.38
CA ALA F 27 -16.38 15.22 -17.36
C ALA F 27 -15.94 14.61 -16.05
N TRP F 28 -16.58 13.49 -15.70
CA TRP F 28 -16.16 12.67 -14.57
C TRP F 28 -15.48 11.39 -15.01
N ILE F 29 -15.70 10.94 -16.24
CA ILE F 29 -15.00 9.77 -16.76
C ILE F 29 -13.51 10.06 -16.72
N PRO F 30 -12.65 9.08 -16.41
CA PRO F 30 -11.21 9.37 -16.39
C PRO F 30 -10.63 9.62 -17.77
N TYR F 31 -11.28 9.12 -18.82
CA TYR F 31 -10.75 9.28 -20.16
C TYR F 31 -10.86 10.73 -20.62
N PHE F 32 -12.09 11.25 -20.67
CA PHE F 32 -12.35 12.63 -21.08
C PHE F 32 -12.18 13.62 -19.94
N GLY F 33 -11.79 13.16 -18.77
CA GLY F 33 -11.80 14.00 -17.60
C GLY F 33 -10.72 15.05 -17.65
N PRO F 34 -10.62 15.83 -16.59
CA PRO F 34 -9.64 16.92 -16.54
C PRO F 34 -8.23 16.38 -16.28
N ALA F 35 -7.29 17.31 -16.17
CA ALA F 35 -5.92 16.93 -15.84
C ALA F 35 -5.83 16.54 -14.38
N ALA F 36 -4.67 16.00 -14.00
CA ALA F 36 -4.47 15.61 -12.61
C ALA F 36 -4.37 16.83 -11.69
N GLU F 37 -3.97 17.98 -12.22
CA GLU F 37 -3.80 19.19 -11.45
C GLU F 37 -4.95 20.18 -11.61
N GLY F 38 -5.97 19.83 -12.36
CA GLY F 38 -7.11 20.70 -12.58
C GLY F 38 -8.34 20.25 -11.83
N ILE F 39 -8.14 19.46 -10.78
CA ILE F 39 -9.25 18.88 -10.02
C ILE F 39 -9.34 19.57 -8.67
N TYR F 40 -8.92 20.83 -8.61
CA TYR F 40 -8.75 21.53 -7.34
C TYR F 40 -9.70 22.72 -7.23
N THR F 41 -10.37 22.81 -6.09
CA THR F 41 -11.18 23.97 -5.74
C THR F 41 -10.34 24.96 -4.93
N GLU F 42 -10.46 26.23 -5.28
CA GLU F 42 -9.62 27.28 -4.73
C GLU F 42 -10.50 28.30 -3.99
N GLY F 43 -9.97 28.85 -2.91
CA GLY F 43 -10.72 29.85 -2.18
C GLY F 43 -9.84 30.59 -1.20
N LEU F 44 -10.44 31.52 -0.48
CA LEU F 44 -9.75 32.24 0.59
C LEU F 44 -10.70 32.38 1.76
N MET F 45 -10.16 32.36 2.97
CA MET F 45 -11.00 32.33 4.16
C MET F 45 -11.58 33.70 4.48
N HIS F 46 -10.72 34.68 4.77
CA HIS F 46 -11.15 36.00 5.26
C HIS F 46 -12.11 35.90 6.45
N ASN F 47 -11.80 35.03 7.40
CA ASN F 47 -12.62 34.90 8.59
C ASN F 47 -12.02 35.74 9.71
N GLN F 48 -10.80 35.44 10.11
CA GLN F 48 -10.18 36.10 11.25
C GLN F 48 -8.69 35.88 11.20
N ASP F 49 -7.94 36.92 11.59
CA ASP F 49 -6.50 36.76 11.73
C ASP F 49 -6.18 35.74 12.82
N GLY F 50 -6.93 35.79 13.92
CA GLY F 50 -6.70 34.87 15.01
C GLY F 50 -7.03 33.44 14.67
N LEU F 51 -7.90 33.21 13.68
CA LEU F 51 -8.23 31.84 13.33
C LEU F 51 -7.17 31.21 12.43
N ILE F 52 -6.65 31.96 11.47
CA ILE F 52 -5.71 31.40 10.50
C ILE F 52 -4.39 31.07 11.18
N CYS F 53 -3.72 32.08 11.73
CA CYS F 53 -2.52 31.78 12.48
C CYS F 53 -2.84 31.07 13.78
N GLY F 54 -4.11 31.06 14.20
CA GLY F 54 -4.52 30.10 15.21
C GLY F 54 -4.35 28.67 14.71
N LEU F 55 -4.74 28.41 13.46
CA LEU F 55 -4.48 27.10 12.86
C LEU F 55 -2.99 26.84 12.75
N ARG F 56 -2.20 27.87 12.45
CA ARG F 56 -0.76 27.68 12.36
C ARG F 56 -0.16 27.30 13.71
N GLN F 57 -0.60 27.97 14.78
CA GLN F 57 -0.16 27.59 16.11
C GLN F 57 -0.60 26.18 16.46
N LEU F 58 -1.81 25.82 16.09
CA LEU F 58 -2.26 24.45 16.30
C LEU F 58 -1.41 23.44 15.56
N ALA F 59 -0.98 23.78 14.35
CA ALA F 59 -0.14 22.89 13.58
C ALA F 59 1.23 22.71 14.23
N ASN F 60 1.82 23.80 14.72
CA ASN F 60 2.99 23.65 15.59
C ASN F 60 2.73 22.76 16.79
N GLU F 61 1.58 22.92 17.43
CA GLU F 61 1.32 22.12 18.63
C GLU F 61 1.22 20.64 18.29
N THR F 62 0.55 20.31 17.20
CA THR F 62 0.26 18.92 16.85
C THR F 62 1.36 18.25 16.04
N THR F 63 2.36 19.00 15.57
CA THR F 63 3.42 18.33 14.81
C THR F 63 4.19 17.35 15.67
N GLN F 64 4.35 17.63 16.96
CA GLN F 64 5.04 16.69 17.83
C GLN F 64 4.28 15.38 17.96
N ALA F 65 2.98 15.46 18.22
CA ALA F 65 2.18 14.25 18.34
C ALA F 65 2.16 13.49 17.02
N LEU F 66 2.07 14.21 15.90
CA LEU F 66 2.09 13.54 14.62
C LEU F 66 3.42 12.83 14.38
N GLN F 67 4.52 13.47 14.75
CA GLN F 67 5.82 12.81 14.58
C GLN F 67 5.94 11.58 15.46
N LEU F 68 5.49 11.66 16.70
CA LEU F 68 5.52 10.49 17.57
C LEU F 68 4.68 9.36 17.00
N PHE F 69 3.48 9.67 16.53
CA PHE F 69 2.60 8.64 15.99
C PHE F 69 3.21 8.01 14.74
N LEU F 70 3.81 8.81 13.86
CA LEU F 70 4.45 8.25 12.68
C LEU F 70 5.68 7.43 13.02
N ARG F 71 6.39 7.81 14.06
CA ARG F 71 7.53 6.99 14.46
C ARG F 71 7.09 5.66 15.05
N ALA F 72 5.97 5.65 15.77
CA ALA F 72 5.50 4.40 16.39
C ALA F 72 5.06 3.39 15.34
N THR F 73 4.23 3.82 14.38
CA THR F 73 3.67 2.90 13.40
C THR F 73 4.72 2.52 12.35
N THR F 74 4.50 1.38 11.71
CA THR F 74 5.39 0.88 10.68
C THR F 74 4.87 1.03 9.26
N GLU F 75 3.64 1.52 9.08
CA GLU F 75 3.09 1.69 7.75
C GLU F 75 3.66 2.95 7.11
N LEU F 76 4.13 2.84 5.87
CA LEU F 76 4.77 3.98 5.22
C LEU F 76 3.77 5.10 4.95
N ARG F 77 2.64 4.79 4.34
CA ARG F 77 1.61 5.77 4.03
C ARG F 77 0.42 5.51 4.94
N THR F 78 0.23 6.40 5.91
CA THR F 78 -0.86 6.28 6.87
C THR F 78 -2.01 7.17 6.40
N PHE F 79 -2.78 6.66 5.44
CA PHE F 79 -3.90 7.42 4.91
C PHE F 79 -5.08 7.50 5.85
N SER F 80 -5.15 6.63 6.86
CA SER F 80 -6.33 6.51 7.71
C SER F 80 -5.98 6.99 9.12
N ILE F 81 -6.10 8.30 9.34
CA ILE F 81 -6.06 8.86 10.69
C ILE F 81 -7.39 9.50 11.06
N LEU F 82 -8.12 10.02 10.08
CA LEU F 82 -9.46 10.54 10.36
C LEU F 82 -10.41 9.43 10.80
N ASN F 83 -10.26 8.24 10.21
CA ASN F 83 -11.04 7.10 10.69
C ASN F 83 -10.69 6.78 12.13
N ARG F 84 -9.40 6.83 12.47
CA ARG F 84 -8.99 6.63 13.86
C ARG F 84 -9.62 7.67 14.77
N LYS F 85 -9.65 8.93 14.33
CA LYS F 85 -10.22 9.98 15.16
C LYS F 85 -11.71 9.76 15.38
N ALA F 86 -12.43 9.38 14.33
CA ALA F 86 -13.86 9.13 14.47
C ALA F 86 -14.12 7.94 15.38
N ILE F 87 -13.33 6.87 15.24
CA ILE F 87 -13.52 5.70 16.10
C ILE F 87 -13.28 6.06 17.56
N ASP F 88 -12.17 6.76 17.83
CA ASP F 88 -11.88 7.15 19.21
C ASP F 88 -13.00 8.03 19.76
N PHE F 89 -13.42 9.02 18.98
CA PHE F 89 -14.48 9.92 19.38
C PHE F 89 -15.75 9.16 19.76
N LEU F 90 -16.31 8.45 18.80
CA LEU F 90 -17.61 7.84 19.05
C LEU F 90 -17.51 6.68 20.02
N LEU F 91 -16.33 6.06 20.15
CA LEU F 91 -16.17 4.94 21.05
C LEU F 91 -16.03 5.40 22.50
N GLN F 92 -15.38 6.55 22.72
CA GLN F 92 -15.37 7.09 24.07
C GLN F 92 -16.73 7.69 24.42
N ARG F 93 -17.49 8.16 23.43
CA ARG F 93 -18.80 8.69 23.74
C ARG F 93 -19.79 7.58 24.07
N TRP F 94 -20.06 6.70 23.10
CA TRP F 94 -21.12 5.71 23.22
C TRP F 94 -20.61 4.28 23.38
N GLY F 95 -19.31 4.10 23.64
CA GLY F 95 -18.79 2.76 23.78
C GLY F 95 -19.27 2.08 25.04
N GLY F 96 -19.27 0.76 25.01
CA GLY F 96 -19.67 -0.04 26.15
C GLY F 96 -21.14 0.14 26.52
N VAL G 2 -36.69 11.45 -26.02
CA VAL G 2 -35.95 12.53 -25.40
C VAL G 2 -36.66 13.86 -25.63
N GLN G 3 -37.47 14.27 -24.65
CA GLN G 3 -38.24 15.50 -24.74
C GLN G 3 -37.95 16.38 -23.55
N LEU G 4 -37.68 17.66 -23.82
CA LEU G 4 -37.50 18.66 -22.77
C LEU G 4 -38.28 19.92 -23.14
N VAL G 5 -38.94 20.51 -22.16
CA VAL G 5 -39.70 21.73 -22.38
C VAL G 5 -39.34 22.74 -21.29
N GLN G 6 -39.18 23.98 -21.69
CA GLN G 6 -38.92 25.05 -20.74
C GLN G 6 -40.24 25.72 -20.35
N SER G 7 -40.17 26.62 -19.39
CA SER G 7 -41.37 27.26 -18.83
C SER G 7 -42.01 28.18 -19.86
N GLY G 8 -43.10 28.84 -19.44
CA GLY G 8 -43.87 29.69 -20.33
C GLY G 8 -43.24 31.06 -20.52
N ALA G 9 -44.03 31.95 -21.11
CA ALA G 9 -43.57 33.32 -21.38
C ALA G 9 -43.34 34.06 -20.06
N GLU G 10 -42.07 34.23 -19.71
CA GLU G 10 -41.66 34.78 -18.42
C GLU G 10 -41.30 36.25 -18.55
N VAL G 11 -42.31 37.10 -18.72
CA VAL G 11 -42.12 38.54 -18.75
C VAL G 11 -42.23 39.10 -17.32
N LYS G 12 -41.22 39.89 -16.93
CA LYS G 12 -41.18 40.53 -15.63
C LYS G 12 -41.03 42.05 -15.76
N LYS G 13 -40.78 42.68 -14.61
CA LYS G 13 -40.57 44.11 -14.43
C LYS G 13 -39.17 44.35 -13.88
N PRO G 14 -38.67 45.58 -13.95
CA PRO G 14 -37.33 45.85 -13.41
C PRO G 14 -37.20 45.43 -11.95
N GLY G 15 -36.13 44.71 -11.65
CA GLY G 15 -35.83 44.28 -10.30
C GLY G 15 -36.61 43.08 -9.82
N ALA G 16 -37.49 42.52 -10.64
CA ALA G 16 -38.32 41.40 -10.19
C ALA G 16 -37.52 40.10 -10.23
N SER G 17 -38.09 39.08 -9.59
CA SER G 17 -37.48 37.76 -9.54
C SER G 17 -38.09 36.87 -10.62
N VAL G 18 -37.23 36.13 -11.31
CA VAL G 18 -37.63 35.23 -12.38
C VAL G 18 -37.31 33.81 -11.95
N LYS G 19 -38.33 32.95 -11.94
CA LYS G 19 -38.20 31.55 -11.58
C LYS G 19 -38.63 30.77 -12.81
N VAL G 20 -37.65 30.23 -13.54
CA VAL G 20 -37.89 29.54 -14.80
C VAL G 20 -37.54 28.06 -14.63
N SER G 21 -38.40 27.21 -15.15
CA SER G 21 -38.28 25.77 -14.96
C SER G 21 -37.99 25.07 -16.28
N CYS G 22 -37.52 23.83 -16.18
CA CYS G 22 -37.10 23.09 -17.36
C CYS G 22 -37.28 21.62 -17.05
N ARG G 23 -38.18 20.97 -17.79
CA ARG G 23 -38.57 19.59 -17.54
C ARG G 23 -37.65 18.62 -18.26
N THR G 24 -37.59 17.40 -17.74
CA THR G 24 -36.82 16.31 -18.34
C THR G 24 -37.77 15.14 -18.61
N SER G 25 -37.67 14.57 -19.81
CA SER G 25 -38.51 13.44 -20.18
C SER G 25 -37.77 12.56 -21.17
N GLY G 26 -37.95 11.26 -21.04
CA GLY G 26 -37.36 10.32 -21.96
C GLY G 26 -35.91 9.97 -21.69
N TYR G 27 -35.37 10.39 -20.56
CA TYR G 27 -33.96 10.10 -20.28
C TYR G 27 -33.75 10.16 -18.78
N THR G 28 -32.60 9.64 -18.35
CA THR G 28 -32.28 9.55 -16.93
C THR G 28 -31.96 10.93 -16.37
N PHE G 29 -32.71 11.35 -15.35
CA PHE G 29 -32.51 12.68 -14.82
C PHE G 29 -31.16 12.83 -14.13
N SER G 30 -30.74 11.81 -13.38
CA SER G 30 -29.57 11.97 -12.53
C SER G 30 -28.27 12.05 -13.33
N SER G 31 -28.14 11.25 -14.39
CA SER G 31 -26.86 11.12 -15.07
C SER G 31 -26.47 12.41 -15.79
N TYR G 32 -27.30 12.84 -16.74
CA TYR G 32 -26.92 13.96 -17.61
C TYR G 32 -26.97 15.28 -16.86
N ASN G 33 -25.93 16.09 -17.05
CA ASN G 33 -25.93 17.43 -16.47
C ASN G 33 -26.92 18.33 -17.20
N ILE G 34 -27.21 19.46 -16.57
CA ILE G 34 -28.09 20.47 -17.17
C ILE G 34 -27.32 21.78 -17.18
N HIS G 35 -26.92 22.23 -18.37
CA HIS G 35 -26.38 23.57 -18.51
C HIS G 35 -27.51 24.51 -18.89
N TRP G 36 -27.35 25.77 -18.50
CA TRP G 36 -28.31 26.79 -18.88
C TRP G 36 -27.55 27.93 -19.51
N VAL G 37 -28.09 28.44 -20.63
CA VAL G 37 -27.44 29.47 -21.41
C VAL G 37 -28.44 30.58 -21.73
N ARG G 38 -27.90 31.71 -22.20
CA ARG G 38 -28.69 32.89 -22.52
C ARG G 38 -28.38 33.33 -23.93
N GLN G 39 -29.42 33.75 -24.66
CA GLN G 39 -29.26 34.42 -25.95
C GLN G 39 -29.94 35.78 -25.87
N ALA G 40 -29.15 36.84 -25.87
CA ALA G 40 -29.71 38.17 -25.91
C ALA G 40 -30.27 38.43 -27.30
N PRO G 41 -31.09 39.48 -27.46
CA PRO G 41 -31.42 39.96 -28.80
C PRO G 41 -30.20 40.04 -29.72
N GLY G 42 -29.05 40.42 -29.16
CA GLY G 42 -27.83 40.40 -29.93
C GLY G 42 -27.39 38.99 -30.26
N GLN G 43 -26.53 38.90 -31.29
CA GLN G 43 -26.13 37.60 -31.79
C GLN G 43 -25.31 36.79 -30.79
N GLY G 44 -24.74 37.44 -29.77
CA GLY G 44 -23.87 36.72 -28.86
C GLY G 44 -24.62 35.73 -27.99
N LEU G 45 -23.92 34.67 -27.59
CA LEU G 45 -24.43 33.67 -26.67
C LEU G 45 -23.62 33.71 -25.38
N GLU G 46 -24.31 33.53 -24.26
CA GLU G 46 -23.67 33.56 -22.95
C GLU G 46 -24.07 32.32 -22.16
N TRP G 47 -23.07 31.66 -21.58
CA TRP G 47 -23.30 30.45 -20.78
C TRP G 47 -23.66 30.86 -19.36
N MET G 48 -24.92 30.68 -18.99
CA MET G 48 -25.39 31.15 -17.69
C MET G 48 -24.83 30.33 -16.54
N GLY G 49 -24.88 29.01 -16.64
CA GLY G 49 -24.38 28.19 -15.55
C GLY G 49 -24.58 26.73 -15.83
N VAL G 50 -24.22 25.91 -14.84
CA VAL G 50 -24.36 24.45 -14.94
C VAL G 50 -24.79 23.89 -13.60
N ILE G 51 -25.71 22.93 -13.65
CA ILE G 51 -26.14 22.20 -12.47
C ILE G 51 -25.99 20.72 -12.76
N ASN G 52 -25.45 19.98 -11.78
CA ASN G 52 -25.36 18.54 -11.88
C ASN G 52 -26.42 17.92 -10.98
N PRO G 53 -27.44 17.29 -11.54
CA PRO G 53 -28.52 16.76 -10.70
C PRO G 53 -28.08 15.65 -9.76
N TYR G 54 -26.95 15.01 -10.02
CA TYR G 54 -26.57 13.82 -9.29
C TYR G 54 -26.34 14.12 -7.81
N GLY G 55 -26.77 13.18 -6.95
CA GLY G 55 -26.41 13.20 -5.55
C GLY G 55 -26.79 14.44 -4.78
N ARG G 56 -25.80 15.25 -4.42
CA ARG G 56 -26.02 16.45 -3.62
C ARG G 56 -26.15 17.70 -4.47
N SER G 57 -26.24 17.55 -5.80
CA SER G 57 -26.55 18.65 -6.70
C SER G 57 -25.52 19.78 -6.61
N THR G 58 -24.29 19.46 -6.97
CA THR G 58 -23.25 20.47 -7.06
C THR G 58 -23.49 21.38 -8.26
N THR G 59 -23.28 22.68 -8.09
CA THR G 59 -23.60 23.67 -9.10
C THR G 59 -22.40 24.55 -9.35
N LEU G 60 -22.30 25.07 -10.57
CA LEU G 60 -21.27 26.04 -10.90
C LEU G 60 -21.87 27.18 -11.70
N TYR G 61 -21.44 28.39 -11.38
CA TYR G 61 -21.95 29.60 -12.02
C TYR G 61 -20.79 30.39 -12.61
N ALA G 62 -21.09 31.14 -13.67
CA ALA G 62 -20.06 31.90 -14.33
C ALA G 62 -19.56 33.05 -13.45
N ARG G 63 -18.31 33.45 -13.69
CA ARG G 63 -17.75 34.61 -13.01
C ARG G 63 -18.38 35.91 -13.49
N ARG G 64 -19.22 35.85 -14.51
CA ARG G 64 -19.94 37.02 -14.99
C ARG G 64 -21.15 37.35 -14.13
N PHE G 65 -22.01 36.38 -13.90
CA PHE G 65 -23.24 36.57 -13.14
C PHE G 65 -23.26 35.69 -11.90
N ARG G 66 -22.10 35.52 -11.26
CA ARG G 66 -22.04 34.72 -10.05
C ARG G 66 -22.88 35.37 -8.95
N ASP G 67 -23.35 34.53 -8.03
CA ASP G 67 -23.97 34.83 -6.74
C ASP G 67 -25.09 35.87 -6.86
N ARG G 68 -25.52 36.15 -8.08
CA ARG G 68 -26.73 36.90 -8.36
C ARG G 68 -27.92 36.00 -8.67
N VAL G 69 -27.69 34.70 -8.82
CA VAL G 69 -28.68 33.77 -9.36
C VAL G 69 -28.45 32.42 -8.71
N THR G 70 -29.52 31.62 -8.62
CA THR G 70 -29.39 30.29 -8.05
C THR G 70 -30.13 29.27 -8.91
N MET G 71 -29.70 28.02 -8.80
CA MET G 71 -30.32 26.91 -9.50
C MET G 71 -30.72 25.85 -8.49
N THR G 72 -31.75 25.07 -8.82
CA THR G 72 -32.25 24.07 -7.89
C THR G 72 -32.88 22.91 -8.65
N ARG G 73 -32.62 21.70 -8.17
CA ARG G 73 -33.10 20.46 -8.77
C ARG G 73 -34.34 19.95 -8.06
N ASP G 74 -35.24 19.31 -8.83
CA ASP G 74 -36.40 18.61 -8.28
C ASP G 74 -36.15 17.11 -8.41
N THR G 75 -35.90 16.46 -7.27
CA THR G 75 -35.52 15.06 -7.30
C THR G 75 -36.61 14.18 -7.90
N SER G 76 -37.87 14.42 -7.51
CA SER G 76 -38.99 13.62 -7.98
C SER G 76 -39.64 14.21 -9.22
N THR G 77 -39.82 15.53 -9.26
CA THR G 77 -40.45 16.15 -10.42
C THR G 77 -39.60 15.99 -11.68
N SER G 78 -38.31 15.75 -11.53
CA SER G 78 -37.38 15.65 -12.65
C SER G 78 -37.36 16.94 -13.46
N THR G 79 -37.24 18.05 -12.76
CA THR G 79 -37.25 19.38 -13.37
C THR G 79 -36.24 20.25 -12.65
N VAL G 80 -35.46 21.00 -13.42
CA VAL G 80 -34.47 21.91 -12.86
C VAL G 80 -34.96 23.34 -13.10
N TYR G 81 -34.81 24.19 -12.10
CA TYR G 81 -35.27 25.56 -12.26
C TYR G 81 -34.23 26.54 -11.73
N MET G 82 -34.17 27.70 -12.37
CA MET G 82 -33.23 28.75 -12.01
C MET G 82 -34.03 29.98 -11.61
N GLU G 83 -33.63 30.64 -10.53
CA GLU G 83 -34.23 31.91 -10.16
C GLU G 83 -33.17 33.00 -10.15
N LEU G 84 -33.48 34.10 -10.83
CA LEU G 84 -32.62 35.29 -10.92
C LEU G 84 -33.39 36.49 -10.37
N SER G 85 -32.79 37.19 -9.42
CA SER G 85 -33.50 38.24 -8.68
C SER G 85 -33.13 39.66 -9.10
N SER G 86 -31.84 40.01 -9.06
CA SER G 86 -31.44 41.38 -9.36
C SER G 86 -31.53 41.64 -10.85
N LEU G 87 -32.75 41.68 -11.36
CA LEU G 87 -33.00 41.82 -12.78
C LEU G 87 -32.77 43.26 -13.24
N ARG G 88 -32.33 43.39 -14.49
CA ARG G 88 -32.10 44.68 -15.13
C ARG G 88 -32.46 44.56 -16.61
N SER G 89 -32.44 45.71 -17.29
CA SER G 89 -32.86 45.75 -18.70
C SER G 89 -31.94 44.91 -19.58
N GLU G 90 -30.63 44.96 -19.32
CA GLU G 90 -29.68 44.21 -20.14
C GLU G 90 -29.88 42.70 -20.01
N ASP G 91 -30.56 42.26 -18.95
CA ASP G 91 -30.78 40.84 -18.74
C ASP G 91 -31.93 40.28 -19.57
N THR G 92 -32.69 41.13 -20.24
CA THR G 92 -33.77 40.67 -21.12
C THR G 92 -33.21 39.82 -22.25
N ALA G 93 -33.66 38.57 -22.34
CA ALA G 93 -33.08 37.63 -23.29
C ALA G 93 -34.00 36.42 -23.44
N VAL G 94 -33.48 35.38 -24.07
CA VAL G 94 -34.14 34.10 -24.22
C VAL G 94 -33.23 33.08 -23.56
N TYR G 95 -33.71 32.46 -22.48
CA TYR G 95 -32.96 31.44 -21.77
C TYR G 95 -33.21 30.08 -22.39
N PHE G 96 -32.16 29.26 -22.43
CA PHE G 96 -32.18 27.95 -23.04
C PHE G 96 -31.59 26.90 -22.10
N CYS G 97 -32.16 25.71 -22.15
CA CYS G 97 -31.65 24.55 -21.43
C CYS G 97 -30.63 23.82 -22.29
N GLY G 98 -29.89 22.91 -21.66
CA GLY G 98 -28.97 22.08 -22.39
C GLY G 98 -28.67 20.80 -21.65
N ARG G 99 -28.74 19.68 -22.35
CA ARG G 99 -28.52 18.36 -21.75
C ARG G 99 -27.14 17.87 -22.17
N LEU G 100 -26.18 18.02 -21.27
CA LEU G 100 -24.80 17.61 -21.52
C LEU G 100 -24.50 16.38 -20.69
N TYR G 101 -23.88 15.38 -21.32
CA TYR G 101 -23.51 14.18 -20.60
C TYR G 101 -22.39 14.51 -19.61
N SER G 102 -22.61 14.20 -18.34
CA SER G 102 -21.55 14.35 -17.36
C SER G 102 -20.37 13.44 -17.68
N GLY G 103 -20.62 12.32 -18.35
CA GLY G 103 -19.55 11.39 -18.64
C GLY G 103 -18.52 11.95 -19.60
N ALA G 104 -18.97 12.61 -20.67
CA ALA G 104 -18.04 13.11 -21.66
C ALA G 104 -18.71 14.26 -22.40
N PRO G 105 -17.95 15.25 -22.86
CA PRO G 105 -18.56 16.33 -23.62
C PRO G 105 -18.96 15.88 -25.02
N TYR G 106 -19.97 15.02 -25.08
CA TYR G 106 -20.49 14.49 -26.34
C TYR G 106 -21.45 15.45 -27.01
N GLY G 107 -21.48 16.71 -26.60
CA GLY G 107 -22.38 17.68 -27.17
C GLY G 107 -23.71 17.74 -26.45
N LEU G 108 -24.48 18.77 -26.79
CA LEU G 108 -25.78 19.03 -26.16
C LEU G 108 -26.88 18.46 -27.04
N ASP G 109 -27.59 17.47 -26.51
CA ASP G 109 -28.55 16.71 -27.33
C ASP G 109 -29.72 17.58 -27.78
N VAL G 110 -30.37 18.27 -26.84
CA VAL G 110 -31.59 18.99 -27.14
C VAL G 110 -31.74 20.12 -26.15
N TRP G 111 -32.32 21.22 -26.60
CA TRP G 111 -32.46 22.41 -25.78
C TRP G 111 -33.93 22.74 -25.60
N GLY G 112 -34.21 23.62 -24.65
CA GLY G 112 -35.53 24.17 -24.45
C GLY G 112 -35.66 25.54 -25.09
N GLN G 113 -36.65 26.30 -24.61
CA GLN G 113 -36.83 27.69 -25.04
C GLN G 113 -37.67 28.42 -24.00
N GLY G 114 -37.18 29.55 -23.51
CA GLY G 114 -37.95 30.36 -22.58
C GLY G 114 -37.60 31.83 -22.75
N SER G 115 -38.59 32.70 -22.55
CA SER G 115 -38.40 34.12 -22.76
C SER G 115 -38.27 34.86 -21.44
N THR G 116 -37.61 36.02 -21.47
CA THR G 116 -37.50 36.87 -20.28
C THR G 116 -37.33 38.32 -20.72
N VAL G 117 -38.20 39.19 -20.22
CA VAL G 117 -38.17 40.62 -20.53
C VAL G 117 -38.18 41.40 -19.23
N THR G 118 -37.34 42.43 -19.15
CA THR G 118 -37.31 43.30 -17.99
C THR G 118 -38.32 44.43 -18.15
N ASP G 142 -10.54 32.17 -18.62
CA ASP G 142 -11.33 32.57 -19.78
C ASP G 142 -10.69 32.07 -21.08
N ILE G 143 -11.52 31.63 -22.02
CA ILE G 143 -11.04 31.13 -23.31
C ILE G 143 -11.76 31.94 -24.38
N VAL G 144 -11.12 33.03 -24.82
CA VAL G 144 -11.71 33.88 -25.82
C VAL G 144 -11.68 33.18 -27.17
N MET G 145 -12.82 33.15 -27.84
CA MET G 145 -12.95 32.47 -29.12
C MET G 145 -13.60 33.41 -30.13
N THR G 146 -13.20 33.25 -31.39
CA THR G 146 -13.68 34.12 -32.46
C THR G 146 -13.95 33.31 -33.72
N GLN G 147 -14.74 33.89 -34.61
CA GLN G 147 -15.10 33.30 -35.88
C GLN G 147 -14.74 34.25 -37.02
N SER G 148 -14.41 33.68 -38.18
CA SER G 148 -13.84 34.48 -39.28
C SER G 148 -14.86 35.35 -40.01
N PRO G 149 -15.90 34.78 -40.64
CA PRO G 149 -16.75 35.62 -41.52
C PRO G 149 -17.64 36.57 -40.74
N LEU G 150 -18.34 36.04 -39.73
CA LEU G 150 -19.32 36.74 -38.91
C LEU G 150 -20.57 37.06 -39.72
N SER G 151 -20.50 36.81 -41.03
CA SER G 151 -21.59 36.98 -41.97
C SER G 151 -21.11 36.43 -43.30
N LEU G 152 -21.98 35.70 -43.99
CA LEU G 152 -21.52 35.08 -45.21
C LEU G 152 -22.68 34.93 -46.20
N PRO G 153 -22.69 35.71 -47.28
CA PRO G 153 -23.70 35.50 -48.34
C PRO G 153 -23.53 34.13 -48.97
N VAL G 154 -24.67 33.50 -49.27
CA VAL G 154 -24.67 32.11 -49.72
C VAL G 154 -25.47 31.99 -51.02
N THR G 155 -25.17 30.93 -51.77
CA THR G 155 -25.84 30.58 -53.00
C THR G 155 -26.12 29.09 -52.99
N PRO G 156 -27.32 28.67 -53.38
CA PRO G 156 -27.67 27.24 -53.33
C PRO G 156 -26.79 26.40 -54.23
N GLY G 157 -26.63 25.14 -53.84
CA GLY G 157 -25.78 24.20 -54.56
C GLY G 157 -24.30 24.53 -54.47
N GLU G 158 -23.83 24.95 -53.29
CA GLU G 158 -22.45 25.36 -53.09
C GLU G 158 -21.97 24.84 -51.74
N PRO G 159 -20.70 24.50 -51.63
CA PRO G 159 -20.10 24.26 -50.31
C PRO G 159 -19.82 25.57 -49.59
N ALA G 160 -19.65 25.47 -48.28
CA ALA G 160 -19.37 26.63 -47.46
C ALA G 160 -18.38 26.25 -46.36
N SER G 161 -17.67 27.24 -45.83
CA SER G 161 -16.69 27.01 -44.78
C SER G 161 -16.71 28.15 -43.78
N ILE G 162 -16.64 27.81 -42.50
CA ILE G 162 -16.57 28.79 -41.41
C ILE G 162 -15.45 28.38 -40.46
N SER G 163 -14.60 29.33 -40.11
CA SER G 163 -13.44 29.06 -39.27
C SER G 163 -13.68 29.60 -37.86
N CYS G 164 -13.11 28.91 -36.88
CA CYS G 164 -13.25 29.27 -35.48
C CYS G 164 -11.90 29.07 -34.80
N ARG G 165 -11.43 30.09 -34.09
CA ARG G 165 -10.13 30.03 -33.45
C ARG G 165 -10.25 30.41 -31.97
N SER G 166 -9.33 29.87 -31.18
CA SER G 166 -9.35 30.04 -29.73
C SER G 166 -7.97 30.47 -29.24
N SER G 167 -7.97 31.10 -28.07
CA SER G 167 -6.71 31.57 -27.49
C SER G 167 -5.83 30.41 -27.06
N GLN G 168 -6.40 29.42 -26.39
CA GLN G 168 -5.63 28.30 -25.87
C GLN G 168 -5.86 27.05 -26.72
N SER G 169 -4.82 26.25 -26.84
CA SER G 169 -4.93 25.02 -27.62
C SER G 169 -5.99 24.11 -27.03
N LEU G 170 -6.79 23.51 -27.90
CA LEU G 170 -7.88 22.62 -27.52
C LEU G 170 -7.56 21.16 -27.80
N LEU G 171 -6.28 20.82 -27.90
CA LEU G 171 -5.83 19.43 -28.06
C LEU G 171 -5.67 18.84 -26.67
N HIS G 172 -6.78 18.33 -26.13
CA HIS G 172 -6.74 17.69 -24.83
C HIS G 172 -5.89 16.42 -24.92
N SER G 173 -5.28 16.05 -23.78
CA SER G 173 -4.34 14.93 -23.74
C SER G 173 -4.90 13.66 -24.38
N ASN G 174 -6.22 13.56 -24.48
CA ASN G 174 -6.84 12.42 -25.14
C ASN G 174 -6.48 12.34 -26.61
N GLY G 175 -6.13 13.47 -27.22
CA GLY G 175 -6.01 13.58 -28.65
C GLY G 175 -7.26 14.09 -29.33
N TYR G 176 -8.38 14.16 -28.61
CA TYR G 176 -9.60 14.72 -29.15
C TYR G 176 -9.56 16.24 -29.10
N ASN G 177 -10.60 16.85 -29.67
CA ASN G 177 -10.76 18.30 -29.70
C ASN G 177 -12.10 18.64 -29.06
N TYR G 178 -12.06 19.29 -27.90
CA TYR G 178 -13.29 19.67 -27.21
C TYR G 178 -13.91 20.92 -27.86
N VAL G 179 -14.25 20.76 -29.13
CA VAL G 179 -14.84 21.83 -29.93
C VAL G 179 -16.19 21.37 -30.45
N ASP G 180 -17.17 22.26 -30.38
CA ASP G 180 -18.53 21.97 -30.81
C ASP G 180 -19.00 23.04 -31.76
N TRP G 181 -19.92 22.66 -32.65
CA TRP G 181 -20.64 23.63 -33.48
C TRP G 181 -22.12 23.31 -33.42
N TYR G 182 -22.92 24.36 -33.24
CA TYR G 182 -24.37 24.26 -33.23
C TYR G 182 -24.94 25.23 -34.25
N LEU G 183 -26.10 24.88 -34.81
CA LEU G 183 -26.85 25.82 -35.63
C LEU G 183 -28.10 26.27 -34.88
N GLN G 184 -28.44 27.52 -35.09
CA GLN G 184 -29.71 28.10 -34.68
C GLN G 184 -30.47 28.46 -35.95
N LYS G 185 -31.57 27.77 -36.19
CA LYS G 185 -32.45 28.12 -37.28
C LYS G 185 -33.07 29.49 -36.99
N PRO G 186 -33.49 30.22 -38.02
CA PRO G 186 -34.08 31.55 -37.80
C PRO G 186 -35.23 31.53 -36.80
N GLY G 187 -35.02 32.16 -35.65
CA GLY G 187 -36.04 32.18 -34.62
C GLY G 187 -36.39 30.81 -34.08
N GLN G 188 -35.40 29.97 -33.82
CA GLN G 188 -35.62 28.62 -33.35
C GLN G 188 -34.60 28.28 -32.27
N SER G 189 -34.92 27.27 -31.48
CA SER G 189 -33.99 26.76 -30.49
C SER G 189 -32.80 26.11 -31.19
N PRO G 190 -31.60 26.24 -30.65
CA PRO G 190 -30.41 25.74 -31.34
C PRO G 190 -30.39 24.21 -31.45
N GLN G 191 -29.63 23.74 -32.44
CA GLN G 191 -29.49 22.32 -32.73
C GLN G 191 -28.03 21.92 -32.71
N LEU G 192 -27.77 20.67 -32.33
CA LEU G 192 -26.41 20.16 -32.22
C LEU G 192 -25.92 19.67 -33.58
N LEU G 193 -24.81 20.25 -34.06
CA LEU G 193 -24.23 19.85 -35.33
C LEU G 193 -23.02 18.94 -35.18
N ILE G 194 -21.97 19.41 -34.55
CA ILE G 194 -20.70 18.70 -34.51
C ILE G 194 -20.16 18.70 -33.09
N TYR G 195 -19.73 17.54 -32.61
CA TYR G 195 -19.11 17.40 -31.31
C TYR G 195 -17.80 16.63 -31.43
N LEU G 196 -16.87 16.96 -30.55
CA LEU G 196 -15.59 16.26 -30.45
C LEU G 196 -14.84 16.28 -31.78
N GLY G 197 -14.73 17.47 -32.36
CA GLY G 197 -13.92 17.64 -33.55
C GLY G 197 -14.61 17.29 -34.85
N SER G 198 -14.80 15.99 -35.11
CA SER G 198 -15.30 15.58 -36.41
C SER G 198 -16.35 14.47 -36.35
N SER G 199 -16.93 14.20 -35.18
CA SER G 199 -17.95 13.17 -35.03
C SER G 199 -19.31 13.83 -34.98
N ARG G 200 -20.04 13.78 -36.09
CA ARG G 200 -21.35 14.40 -36.16
C ARG G 200 -22.35 13.58 -35.34
N ALA G 201 -23.42 14.25 -34.94
CA ALA G 201 -24.47 13.61 -34.16
C ALA G 201 -25.49 12.95 -35.08
N SER G 202 -26.25 12.02 -34.51
CA SER G 202 -27.30 11.34 -35.27
C SER G 202 -28.40 12.32 -35.64
N GLY G 203 -28.90 12.18 -36.87
CA GLY G 203 -29.90 13.08 -37.39
C GLY G 203 -29.34 14.25 -38.18
N VAL G 204 -28.03 14.43 -38.19
CA VAL G 204 -27.38 15.48 -38.98
C VAL G 204 -26.90 14.86 -40.29
N PRO G 205 -27.30 15.41 -41.43
CA PRO G 205 -26.86 14.83 -42.72
C PRO G 205 -25.35 14.91 -42.88
N ASP G 206 -24.85 14.12 -43.83
CA ASP G 206 -23.40 14.04 -44.03
C ASP G 206 -22.79 15.33 -44.55
N ARG G 207 -23.62 16.26 -45.03
CA ARG G 207 -23.08 17.50 -45.57
C ARG G 207 -22.35 18.32 -44.52
N PHE G 208 -22.61 18.07 -43.24
CA PHE G 208 -22.07 18.88 -42.15
C PHE G 208 -20.87 18.16 -41.53
N SER G 209 -19.68 18.51 -41.99
CA SER G 209 -18.44 17.92 -41.50
C SER G 209 -17.52 19.02 -40.98
N GLY G 210 -16.94 18.78 -39.81
CA GLY G 210 -16.02 19.74 -39.23
C GLY G 210 -14.64 19.18 -38.98
N SER G 211 -13.62 19.91 -39.41
CA SER G 211 -12.23 19.49 -39.24
C SER G 211 -11.50 20.51 -38.39
N GLY G 212 -10.26 20.19 -38.05
CA GLY G 212 -9.43 21.12 -37.31
C GLY G 212 -8.37 20.39 -36.52
N SER G 213 -7.45 21.17 -35.96
CA SER G 213 -6.37 20.61 -35.17
C SER G 213 -5.80 21.70 -34.26
N GLY G 214 -5.86 21.48 -32.96
CA GLY G 214 -5.23 22.37 -32.01
C GLY G 214 -5.93 23.71 -31.84
N THR G 215 -5.28 24.79 -32.26
CA THR G 215 -5.82 26.12 -32.05
C THR G 215 -6.97 26.44 -33.01
N ASP G 216 -6.82 26.06 -34.28
CA ASP G 216 -7.76 26.46 -35.32
C ASP G 216 -8.69 25.30 -35.67
N PHE G 217 -9.95 25.63 -35.98
CA PHE G 217 -10.89 24.63 -36.46
C PHE G 217 -11.77 25.26 -37.53
N THR G 218 -12.50 24.42 -38.26
CA THR G 218 -13.43 24.91 -39.25
C THR G 218 -14.54 23.89 -39.43
N LEU G 219 -15.69 24.39 -39.87
CA LEU G 219 -16.83 23.58 -40.28
C LEU G 219 -17.05 23.84 -41.75
N LYS G 220 -17.03 22.79 -42.56
CA LYS G 220 -17.20 22.91 -43.99
C LYS G 220 -18.45 22.14 -44.40
N ILE G 221 -19.51 22.88 -44.70
CA ILE G 221 -20.69 22.26 -45.27
C ILE G 221 -20.35 21.82 -46.69
N SER G 222 -20.40 20.51 -46.93
CA SER G 222 -20.04 19.98 -48.24
C SER G 222 -20.89 20.58 -49.34
N ARG G 223 -22.15 20.88 -49.04
CA ARG G 223 -22.99 21.62 -49.98
C ARG G 223 -24.13 22.23 -49.18
N VAL G 224 -24.15 23.56 -49.06
CA VAL G 224 -25.19 24.20 -48.28
C VAL G 224 -26.50 24.11 -49.07
N GLU G 225 -27.39 23.25 -48.60
CA GLU G 225 -28.70 23.14 -49.22
C GLU G 225 -29.54 24.36 -48.86
N THR G 226 -30.49 24.67 -49.73
CA THR G 226 -31.35 25.83 -49.51
C THR G 226 -32.11 25.72 -48.18
N GLU G 227 -32.36 24.50 -47.72
CA GLU G 227 -33.09 24.31 -46.48
C GLU G 227 -32.29 24.83 -45.28
N ASP G 228 -31.07 24.34 -45.11
CA ASP G 228 -30.33 24.56 -43.87
C ASP G 228 -29.61 25.90 -43.92
N VAL G 229 -30.21 26.92 -43.29
CA VAL G 229 -29.62 28.24 -43.12
C VAL G 229 -29.88 28.69 -41.70
N GLY G 230 -29.08 29.66 -41.25
CA GLY G 230 -29.25 30.21 -39.92
C GLY G 230 -27.92 30.66 -39.35
N ILE G 231 -27.85 30.74 -38.03
CA ILE G 231 -26.65 31.18 -37.34
C ILE G 231 -25.87 29.97 -36.87
N TYR G 232 -24.54 30.09 -36.85
CA TYR G 232 -23.66 29.00 -36.46
C TYR G 232 -22.80 29.46 -35.29
N TYR G 233 -22.67 28.61 -34.28
CA TYR G 233 -21.97 28.95 -33.06
C TYR G 233 -20.92 27.88 -32.74
N CYS G 234 -19.77 28.35 -32.26
CA CYS G 234 -18.61 27.52 -31.96
C CYS G 234 -18.42 27.51 -30.45
N MET G 235 -18.17 26.33 -29.90
CA MET G 235 -18.24 26.08 -28.47
C MET G 235 -17.01 25.32 -28.02
N GLN G 236 -16.57 25.58 -26.79
CA GLN G 236 -15.47 24.86 -26.18
C GLN G 236 -15.91 24.26 -24.85
N GLY G 237 -15.29 23.15 -24.49
CA GLY G 237 -15.59 22.52 -23.22
C GLY G 237 -14.34 22.17 -22.43
N LEU G 238 -13.19 22.62 -22.92
CA LEU G 238 -11.93 22.24 -22.29
C LEU G 238 -11.83 22.78 -20.87
N GLN G 239 -12.21 24.05 -20.67
CA GLN G 239 -12.02 24.69 -19.38
C GLN G 239 -13.20 25.60 -19.08
N THR G 240 -13.81 25.39 -17.91
CA THR G 240 -14.80 26.32 -17.40
C THR G 240 -14.10 27.57 -16.84
N PRO G 241 -14.73 28.75 -16.95
CA PRO G 241 -16.06 29.05 -17.48
C PRO G 241 -16.18 28.80 -18.97
N LEU G 242 -17.19 28.00 -19.32
CA LEU G 242 -17.43 27.66 -20.71
C LEU G 242 -17.79 28.90 -21.49
N THR G 243 -17.32 28.97 -22.73
CA THR G 243 -17.45 30.18 -23.53
C THR G 243 -18.01 29.86 -24.91
N PHE G 244 -18.61 30.87 -25.52
CA PHE G 244 -19.20 30.76 -26.84
C PHE G 244 -18.58 31.78 -27.78
N GLY G 245 -18.63 31.47 -29.08
CA GLY G 245 -18.11 32.34 -30.11
C GLY G 245 -19.13 33.38 -30.56
N GLY G 246 -18.72 34.16 -31.56
CA GLY G 246 -19.59 35.21 -32.06
C GLY G 246 -20.77 34.67 -32.85
N GLY G 247 -20.51 33.81 -33.80
CA GLY G 247 -21.57 33.26 -34.64
C GLY G 247 -21.47 33.78 -36.07
N THR G 248 -21.77 32.91 -37.03
CA THR G 248 -21.66 33.22 -38.44
C THR G 248 -22.97 32.89 -39.14
N LYS G 249 -23.40 33.77 -40.05
CA LYS G 249 -24.67 33.61 -40.74
C LYS G 249 -24.49 32.78 -42.00
N VAL G 250 -25.49 31.97 -42.32
CA VAL G 250 -25.50 31.19 -43.53
C VAL G 250 -26.93 31.11 -44.05
N VAL H 2 10.91 32.81 29.74
CA VAL H 2 12.35 32.66 29.76
C VAL H 2 12.85 32.50 31.19
N GLN H 3 12.34 33.35 32.08
CA GLN H 3 12.71 33.29 33.48
C GLN H 3 12.04 32.10 34.15
N LEU H 4 12.82 31.35 34.93
CA LEU H 4 12.36 30.20 35.68
C LEU H 4 12.59 30.43 37.16
N VAL H 5 11.63 30.00 37.99
CA VAL H 5 11.78 30.08 39.43
C VAL H 5 11.36 28.75 40.02
N GLN H 6 11.73 28.54 41.28
CA GLN H 6 11.29 27.33 41.97
C GLN H 6 11.11 27.63 43.45
N SER H 7 10.56 26.65 44.16
CA SER H 7 10.29 26.80 45.57
C SER H 7 11.58 27.05 46.35
N GLY H 8 11.48 27.87 47.39
CA GLY H 8 12.63 28.16 48.21
C GLY H 8 13.09 26.95 49.00
N ALA H 9 14.25 27.10 49.62
CA ALA H 9 14.85 26.01 50.38
C ALA H 9 13.95 25.65 51.57
N GLU H 10 13.77 24.35 51.77
CA GLU H 10 12.97 23.82 52.87
C GLU H 10 13.80 22.81 53.66
N VAL H 11 13.40 22.59 54.90
CA VAL H 11 14.11 21.70 55.82
C VAL H 11 13.13 20.67 56.34
N LYS H 12 13.54 19.41 56.33
CA LYS H 12 12.71 18.33 56.85
C LYS H 12 13.62 17.24 57.39
N LYS H 13 13.03 16.34 58.18
CA LYS H 13 13.71 15.18 58.72
C LYS H 13 13.28 13.92 57.97
N PRO H 14 14.10 12.87 58.00
CA PRO H 14 13.84 11.69 57.16
C PRO H 14 12.52 11.01 57.51
N GLY H 15 12.19 10.01 56.69
CA GLY H 15 10.96 9.28 56.87
C GLY H 15 9.73 10.02 56.41
N ALA H 16 9.90 11.06 55.60
CA ALA H 16 8.75 11.81 55.11
C ALA H 16 9.05 12.28 53.68
N SER H 17 8.18 13.15 53.17
CA SER H 17 8.21 13.56 51.78
C SER H 17 8.57 15.03 51.65
N VAL H 18 9.32 15.35 50.62
CA VAL H 18 9.61 16.72 50.21
C VAL H 18 8.91 17.01 48.89
N LYS H 19 8.27 18.17 48.80
CA LYS H 19 7.47 18.52 47.65
C LYS H 19 7.92 19.89 47.17
N VAL H 20 8.28 19.99 45.88
CA VAL H 20 8.87 21.21 45.35
C VAL H 20 8.19 21.52 44.02
N SER H 21 8.29 22.78 43.59
CA SER H 21 7.71 23.22 42.33
C SER H 21 8.73 24.02 41.54
N CYS H 22 8.52 24.04 40.22
CA CYS H 22 9.35 24.81 39.30
C CYS H 22 8.42 25.60 38.38
N ARG H 23 8.19 26.87 38.71
CA ARG H 23 7.30 27.72 37.93
C ARG H 23 8.03 28.31 36.73
N THR H 24 7.32 28.34 35.60
CA THR H 24 7.85 28.74 34.31
C THR H 24 7.15 30.00 33.82
N SER H 25 7.77 30.66 32.84
CA SER H 25 7.20 31.85 32.23
C SER H 25 7.95 32.15 30.94
N GLY H 26 7.22 32.67 29.96
CA GLY H 26 7.84 33.21 28.77
C GLY H 26 8.05 32.25 27.63
N TYR H 27 7.40 31.10 27.62
CA TYR H 27 7.57 30.16 26.52
C TYR H 27 6.36 29.25 26.47
N THR H 28 6.23 28.54 25.35
CA THR H 28 5.16 27.56 25.19
C THR H 28 5.39 26.43 26.17
N PHE H 29 4.54 26.35 27.19
CA PHE H 29 4.80 25.47 28.31
C PHE H 29 4.94 24.01 27.87
N SER H 30 4.06 23.56 26.99
CA SER H 30 4.06 22.15 26.61
C SER H 30 5.26 21.79 25.74
N SER H 31 5.89 22.78 25.11
CA SER H 31 6.90 22.49 24.09
C SER H 31 8.17 21.89 24.69
N TYR H 32 8.59 22.37 25.85
CA TYR H 32 9.92 22.06 26.38
C TYR H 32 9.86 21.01 27.48
N ASN H 33 10.78 20.04 27.40
CA ASN H 33 10.98 19.13 28.50
C ASN H 33 11.66 19.84 29.66
N ILE H 34 11.31 19.42 30.87
CA ILE H 34 11.95 19.91 32.08
C ILE H 34 12.73 18.76 32.69
N HIS H 35 14.03 18.97 32.87
CA HIS H 35 14.90 18.00 33.49
C HIS H 35 15.19 18.45 34.92
N TRP H 36 14.92 17.59 35.87
CA TRP H 36 15.27 17.83 37.26
C TRP H 36 16.63 17.22 37.54
N VAL H 37 17.47 18.00 38.24
CA VAL H 37 18.84 17.64 38.53
C VAL H 37 19.13 17.91 40.00
N ARG H 38 19.92 17.03 40.62
CA ARG H 38 20.27 17.10 42.03
C ARG H 38 21.76 17.37 42.15
N GLN H 39 22.12 18.35 42.98
CA GLN H 39 23.52 18.71 43.21
C GLN H 39 23.82 18.62 44.71
N ALA H 40 24.51 17.56 45.10
CA ALA H 40 25.08 17.51 46.43
C ALA H 40 26.26 18.49 46.49
N PRO H 41 26.47 19.14 47.63
CA PRO H 41 27.55 20.15 47.72
C PRO H 41 28.91 19.55 47.42
N GLY H 42 29.50 19.97 46.30
CA GLY H 42 30.81 19.50 45.88
C GLY H 42 30.82 18.16 45.18
N GLN H 43 29.66 17.56 44.92
CA GLN H 43 29.59 16.24 44.29
C GLN H 43 29.17 16.31 42.83
N GLY H 44 29.16 17.49 42.23
CA GLY H 44 28.72 17.61 40.85
C GLY H 44 27.21 17.65 40.73
N LEU H 45 26.72 17.15 39.59
CA LEU H 45 25.29 17.13 39.33
C LEU H 45 24.86 15.72 38.94
N GLU H 46 23.66 15.33 39.36
CA GLU H 46 23.07 14.06 39.00
C GLU H 46 21.67 14.28 38.47
N TRP H 47 21.37 13.64 37.35
CA TRP H 47 20.10 13.84 36.65
C TRP H 47 18.97 13.17 37.42
N MET H 48 18.11 13.97 38.06
CA MET H 48 16.98 13.41 38.78
C MET H 48 15.99 12.76 37.84
N GLY H 49 15.58 13.47 36.79
CA GLY H 49 14.59 12.90 35.89
C GLY H 49 14.16 13.88 34.82
N VAL H 50 13.17 13.46 34.04
CA VAL H 50 12.66 14.26 32.93
C VAL H 50 11.14 14.17 32.87
N ILE H 51 10.51 15.29 32.52
CA ILE H 51 9.07 15.34 32.27
C ILE H 51 8.81 16.24 31.06
N ASN H 52 7.94 15.78 30.16
CA ASN H 52 7.50 16.62 29.06
C ASN H 52 6.03 16.93 29.22
N PRO H 53 5.66 18.18 29.52
CA PRO H 53 4.24 18.50 29.77
C PRO H 53 3.34 18.33 28.56
N TYR H 54 3.91 18.10 27.38
CA TYR H 54 3.11 18.05 26.17
C TYR H 54 2.13 16.87 26.19
N GLY H 55 0.89 17.15 25.79
CA GLY H 55 -0.13 16.12 25.67
C GLY H 55 -0.36 15.41 26.99
N ARG H 56 -0.50 14.09 26.92
CA ARG H 56 -0.53 13.30 28.13
C ARG H 56 0.87 13.25 28.73
N SER H 57 0.99 13.66 29.98
CA SER H 57 2.29 13.80 30.60
C SER H 57 2.98 12.44 30.71
N THR H 58 4.28 12.43 30.43
CA THR H 58 5.10 11.24 30.55
C THR H 58 6.34 11.56 31.35
N THR H 59 6.61 10.75 32.37
CA THR H 59 7.67 11.01 33.32
C THR H 59 8.68 9.87 33.28
N LEU H 60 9.96 10.22 33.27
CA LEU H 60 11.02 9.24 33.38
C LEU H 60 11.93 9.60 34.54
N TYR H 61 12.23 8.63 35.40
CA TYR H 61 13.09 8.83 36.55
C TYR H 61 14.38 8.06 36.38
N ALA H 62 15.41 8.49 37.13
CA ALA H 62 16.65 7.74 37.16
C ALA H 62 16.46 6.42 37.89
N ARG H 63 17.13 5.38 37.40
CA ARG H 63 17.01 4.06 38.02
C ARG H 63 17.53 4.04 39.44
N ARG H 64 18.47 4.92 39.77
CA ARG H 64 18.98 4.97 41.13
C ARG H 64 17.97 5.56 42.10
N PHE H 65 17.04 6.39 41.62
CA PHE H 65 16.08 7.05 42.49
C PHE H 65 14.65 6.75 42.09
N ARG H 66 14.43 5.65 41.37
CA ARG H 66 13.09 5.25 41.01
C ARG H 66 12.32 4.81 42.26
N ASP H 67 10.99 4.88 42.17
CA ASP H 67 10.07 4.51 43.24
C ASP H 67 10.21 5.40 44.46
N ARG H 68 10.97 6.49 44.35
CA ARG H 68 11.09 7.47 45.42
C ARG H 68 10.86 8.89 44.91
N VAL H 69 10.36 9.04 43.69
CA VAL H 69 10.20 10.36 43.09
C VAL H 69 9.02 10.30 42.12
N THR H 70 8.30 11.41 42.03
CA THR H 70 7.25 11.55 41.02
C THR H 70 7.08 13.03 40.72
N MET H 71 7.22 13.40 39.45
CA MET H 71 6.97 14.76 39.01
C MET H 71 5.75 14.76 38.12
N THR H 72 4.95 15.82 38.22
CA THR H 72 3.74 15.95 37.46
C THR H 72 3.50 17.42 37.14
N ARG H 73 3.05 17.70 35.94
CA ARG H 73 2.81 19.06 35.51
C ARG H 73 1.32 19.37 35.58
N ASP H 74 1.01 20.63 35.88
CA ASP H 74 -0.33 21.16 35.71
C ASP H 74 -0.28 22.36 34.79
N THR H 75 -1.18 22.40 33.81
CA THR H 75 -1.15 23.42 32.78
C THR H 75 -1.98 24.64 33.11
N SER H 76 -2.81 24.57 34.16
CA SER H 76 -3.59 25.75 34.55
C SER H 76 -2.67 26.89 34.95
N THR H 77 -1.75 26.62 35.88
CA THR H 77 -0.73 27.58 36.26
C THR H 77 0.62 27.26 35.65
N SER H 78 0.70 26.23 34.80
CA SER H 78 1.92 25.91 34.05
C SER H 78 3.09 25.66 34.99
N THR H 79 2.90 24.73 35.93
CA THR H 79 3.90 24.46 36.95
C THR H 79 4.12 22.97 37.09
N VAL H 80 5.38 22.58 37.28
CA VAL H 80 5.76 21.19 37.46
C VAL H 80 6.14 20.96 38.91
N TYR H 81 5.55 19.93 39.50
CA TYR H 81 5.76 19.60 40.90
C TYR H 81 6.52 18.28 41.02
N MET H 82 7.54 18.26 41.87
CA MET H 82 8.36 17.08 42.09
C MET H 82 8.23 16.64 43.54
N GLU H 83 8.01 15.33 43.75
CA GLU H 83 7.84 14.78 45.08
C GLU H 83 8.86 13.68 45.33
N LEU H 84 9.55 13.76 46.47
CA LEU H 84 10.49 12.74 46.91
C LEU H 84 10.05 12.17 48.24
N SER H 85 10.32 10.87 48.42
CA SER H 85 9.90 10.15 49.61
C SER H 85 11.06 9.33 50.15
N SER H 86 11.00 9.05 51.46
CA SER H 86 12.04 8.31 52.16
C SER H 86 13.41 8.97 51.98
N LEU H 87 13.50 10.20 52.47
CA LEU H 87 14.68 11.03 52.26
C LEU H 87 15.83 10.55 53.13
N ARG H 88 16.84 9.96 52.51
CA ARG H 88 18.04 9.55 53.24
C ARG H 88 18.83 10.79 53.66
N SER H 89 19.85 10.56 54.49
CA SER H 89 20.68 11.66 54.95
C SER H 89 21.44 12.30 53.80
N GLU H 90 21.95 11.49 52.87
CA GLU H 90 22.70 12.02 51.74
C GLU H 90 21.86 12.86 50.80
N ASP H 91 20.54 12.77 50.89
CA ASP H 91 19.67 13.42 49.93
C ASP H 91 19.68 14.94 50.03
N THR H 92 20.25 15.50 51.11
CA THR H 92 20.36 16.94 51.24
C THR H 92 21.19 17.51 50.09
N ALA H 93 20.57 18.29 49.23
CA ALA H 93 21.23 18.78 48.03
C ALA H 93 20.38 19.91 47.44
N VAL H 94 20.98 20.62 46.51
CA VAL H 94 20.29 21.70 45.81
C VAL H 94 19.59 21.10 44.59
N TYR H 95 18.44 21.68 44.21
CA TYR H 95 17.59 21.12 43.18
C TYR H 95 17.49 22.11 42.02
N PHE H 96 17.56 21.60 40.80
CA PHE H 96 17.52 22.44 39.60
C PHE H 96 16.52 21.90 38.59
N CYS H 97 15.85 22.81 37.89
CA CYS H 97 14.93 22.44 36.82
C CYS H 97 15.33 23.17 35.54
N GLY H 98 15.47 22.41 34.45
CA GLY H 98 15.87 22.94 33.18
C GLY H 98 14.71 23.08 32.19
N ARG H 99 15.04 23.55 31.00
CA ARG H 99 14.06 23.82 29.95
C ARG H 99 14.58 23.30 28.62
N LEU H 100 14.98 22.03 28.60
CA LEU H 100 15.53 21.46 27.37
C LEU H 100 14.46 21.40 26.29
N TYR H 101 14.88 21.55 25.04
CA TYR H 101 13.95 21.62 23.92
C TYR H 101 13.62 20.20 23.47
N SER H 102 12.33 19.87 23.45
CA SER H 102 11.89 18.56 22.99
C SER H 102 12.34 18.29 21.57
N GLY H 103 12.51 19.33 20.77
CA GLY H 103 12.93 19.15 19.39
C GLY H 103 14.27 18.47 19.26
N ALA H 104 15.33 19.14 19.67
CA ALA H 104 16.69 18.62 19.55
C ALA H 104 17.44 18.97 20.81
N PRO H 105 18.50 18.21 21.13
CA PRO H 105 19.34 18.61 22.25
C PRO H 105 19.95 19.98 22.03
N TYR H 106 19.50 20.95 22.84
CA TYR H 106 19.96 22.32 22.75
C TYR H 106 20.41 22.80 24.11
N GLY H 107 20.89 21.88 24.94
CA GLY H 107 21.34 22.27 26.25
C GLY H 107 20.19 22.63 27.17
N LEU H 108 20.57 23.27 28.28
CA LEU H 108 19.64 23.75 29.29
C LEU H 108 19.99 25.21 29.55
N ASP H 109 19.43 26.11 28.73
CA ASP H 109 19.85 27.51 28.80
C ASP H 109 19.44 28.14 30.13
N VAL H 110 18.23 27.87 30.59
CA VAL H 110 17.68 28.47 31.80
C VAL H 110 17.59 27.42 32.89
N TRP H 111 17.78 27.87 34.13
CA TRP H 111 17.80 26.99 35.29
C TRP H 111 17.09 27.67 36.44
N GLY H 112 17.02 26.96 37.57
CA GLY H 112 16.42 27.47 38.78
C GLY H 112 17.38 27.50 39.95
N GLN H 113 16.86 27.83 41.15
CA GLN H 113 17.65 27.91 42.38
C GLN H 113 16.80 27.41 43.53
N GLY H 114 17.15 26.27 44.10
CA GLY H 114 16.42 25.75 45.24
C GLY H 114 17.03 24.53 45.88
N SER H 115 17.08 24.48 47.20
CA SER H 115 17.74 23.41 47.92
C SER H 115 16.80 22.81 48.96
N THR H 116 17.29 21.78 49.65
CA THR H 116 16.57 21.13 50.74
C THR H 116 17.58 20.63 51.75
N VAL H 117 17.12 20.45 52.98
CA VAL H 117 17.97 19.98 54.09
C VAL H 117 17.29 18.80 54.76
N THR H 118 18.05 17.73 54.98
CA THR H 118 17.53 16.55 55.66
C THR H 118 18.30 16.25 56.95
N ASP H 142 24.85 2.26 30.95
CA ASP H 142 25.09 3.69 31.05
C ASP H 142 26.34 4.09 30.27
N ILE H 143 26.54 5.40 30.12
CA ILE H 143 27.72 5.94 29.45
C ILE H 143 28.51 6.74 30.48
N VAL H 144 29.48 6.09 31.11
CA VAL H 144 30.31 6.76 32.11
C VAL H 144 31.17 7.81 31.44
N MET H 145 31.39 8.92 32.11
CA MET H 145 32.21 10.01 31.58
C MET H 145 33.20 10.46 32.64
N THR H 146 34.38 10.90 32.18
CA THR H 146 35.47 11.24 33.08
C THR H 146 36.03 12.61 32.72
N GLN H 147 36.51 13.30 33.75
CA GLN H 147 37.20 14.58 33.61
C GLN H 147 38.65 14.37 34.03
N SER H 148 39.53 14.16 33.05
CA SER H 148 40.89 13.72 33.39
C SER H 148 41.66 14.78 34.15
N PRO H 149 41.78 16.05 33.69
CA PRO H 149 42.40 17.08 34.54
C PRO H 149 41.41 17.55 35.60
N LEU H 150 41.73 17.29 36.87
CA LEU H 150 40.76 17.54 37.93
C LEU H 150 40.47 19.03 38.09
N SER H 151 41.50 19.87 38.08
CA SER H 151 41.28 21.29 38.31
C SER H 151 42.50 22.06 37.83
N LEU H 152 42.27 23.17 37.13
CA LEU H 152 43.34 23.97 36.55
C LEU H 152 43.15 25.44 36.90
N PRO H 153 43.42 25.83 38.14
CA PRO H 153 43.48 27.25 38.47
C PRO H 153 44.73 27.88 37.86
N VAL H 154 44.54 28.86 37.00
CA VAL H 154 45.64 29.50 36.27
C VAL H 154 45.44 31.01 36.33
N THR H 155 46.56 31.73 36.21
CA THR H 155 46.50 33.17 36.16
C THR H 155 45.73 33.62 34.92
N PRO H 156 44.84 34.62 35.05
CA PRO H 156 44.04 35.04 33.90
C PRO H 156 44.89 35.50 32.73
N GLY H 157 44.38 35.24 31.53
CA GLY H 157 45.11 35.51 30.31
C GLY H 157 45.78 34.31 29.68
N GLU H 158 45.62 33.11 30.26
CA GLU H 158 46.25 31.91 29.75
C GLU H 158 45.19 31.02 29.11
N PRO H 159 45.35 30.64 27.85
CA PRO H 159 44.40 29.68 27.25
C PRO H 159 44.43 28.36 28.01
N ALA H 160 43.26 27.74 28.13
CA ALA H 160 43.15 26.50 28.90
C ALA H 160 42.28 25.52 28.15
N SER H 161 42.45 24.25 28.46
CA SER H 161 41.70 23.18 27.81
C SER H 161 41.18 22.19 28.85
N ILE H 162 40.00 21.68 28.59
CA ILE H 162 39.34 20.72 29.46
C ILE H 162 38.91 19.53 28.63
N SER H 163 39.10 18.33 29.16
CA SER H 163 38.86 17.09 28.42
C SER H 163 37.84 16.23 29.14
N CYS H 164 36.86 15.73 28.37
CA CYS H 164 35.86 14.77 28.82
C CYS H 164 35.97 13.54 27.94
N ARG H 165 35.86 12.36 28.55
CA ARG H 165 35.97 11.11 27.79
C ARG H 165 34.85 10.18 28.21
N SER H 166 34.28 9.48 27.23
CA SER H 166 33.15 8.58 27.45
C SER H 166 33.53 7.17 27.01
N SER H 167 32.90 6.18 27.65
CA SER H 167 33.20 4.79 27.31
C SER H 167 32.78 4.46 25.89
N GLN H 168 31.60 4.91 25.48
CA GLN H 168 31.05 4.59 24.18
C GLN H 168 30.94 5.86 23.35
N SER H 169 31.20 5.74 22.05
CA SER H 169 31.28 6.92 21.18
C SER H 169 29.96 7.67 21.14
N LEU H 170 30.06 9.00 21.15
CA LEU H 170 28.91 9.88 21.10
C LEU H 170 28.57 10.33 19.68
N LEU H 171 29.26 9.80 18.68
CA LEU H 171 28.89 10.09 17.30
C LEU H 171 27.47 9.63 17.01
N HIS H 172 26.74 10.44 16.26
CA HIS H 172 25.38 10.11 15.91
C HIS H 172 25.24 10.06 14.40
N SER H 173 24.23 9.33 13.93
CA SER H 173 24.08 9.09 12.50
C SER H 173 23.96 10.38 11.72
N ASN H 174 23.35 11.41 12.30
CA ASN H 174 23.25 12.69 11.61
C ASN H 174 24.59 13.42 11.55
N GLY H 175 25.57 13.01 12.34
CA GLY H 175 26.88 13.63 12.31
C GLY H 175 27.13 14.67 13.38
N TYR H 176 26.18 14.89 14.28
CA TYR H 176 26.33 15.86 15.36
C TYR H 176 26.63 15.14 16.66
N ASN H 177 27.64 15.62 17.39
CA ASN H 177 27.91 15.11 18.72
C ASN H 177 27.01 15.81 19.73
N TYR H 178 26.29 15.03 20.53
CA TYR H 178 25.34 15.58 21.49
C TYR H 178 25.98 16.04 22.78
N VAL H 179 27.29 16.23 22.79
CA VAL H 179 27.99 16.67 23.99
C VAL H 179 27.54 18.08 24.37
N ASP H 180 27.44 18.33 25.67
CA ASP H 180 27.14 19.64 26.20
C ASP H 180 28.14 20.00 27.29
N TRP H 181 28.33 21.29 27.49
CA TRP H 181 29.21 21.79 28.53
C TRP H 181 28.49 22.88 29.32
N TYR H 182 28.72 22.89 30.63
CA TYR H 182 28.09 23.88 31.49
C TYR H 182 29.10 24.41 32.50
N LEU H 183 28.86 25.64 32.93
CA LEU H 183 29.68 26.31 33.93
C LEU H 183 28.85 26.50 35.20
N GLN H 184 29.39 26.05 36.33
CA GLN H 184 28.75 26.25 37.62
C GLN H 184 29.44 27.43 38.30
N LYS H 185 28.92 28.62 38.00
CA LYS H 185 29.43 29.81 38.66
C LYS H 185 29.21 29.67 40.17
N PRO H 186 30.16 30.10 40.99
CA PRO H 186 30.09 29.81 42.43
C PRO H 186 28.79 30.26 43.06
N GLY H 187 28.12 29.33 43.74
CA GLY H 187 26.87 29.63 44.42
C GLY H 187 25.74 30.07 43.52
N GLN H 188 25.69 29.54 42.30
CA GLN H 188 24.61 29.88 41.37
C GLN H 188 24.21 28.60 40.64
N SER H 189 23.37 28.78 39.64
CA SER H 189 22.87 27.70 38.82
C SER H 189 23.82 27.42 37.67
N PRO H 190 23.76 26.22 37.10
CA PRO H 190 24.58 25.91 35.94
C PRO H 190 24.26 26.85 34.78
N GLN H 191 25.27 27.14 33.98
CA GLN H 191 25.17 28.07 32.87
C GLN H 191 25.65 27.35 31.61
N LEU H 192 24.86 27.43 30.55
CA LEU H 192 25.13 26.67 29.33
C LEU H 192 26.06 27.42 28.39
N LEU H 193 27.17 26.78 27.99
CA LEU H 193 28.18 27.43 27.17
C LEU H 193 28.27 26.83 25.76
N ILE H 194 28.55 25.53 25.67
CA ILE H 194 28.71 24.85 24.39
C ILE H 194 27.67 23.76 24.31
N TYR H 195 26.88 23.77 23.24
CA TYR H 195 25.82 22.79 23.08
C TYR H 195 25.93 22.15 21.71
N LEU H 196 25.64 20.86 21.66
CA LEU H 196 25.52 20.11 20.41
C LEU H 196 26.84 20.19 19.63
N GLY H 197 27.85 19.57 20.21
CA GLY H 197 29.13 19.45 19.55
C GLY H 197 30.03 20.66 19.67
N SER H 198 29.76 21.70 18.88
CA SER H 198 30.59 22.88 18.90
C SER H 198 29.84 24.19 18.76
N SER H 199 28.52 24.18 18.70
CA SER H 199 27.78 25.42 18.53
C SER H 199 27.82 26.24 19.82
N ARG H 200 27.60 27.54 19.68
CA ARG H 200 27.65 28.48 20.78
C ARG H 200 26.27 29.01 21.08
N ALA H 201 25.85 28.92 22.33
CA ALA H 201 24.58 29.47 22.75
C ALA H 201 24.67 30.99 22.84
N SER H 202 23.55 31.66 22.52
CA SER H 202 23.51 33.10 22.62
C SER H 202 23.64 33.54 24.07
N GLY H 203 24.26 34.69 24.26
CA GLY H 203 24.56 35.19 25.59
C GLY H 203 25.85 34.68 26.17
N VAL H 204 26.65 33.96 25.40
CA VAL H 204 27.91 33.37 25.87
C VAL H 204 29.05 34.11 25.18
N PRO H 205 30.08 34.53 25.91
CA PRO H 205 31.23 35.18 25.27
C PRO H 205 31.90 34.25 24.28
N ASP H 206 32.44 34.84 23.22
CA ASP H 206 33.02 34.04 22.13
C ASP H 206 34.31 33.34 22.52
N ARG H 207 34.88 33.65 23.69
CA ARG H 207 36.08 32.95 24.14
C ARG H 207 35.85 31.46 24.34
N PHE H 208 34.60 31.05 24.52
CA PHE H 208 34.26 29.65 24.74
C PHE H 208 34.14 28.93 23.40
N SER H 209 34.87 27.83 23.25
CA SER H 209 34.73 27.02 22.05
C SER H 209 35.22 25.62 22.37
N GLY H 210 34.84 24.66 21.53
CA GLY H 210 35.22 23.29 21.80
C GLY H 210 35.12 22.42 20.57
N SER H 211 35.77 21.27 20.65
CA SER H 211 35.79 20.29 19.58
C SER H 211 35.31 18.94 20.11
N GLY H 212 34.38 18.34 19.38
CA GLY H 212 33.91 17.01 19.69
C GLY H 212 34.23 16.03 18.59
N SER H 213 35.15 15.11 18.86
CA SER H 213 35.57 14.13 17.87
C SER H 213 34.80 12.81 18.00
N GLY H 214 33.84 12.72 18.91
CA GLY H 214 33.01 11.56 19.06
C GLY H 214 33.44 10.59 20.13
N THR H 215 34.69 10.61 20.53
CA THR H 215 35.17 9.78 21.63
C THR H 215 35.78 10.59 22.75
N ASP H 216 36.54 11.62 22.44
CA ASP H 216 37.03 12.58 23.42
C ASP H 216 36.54 13.98 23.04
N PHE H 217 36.20 14.77 24.06
CA PHE H 217 35.56 16.05 23.87
C PHE H 217 36.36 17.11 24.61
N THR H 218 36.83 18.11 23.88
CA THR H 218 37.75 19.08 24.43
C THR H 218 37.14 20.48 24.34
N LEU H 219 37.43 21.30 25.34
CA LEU H 219 37.03 22.69 25.35
C LEU H 219 38.27 23.55 25.46
N LYS H 220 38.40 24.52 24.55
CA LYS H 220 39.50 25.47 24.53
C LYS H 220 38.96 26.85 24.91
N ILE H 221 39.25 27.28 26.14
CA ILE H 221 39.07 28.68 26.49
C ILE H 221 40.28 29.46 26.01
N SER H 222 40.01 30.54 25.28
CA SER H 222 41.08 31.32 24.65
C SER H 222 41.92 32.04 25.69
N ARG H 223 41.29 32.63 26.69
CA ARG H 223 42.00 33.32 27.75
C ARG H 223 41.13 33.29 29.00
N VAL H 224 41.66 32.73 30.08
CA VAL H 224 40.89 32.65 31.32
C VAL H 224 40.63 34.05 31.86
N GLU H 225 39.38 34.33 32.17
CA GLU H 225 38.98 35.59 32.78
C GLU H 225 38.53 35.34 34.21
N THR H 226 38.40 36.43 34.98
CA THR H 226 38.02 36.29 36.37
C THR H 226 36.62 35.70 36.51
N GLU H 227 35.74 35.95 35.53
CA GLU H 227 34.41 35.36 35.57
C GLU H 227 34.43 33.87 35.26
N ASP H 228 35.49 33.38 34.63
CA ASP H 228 35.57 31.97 34.27
C ASP H 228 35.84 31.08 35.47
N VAL H 229 36.05 31.65 36.66
CA VAL H 229 36.22 30.84 37.85
C VAL H 229 34.99 29.98 38.06
N GLY H 230 35.20 28.73 38.45
CA GLY H 230 34.11 27.80 38.63
C GLY H 230 34.41 26.46 38.01
N ILE H 231 33.47 25.52 38.12
CA ILE H 231 33.67 24.15 37.71
C ILE H 231 32.87 23.90 36.44
N TYR H 232 33.50 23.24 35.48
CA TYR H 232 32.90 22.92 34.20
C TYR H 232 32.46 21.46 34.18
N TYR H 233 31.27 21.22 33.65
CA TYR H 233 30.66 19.90 33.61
C TYR H 233 30.39 19.51 32.17
N CYS H 234 30.67 18.25 31.85
CA CYS H 234 30.34 17.71 30.54
C CYS H 234 29.10 16.82 30.64
N MET H 235 28.32 16.84 29.56
CA MET H 235 27.00 16.21 29.50
C MET H 235 26.88 15.41 28.22
N GLN H 236 26.31 14.22 28.32
CA GLN H 236 25.95 13.42 27.17
C GLN H 236 24.43 13.41 27.04
N GLY H 237 23.94 13.64 25.83
CA GLY H 237 22.52 13.68 25.59
C GLY H 237 22.04 12.56 24.70
N LEU H 238 22.97 11.69 24.30
CA LEU H 238 22.62 10.63 23.34
C LEU H 238 21.67 9.62 23.96
N GLN H 239 21.92 9.18 25.19
CA GLN H 239 21.10 8.14 25.79
C GLN H 239 20.81 8.50 27.23
N THR H 240 19.60 8.17 27.68
CA THR H 240 19.21 8.34 29.06
C THR H 240 19.73 7.16 29.89
N PRO H 241 20.18 7.40 31.13
CA PRO H 241 20.24 8.67 31.87
C PRO H 241 21.29 9.64 31.35
N LEU H 242 21.05 10.93 31.56
CA LEU H 242 21.93 11.98 31.04
C LEU H 242 23.03 12.21 32.07
N THR H 243 24.03 11.33 32.03
CA THR H 243 25.09 11.34 33.02
C THR H 243 25.93 12.60 32.93
N PHE H 244 26.47 13.02 34.08
CA PHE H 244 27.34 14.19 34.14
C PHE H 244 28.74 13.77 34.59
N GLY H 245 29.74 14.52 34.15
CA GLY H 245 31.09 14.27 34.56
C GLY H 245 31.40 14.86 35.92
N GLY H 246 32.60 14.56 36.40
CA GLY H 246 33.03 15.09 37.69
C GLY H 246 33.16 16.60 37.71
N GLY H 247 33.60 17.17 36.60
CA GLY H 247 33.77 18.61 36.51
C GLY H 247 35.17 19.04 36.87
N THR H 248 35.63 20.12 36.23
CA THR H 248 36.97 20.63 36.44
C THR H 248 36.90 22.09 36.84
N LYS H 249 37.60 22.46 37.91
CA LYS H 249 37.61 23.84 38.38
C LYS H 249 38.68 24.61 37.65
N VAL H 250 38.28 25.68 36.97
CA VAL H 250 39.22 26.58 36.32
C VAL H 250 38.81 28.03 36.57
N VAL I 2 -6.44 -40.27 23.07
CA VAL I 2 -7.42 -39.74 22.14
C VAL I 2 -8.38 -40.84 21.68
N GLN I 3 -9.67 -40.56 21.77
CA GLN I 3 -10.69 -41.54 21.40
C GLN I 3 -11.88 -40.84 20.77
N LEU I 4 -12.58 -41.59 19.91
CA LEU I 4 -13.83 -41.16 19.29
C LEU I 4 -14.86 -42.25 19.52
N VAL I 5 -16.05 -41.86 19.98
CA VAL I 5 -17.15 -42.79 20.17
C VAL I 5 -18.31 -42.33 19.30
N GLN I 6 -19.12 -43.28 18.85
CA GLN I 6 -20.24 -42.96 17.99
C GLN I 6 -21.52 -43.46 18.65
N SER I 7 -22.65 -43.21 17.98
CA SER I 7 -23.93 -43.65 18.50
C SER I 7 -24.05 -45.16 18.39
N GLY I 8 -24.94 -45.72 19.21
CA GLY I 8 -25.17 -47.14 19.24
C GLY I 8 -25.97 -47.63 18.05
N ALA I 9 -26.16 -48.94 18.01
CA ALA I 9 -26.88 -49.57 16.91
C ALA I 9 -28.34 -49.13 16.91
N GLU I 10 -28.86 -48.85 15.71
CA GLU I 10 -30.23 -48.41 15.55
C GLU I 10 -30.76 -48.85 14.20
N VAL I 11 -32.06 -49.18 14.17
CA VAL I 11 -32.76 -49.53 12.94
C VAL I 11 -33.97 -48.63 12.81
N LYS I 12 -34.11 -48.00 11.64
CA LYS I 12 -35.13 -46.99 11.39
C LYS I 12 -35.97 -47.37 10.18
N LYS I 13 -37.16 -46.77 10.11
CA LYS I 13 -38.06 -46.87 8.98
C LYS I 13 -37.54 -45.98 7.86
N PRO I 14 -37.78 -46.35 6.59
CA PRO I 14 -37.45 -45.41 5.50
C PRO I 14 -38.07 -44.03 5.66
N GLY I 15 -39.27 -43.94 6.23
CA GLY I 15 -39.82 -42.63 6.53
C GLY I 15 -39.04 -41.89 7.61
N ALA I 16 -38.63 -42.60 8.66
CA ALA I 16 -37.96 -41.96 9.78
C ALA I 16 -36.54 -41.52 9.40
N SER I 17 -36.16 -40.35 9.91
CA SER I 17 -34.80 -39.85 9.76
C SER I 17 -33.88 -40.50 10.80
N VAL I 18 -32.58 -40.28 10.64
CA VAL I 18 -31.59 -40.86 11.54
C VAL I 18 -30.77 -39.74 12.16
N LYS I 19 -30.47 -39.91 13.45
CA LYS I 19 -29.73 -38.96 14.26
C LYS I 19 -28.52 -39.68 14.85
N VAL I 20 -27.33 -39.33 14.37
CA VAL I 20 -26.09 -40.04 14.70
C VAL I 20 -25.14 -39.08 15.38
N SER I 21 -24.63 -39.48 16.54
CA SER I 21 -23.79 -38.61 17.37
C SER I 21 -22.37 -39.16 17.46
N CYS I 22 -21.39 -38.29 17.25
CA CYS I 22 -19.98 -38.61 17.41
C CYS I 22 -19.41 -37.73 18.52
N ARG I 23 -18.81 -38.37 19.52
CA ARG I 23 -18.26 -37.70 20.68
C ARG I 23 -16.75 -37.88 20.71
N THR I 24 -16.03 -36.78 20.88
CA THR I 24 -14.57 -36.76 20.92
C THR I 24 -14.09 -36.87 22.36
N SER I 25 -12.81 -37.23 22.51
CA SER I 25 -12.19 -37.20 23.82
C SER I 25 -10.68 -37.14 23.66
N GLY I 26 -10.05 -36.18 24.33
CA GLY I 26 -8.60 -36.17 24.47
C GLY I 26 -7.87 -35.10 23.71
N TYR I 27 -8.54 -34.33 22.86
CA TYR I 27 -7.85 -33.32 22.07
C TYR I 27 -8.72 -32.07 21.99
N THR I 28 -8.12 -31.01 21.45
CA THR I 28 -8.83 -29.75 21.27
C THR I 28 -9.87 -29.94 20.18
N PHE I 29 -11.13 -30.05 20.59
CA PHE I 29 -12.22 -30.29 19.66
C PHE I 29 -12.37 -29.17 18.64
N SER I 30 -11.89 -27.96 18.96
CA SER I 30 -12.16 -26.82 18.11
C SER I 30 -11.35 -26.81 16.84
N SER I 31 -10.25 -27.55 16.77
CA SER I 31 -9.32 -27.43 15.65
C SER I 31 -9.47 -28.52 14.60
N TYR I 32 -9.77 -29.74 15.01
CA TYR I 32 -9.71 -30.89 14.11
C TYR I 32 -11.03 -31.07 13.35
N ASN I 33 -10.93 -31.20 12.02
CA ASN I 33 -12.08 -31.49 11.19
C ASN I 33 -12.67 -32.85 11.54
N ILE I 34 -13.99 -32.95 11.53
CA ILE I 34 -14.65 -34.23 11.66
C ILE I 34 -15.19 -34.63 10.29
N HIS I 35 -14.68 -35.74 9.77
CA HIS I 35 -15.10 -36.28 8.49
C HIS I 35 -16.01 -37.47 8.74
N TRP I 36 -17.11 -37.52 8.00
CA TRP I 36 -18.06 -38.60 8.15
C TRP I 36 -18.07 -39.38 6.85
N VAL I 37 -17.93 -40.71 6.96
CA VAL I 37 -17.86 -41.59 5.80
C VAL I 37 -18.84 -42.72 6.00
N ARG I 38 -19.26 -43.33 4.89
CA ARG I 38 -20.22 -44.42 4.92
C ARG I 38 -19.62 -45.68 4.33
N GLN I 39 -19.67 -46.77 5.08
CA GLN I 39 -19.23 -48.08 4.60
C GLN I 39 -20.47 -48.90 4.26
N ALA I 40 -20.72 -49.06 2.96
CA ALA I 40 -21.76 -49.95 2.46
C ALA I 40 -21.10 -51.20 1.89
N PRO I 41 -21.39 -52.39 2.42
CA PRO I 41 -20.74 -53.60 1.91
C PRO I 41 -20.99 -53.78 0.42
N GLY I 42 -19.92 -54.09 -0.32
CA GLY I 42 -19.99 -54.26 -1.74
C GLY I 42 -19.74 -52.99 -2.55
N GLN I 43 -19.67 -51.83 -1.91
CA GLN I 43 -19.37 -50.58 -2.60
C GLN I 43 -18.22 -49.83 -1.93
N GLY I 44 -17.47 -50.47 -1.06
CA GLY I 44 -16.39 -49.79 -0.38
C GLY I 44 -16.93 -48.68 0.49
N LEU I 45 -16.26 -47.53 0.44
CA LEU I 45 -16.61 -46.37 1.25
C LEU I 45 -16.91 -45.17 0.39
N GLU I 46 -17.83 -44.34 0.88
CA GLU I 46 -18.18 -43.09 0.25
C GLU I 46 -18.12 -41.98 1.29
N TRP I 47 -17.44 -40.90 0.93
CA TRP I 47 -17.23 -39.79 1.86
C TRP I 47 -18.54 -39.04 2.05
N MET I 48 -19.12 -39.13 3.24
CA MET I 48 -20.41 -38.50 3.49
C MET I 48 -20.29 -36.98 3.58
N GLY I 49 -19.29 -36.47 4.29
CA GLY I 49 -19.14 -35.03 4.37
C GLY I 49 -18.10 -34.62 5.39
N VAL I 50 -17.99 -33.30 5.55
CA VAL I 50 -17.00 -32.66 6.40
C VAL I 50 -17.69 -31.64 7.29
N ILE I 51 -17.30 -31.60 8.55
CA ILE I 51 -17.69 -30.52 9.44
C ILE I 51 -16.44 -29.93 10.07
N ASN I 52 -16.38 -28.61 10.12
CA ASN I 52 -15.29 -27.90 10.76
C ASN I 52 -15.73 -27.38 12.11
N PRO I 53 -15.29 -27.99 13.21
CA PRO I 53 -15.70 -27.55 14.54
C PRO I 53 -15.08 -26.23 14.97
N TYR I 54 -15.18 -25.24 14.11
CA TYR I 54 -14.69 -23.91 14.43
C TYR I 54 -15.91 -23.04 14.73
N GLY I 55 -15.66 -21.77 15.08
CA GLY I 55 -16.74 -20.92 15.56
C GLY I 55 -17.90 -20.78 14.58
N ARG I 56 -17.60 -20.62 13.30
CA ARG I 56 -18.66 -20.53 12.32
C ARG I 56 -19.33 -21.87 12.06
N SER I 57 -18.70 -22.96 12.48
CA SER I 57 -19.29 -24.30 12.36
C SER I 57 -19.68 -24.61 10.91
N THR I 58 -18.79 -24.29 9.99
CA THR I 58 -19.07 -24.48 8.58
C THR I 58 -19.04 -25.96 8.22
N THR I 59 -19.80 -26.30 7.18
CA THR I 59 -20.04 -27.69 6.83
C THR I 59 -19.94 -27.86 5.32
N LEU I 60 -19.80 -29.11 4.90
CA LEU I 60 -19.84 -29.44 3.48
C LEU I 60 -20.33 -30.87 3.32
N TYR I 61 -21.18 -31.09 2.32
CA TYR I 61 -21.76 -32.41 2.07
C TYR I 61 -21.50 -32.83 0.64
N ALA I 62 -21.50 -34.14 0.42
CA ALA I 62 -21.34 -34.67 -0.92
C ALA I 62 -22.53 -34.29 -1.79
N ARG I 63 -22.26 -34.16 -3.09
CA ARG I 63 -23.32 -33.71 -4.00
C ARG I 63 -24.50 -34.66 -3.99
N ARG I 64 -24.22 -35.97 -3.99
CA ARG I 64 -25.31 -36.95 -4.00
C ARG I 64 -26.16 -36.88 -2.74
N PHE I 65 -25.63 -36.33 -1.65
CA PHE I 65 -26.35 -36.29 -0.38
C PHE I 65 -26.71 -34.87 0.05
N ARG I 66 -26.61 -33.91 -0.85
CA ARG I 66 -26.98 -32.55 -0.49
C ARG I 66 -28.46 -32.47 -0.18
N ASP I 67 -28.79 -31.58 0.76
CA ASP I 67 -30.16 -31.20 1.07
C ASP I 67 -30.91 -32.29 1.80
N ARG I 68 -30.31 -33.46 1.99
CA ARG I 68 -30.92 -34.55 2.74
C ARG I 68 -30.25 -34.80 4.08
N VAL I 69 -28.97 -34.47 4.21
CA VAL I 69 -28.22 -34.66 5.44
C VAL I 69 -27.80 -33.30 5.99
N THR I 70 -27.88 -33.17 7.31
CA THR I 70 -27.51 -31.95 8.01
C THR I 70 -26.58 -32.29 9.15
N MET I 71 -25.58 -31.43 9.37
CA MET I 71 -24.55 -31.66 10.36
C MET I 71 -24.50 -30.48 11.31
N THR I 72 -24.47 -30.75 12.61
CA THR I 72 -24.45 -29.68 13.59
C THR I 72 -23.60 -30.09 14.78
N ARG I 73 -22.74 -29.19 15.24
CA ARG I 73 -21.89 -29.46 16.39
C ARG I 73 -22.44 -28.77 17.62
N ASP I 74 -22.04 -29.29 18.78
CA ASP I 74 -22.31 -28.65 20.07
C ASP I 74 -21.01 -28.64 20.87
N THR I 75 -20.58 -27.44 21.27
CA THR I 75 -19.33 -27.29 22.00
C THR I 75 -19.48 -27.62 23.47
N SER I 76 -20.70 -27.70 23.98
CA SER I 76 -20.90 -28.04 25.39
C SER I 76 -20.34 -29.43 25.69
N THR I 77 -20.77 -30.42 24.91
CA THR I 77 -20.24 -31.76 25.03
C THR I 77 -19.11 -32.04 24.04
N SER I 78 -18.74 -31.05 23.23
CA SER I 78 -17.73 -31.22 22.20
C SER I 78 -18.07 -32.37 21.25
N THR I 79 -19.32 -32.39 20.80
CA THR I 79 -19.84 -33.49 20.00
C THR I 79 -20.36 -32.96 18.68
N VAL I 80 -20.57 -33.89 17.74
CA VAL I 80 -21.16 -33.57 16.45
C VAL I 80 -22.32 -34.51 16.19
N TYR I 81 -23.27 -34.04 15.38
CA TYR I 81 -24.51 -34.76 15.14
C TYR I 81 -24.87 -34.67 13.67
N MET I 82 -25.31 -35.79 13.10
CA MET I 82 -25.92 -35.81 11.78
C MET I 82 -27.40 -36.13 11.92
N GLU I 83 -28.22 -35.39 11.18
CA GLU I 83 -29.63 -35.74 10.98
C GLU I 83 -29.89 -35.90 9.50
N LEU I 84 -30.41 -37.05 9.10
CA LEU I 84 -30.81 -37.28 7.72
C LEU I 84 -32.26 -36.83 7.50
N SER I 85 -32.80 -37.15 6.34
CA SER I 85 -34.20 -36.86 6.02
C SER I 85 -35.02 -38.12 5.83
N SER I 86 -34.59 -39.03 4.96
CA SER I 86 -35.30 -40.28 4.72
C SER I 86 -34.26 -41.36 4.45
N LEU I 87 -34.08 -42.26 5.40
CA LEU I 87 -33.06 -43.30 5.30
C LEU I 87 -33.60 -44.43 4.43
N ARG I 88 -33.25 -44.42 3.15
CA ARG I 88 -33.72 -45.48 2.28
C ARG I 88 -32.95 -46.77 2.55
N SER I 89 -33.48 -47.87 2.02
CA SER I 89 -32.85 -49.17 2.22
C SER I 89 -31.50 -49.26 1.53
N GLU I 90 -31.27 -48.44 0.51
CA GLU I 90 -29.96 -48.39 -0.12
C GLU I 90 -28.88 -47.95 0.85
N ASP I 91 -29.24 -47.23 1.90
CA ASP I 91 -28.28 -46.62 2.81
C ASP I 91 -28.04 -47.44 4.07
N THR I 92 -28.45 -48.71 4.08
CA THR I 92 -28.23 -49.58 5.22
C THR I 92 -26.75 -49.93 5.27
N ALA I 93 -25.99 -49.03 5.87
CA ALA I 93 -24.54 -49.08 5.85
C ALA I 93 -24.02 -48.50 7.15
N VAL I 94 -22.85 -48.96 7.58
CA VAL I 94 -22.32 -48.46 8.84
C VAL I 94 -21.72 -47.07 8.61
N TYR I 95 -21.79 -46.24 9.63
CA TYR I 95 -21.40 -44.83 9.53
C TYR I 95 -20.18 -44.59 10.40
N PHE I 96 -19.15 -43.98 9.81
CA PHE I 96 -17.84 -43.87 10.41
C PHE I 96 -17.45 -42.42 10.64
N CYS I 97 -17.05 -42.10 11.86
CA CYS I 97 -16.62 -40.77 12.26
C CYS I 97 -15.10 -40.75 12.43
N GLY I 98 -14.44 -39.81 11.76
CA GLY I 98 -13.01 -39.66 11.90
C GLY I 98 -12.64 -38.21 12.13
N ARG I 99 -11.44 -38.01 12.67
CA ARG I 99 -10.91 -36.67 12.89
C ARG I 99 -9.64 -36.50 12.07
N LEU I 100 -9.54 -35.38 11.38
CA LEU I 100 -8.39 -35.05 10.55
C LEU I 100 -7.92 -33.66 10.92
N TYR I 101 -6.62 -33.52 11.12
CA TYR I 101 -6.06 -32.20 11.44
C TYR I 101 -6.42 -31.23 10.34
N SER I 102 -7.18 -30.19 10.69
CA SER I 102 -7.58 -29.21 9.67
C SER I 102 -6.41 -28.42 9.13
N GLY I 103 -5.24 -28.48 9.79
CA GLY I 103 -4.09 -27.72 9.33
C GLY I 103 -3.41 -28.30 8.12
N ALA I 104 -3.56 -29.59 7.86
CA ALA I 104 -2.85 -30.23 6.76
C ALA I 104 -3.52 -31.55 6.46
N PRO I 105 -3.41 -32.05 5.24
CA PRO I 105 -3.99 -33.37 4.93
C PRO I 105 -3.16 -34.50 5.53
N TYR I 106 -3.05 -34.52 6.85
CA TYR I 106 -2.28 -35.55 7.54
C TYR I 106 -2.99 -36.89 7.57
N GLY I 107 -4.15 -37.02 6.94
CA GLY I 107 -4.84 -38.29 6.91
C GLY I 107 -5.76 -38.48 8.09
N LEU I 108 -6.80 -39.28 7.90
CA LEU I 108 -7.73 -39.57 8.97
C LEU I 108 -7.04 -40.43 10.02
N ASP I 109 -7.18 -40.03 11.28
CA ASP I 109 -6.40 -40.62 12.36
C ASP I 109 -7.22 -41.59 13.21
N VAL I 110 -8.32 -41.12 13.77
CA VAL I 110 -9.14 -41.91 14.67
C VAL I 110 -10.44 -42.25 13.98
N TRP I 111 -11.06 -43.35 14.39
CA TRP I 111 -12.27 -43.84 13.75
C TRP I 111 -13.21 -44.41 14.80
N GLY I 112 -14.49 -44.47 14.44
CA GLY I 112 -15.51 -45.07 15.27
C GLY I 112 -16.10 -46.31 14.63
N GLN I 113 -17.28 -46.70 15.10
CA GLN I 113 -17.90 -47.92 14.60
C GLN I 113 -19.22 -47.68 13.87
N GLY I 114 -20.23 -47.10 14.53
CA GLY I 114 -21.46 -46.73 13.86
C GLY I 114 -22.37 -47.88 13.45
N SER I 115 -23.68 -47.65 13.42
CA SER I 115 -24.61 -48.66 12.93
C SER I 115 -25.92 -47.97 12.56
N THR I 116 -26.25 -47.94 11.28
CA THR I 116 -27.51 -47.41 10.79
C THR I 116 -28.17 -48.47 9.92
N VAL I 117 -29.32 -48.97 10.35
CA VAL I 117 -30.01 -50.05 9.66
C VAL I 117 -31.39 -49.57 9.23
N THR I 118 -31.80 -49.94 8.02
CA THR I 118 -33.13 -49.62 7.53
C THR I 118 -34.03 -50.85 7.58
N ASP I 142 -15.19 -34.92 -9.94
CA ASP I 142 -14.73 -35.90 -8.97
C ASP I 142 -13.47 -36.58 -9.53
N ILE I 143 -12.60 -37.01 -8.63
CA ILE I 143 -11.34 -37.66 -9.00
C ILE I 143 -11.51 -39.16 -8.81
N VAL I 144 -11.71 -39.87 -9.90
CA VAL I 144 -11.92 -41.32 -9.85
C VAL I 144 -10.58 -42.00 -9.61
N MET I 145 -10.48 -42.74 -8.52
CA MET I 145 -9.29 -43.54 -8.23
C MET I 145 -9.71 -45.00 -8.20
N THR I 146 -9.24 -45.75 -9.20
CA THR I 146 -9.56 -47.17 -9.32
C THR I 146 -8.33 -47.98 -8.92
N GLN I 147 -8.48 -48.83 -7.91
CA GLN I 147 -7.42 -49.78 -7.61
C GLN I 147 -7.35 -50.82 -8.71
N SER I 148 -6.14 -51.10 -9.19
CA SER I 148 -6.03 -52.02 -10.32
C SER I 148 -6.22 -53.47 -9.88
N PRO I 149 -5.49 -54.00 -8.88
CA PRO I 149 -5.79 -55.36 -8.44
C PRO I 149 -7.02 -55.42 -7.54
N LEU I 150 -7.95 -56.32 -7.89
CA LEU I 150 -9.14 -56.49 -7.06
C LEU I 150 -8.84 -57.27 -5.78
N SER I 151 -7.97 -58.28 -5.87
CA SER I 151 -7.66 -59.12 -4.73
C SER I 151 -6.31 -59.79 -4.90
N LEU I 152 -5.62 -60.01 -3.79
CA LEU I 152 -4.31 -60.68 -3.79
C LEU I 152 -4.30 -61.76 -2.73
N PRO I 153 -4.74 -62.97 -3.06
CA PRO I 153 -4.56 -64.10 -2.14
C PRO I 153 -3.14 -64.65 -2.26
N VAL I 154 -2.50 -64.84 -1.11
CA VAL I 154 -1.09 -65.21 -1.08
C VAL I 154 -0.80 -65.87 0.27
N THR I 155 0.20 -66.75 0.29
CA THR I 155 0.63 -67.37 1.53
C THR I 155 1.32 -66.32 2.41
N PRO I 156 1.28 -66.48 3.73
CA PRO I 156 1.96 -65.53 4.61
C PRO I 156 3.47 -65.63 4.46
N GLY I 157 4.13 -64.52 4.79
CA GLY I 157 5.57 -64.44 4.69
C GLY I 157 6.10 -64.13 3.30
N GLU I 158 5.22 -63.83 2.34
CA GLU I 158 5.63 -63.48 1.00
C GLU I 158 5.34 -62.00 0.77
N PRO I 159 6.35 -61.17 0.49
CA PRO I 159 6.10 -59.77 0.17
C PRO I 159 5.04 -59.57 -0.90
N ALA I 160 4.43 -58.39 -0.93
CA ALA I 160 3.35 -58.14 -1.87
C ALA I 160 3.42 -56.69 -2.34
N SER I 161 2.77 -56.42 -3.46
CA SER I 161 2.69 -55.07 -4.01
C SER I 161 1.25 -54.79 -4.39
N ILE I 162 0.76 -53.61 -4.00
CA ILE I 162 -0.60 -53.18 -4.30
C ILE I 162 -0.60 -51.71 -4.66
N SER I 163 -1.35 -51.35 -5.70
CA SER I 163 -1.38 -49.99 -6.21
C SER I 163 -2.80 -49.58 -6.54
N CYS I 164 -3.04 -48.28 -6.52
CA CYS I 164 -4.29 -47.71 -7.01
C CYS I 164 -3.99 -46.58 -7.98
N ARG I 165 -4.82 -46.48 -9.01
CA ARG I 165 -4.62 -45.56 -10.12
C ARG I 165 -5.62 -44.40 -10.01
N SER I 166 -5.13 -43.20 -10.30
CA SER I 166 -5.94 -41.99 -10.22
C SER I 166 -6.06 -41.37 -11.60
N SER I 167 -7.28 -40.92 -11.95
CA SER I 167 -7.48 -40.29 -13.24
C SER I 167 -6.68 -39.00 -13.37
N GLN I 168 -6.68 -38.18 -12.33
CA GLN I 168 -5.97 -36.92 -12.32
C GLN I 168 -4.77 -37.03 -11.39
N SER I 169 -3.63 -36.49 -11.83
CA SER I 169 -2.43 -36.55 -11.00
C SER I 169 -2.66 -35.82 -9.69
N LEU I 170 -2.30 -36.47 -8.59
CA LEU I 170 -2.53 -35.95 -7.25
C LEU I 170 -1.32 -35.21 -6.70
N LEU I 171 -0.31 -34.98 -7.51
CA LEU I 171 0.85 -34.23 -7.06
C LEU I 171 0.47 -32.78 -6.84
N HIS I 172 0.95 -32.22 -5.73
CA HIS I 172 0.66 -30.84 -5.35
C HIS I 172 1.88 -29.98 -5.61
N SER I 173 1.65 -28.67 -5.75
CA SER I 173 2.76 -27.76 -5.99
C SER I 173 3.76 -27.81 -4.85
N ASN I 174 3.32 -28.27 -3.68
CA ASN I 174 4.25 -28.49 -2.59
C ASN I 174 5.24 -29.61 -2.87
N GLY I 175 4.82 -30.63 -3.62
CA GLY I 175 5.62 -31.81 -3.83
C GLY I 175 5.19 -33.00 -3.00
N TYR I 176 4.26 -32.82 -2.08
CA TYR I 176 3.72 -33.92 -1.29
C TYR I 176 2.48 -34.45 -1.98
N ASN I 177 2.52 -35.72 -2.39
CA ASN I 177 1.30 -36.35 -2.88
C ASN I 177 0.31 -36.53 -1.75
N TYR I 178 -0.96 -36.24 -2.01
CA TYR I 178 -1.98 -36.22 -0.98
C TYR I 178 -2.77 -37.51 -0.90
N VAL I 179 -2.24 -38.58 -1.48
CA VAL I 179 -2.89 -39.88 -1.39
C VAL I 179 -2.67 -40.45 0.01
N ASP I 180 -3.72 -41.05 0.57
CA ASP I 180 -3.69 -41.62 1.91
C ASP I 180 -4.20 -43.03 1.85
N TRP I 181 -3.50 -43.95 2.50
CA TRP I 181 -3.86 -45.36 2.46
C TRP I 181 -4.30 -45.84 3.83
N TYR I 182 -5.44 -46.52 3.87
CA TYR I 182 -6.04 -47.02 5.09
C TYR I 182 -6.29 -48.51 4.98
N LEU I 183 -6.24 -49.19 6.13
CA LEU I 183 -6.45 -50.62 6.19
C LEU I 183 -7.62 -50.90 7.11
N GLN I 184 -8.62 -51.61 6.61
CA GLN I 184 -9.76 -52.02 7.40
C GLN I 184 -9.70 -53.53 7.64
N LYS I 185 -9.52 -53.91 8.90
CA LYS I 185 -9.64 -55.29 9.30
C LYS I 185 -11.11 -55.70 9.22
N PRO I 186 -11.38 -56.99 9.06
CA PRO I 186 -12.78 -57.43 8.99
C PRO I 186 -13.54 -57.05 10.26
N GLY I 187 -14.65 -56.36 10.08
CA GLY I 187 -15.50 -55.99 11.21
C GLY I 187 -14.83 -55.09 12.23
N GLN I 188 -14.12 -54.06 11.77
CA GLN I 188 -13.48 -53.12 12.68
C GLN I 188 -13.26 -51.81 11.92
N SER I 189 -13.01 -50.75 12.68
CA SER I 189 -12.86 -49.43 12.11
C SER I 189 -11.63 -49.39 11.20
N PRO I 190 -11.66 -48.57 10.15
CA PRO I 190 -10.48 -48.43 9.30
C PRO I 190 -9.29 -47.90 10.08
N GLN I 191 -8.11 -48.40 9.73
CA GLN I 191 -6.87 -48.06 10.41
C GLN I 191 -5.92 -47.39 9.42
N LEU I 192 -5.40 -46.23 9.81
CA LEU I 192 -4.53 -45.47 8.92
C LEU I 192 -3.16 -46.13 8.80
N LEU I 193 -2.68 -46.27 7.56
CA LEU I 193 -1.36 -46.81 7.28
C LEU I 193 -0.41 -45.75 6.74
N ILE I 194 -0.78 -45.07 5.65
CA ILE I 194 0.12 -44.13 4.99
C ILE I 194 -0.58 -42.79 4.83
N TYR I 195 0.16 -41.72 5.13
CA TYR I 195 -0.35 -40.38 4.95
C TYR I 195 0.69 -39.53 4.26
N LEU I 196 0.23 -38.51 3.53
CA LEU I 196 1.08 -37.63 2.75
C LEU I 196 1.93 -38.41 1.74
N GLY I 197 1.26 -39.28 0.99
CA GLY I 197 1.92 -39.99 -0.08
C GLY I 197 2.78 -41.14 0.39
N SER I 198 3.82 -40.86 1.16
CA SER I 198 4.76 -41.89 1.58
C SER I 198 5.12 -41.88 3.06
N SER I 199 4.81 -40.84 3.81
CA SER I 199 5.14 -40.81 5.23
C SER I 199 4.30 -41.83 5.98
N ARG I 200 4.92 -42.46 6.98
CA ARG I 200 4.27 -43.53 7.73
C ARG I 200 3.62 -42.97 8.99
N ALA I 201 2.41 -43.45 9.27
CA ALA I 201 1.63 -42.97 10.39
C ALA I 201 2.19 -43.51 11.70
N SER I 202 1.73 -42.91 12.80
CA SER I 202 2.18 -43.32 14.13
C SER I 202 1.59 -44.67 14.50
N GLY I 203 2.43 -45.56 15.02
CA GLY I 203 2.01 -46.87 15.45
C GLY I 203 2.00 -47.94 14.39
N VAL I 204 2.08 -47.57 13.12
CA VAL I 204 2.08 -48.55 12.02
C VAL I 204 3.43 -49.27 12.00
N PRO I 205 3.46 -50.58 11.80
CA PRO I 205 4.75 -51.27 11.68
C PRO I 205 5.53 -50.76 10.48
N ASP I 206 6.85 -50.79 10.61
CA ASP I 206 7.74 -50.34 9.55
C ASP I 206 7.73 -51.26 8.34
N ARG I 207 6.92 -52.32 8.36
CA ARG I 207 6.91 -53.25 7.22
C ARG I 207 6.36 -52.59 5.97
N PHE I 208 5.25 -51.87 6.09
CA PHE I 208 4.63 -51.23 4.93
C PHE I 208 5.50 -50.10 4.40
N SER I 209 5.60 -49.99 3.08
CA SER I 209 6.35 -48.90 2.48
C SER I 209 5.62 -48.40 1.25
N GLY I 210 5.20 -47.14 1.26
CA GLY I 210 4.41 -46.58 0.18
C GLY I 210 5.23 -45.67 -0.71
N SER I 211 5.00 -45.75 -2.02
CA SER I 211 5.66 -44.91 -3.00
C SER I 211 4.61 -44.33 -3.93
N GLY I 212 4.87 -43.12 -4.41
CA GLY I 212 3.91 -42.42 -5.24
C GLY I 212 4.49 -41.84 -6.51
N SER I 213 4.00 -42.31 -7.66
CA SER I 213 4.44 -41.77 -8.94
C SER I 213 3.78 -40.43 -9.26
N GLY I 214 2.68 -40.10 -8.59
CA GLY I 214 1.91 -38.90 -8.87
C GLY I 214 0.61 -39.16 -9.60
N THR I 215 0.53 -40.26 -10.34
CA THR I 215 -0.70 -40.67 -10.99
C THR I 215 -1.14 -42.07 -10.60
N ASP I 216 -0.19 -43.02 -10.50
CA ASP I 216 -0.44 -44.37 -10.02
C ASP I 216 0.42 -44.60 -8.79
N PHE I 217 -0.23 -44.89 -7.66
CA PHE I 217 0.47 -44.95 -6.38
C PHE I 217 0.52 -46.39 -5.89
N THR I 218 1.70 -46.82 -5.44
CA THR I 218 1.92 -48.21 -5.08
C THR I 218 2.41 -48.31 -3.65
N LEU I 219 2.37 -49.53 -3.14
CA LEU I 219 2.87 -49.83 -1.81
C LEU I 219 3.37 -51.26 -1.78
N LYS I 220 4.52 -51.44 -1.13
CA LYS I 220 5.12 -52.75 -0.92
C LYS I 220 4.83 -53.16 0.52
N ILE I 221 4.17 -54.30 0.67
CA ILE I 221 4.01 -54.96 1.95
C ILE I 221 5.22 -55.86 2.14
N SER I 222 6.00 -55.60 3.20
CA SER I 222 7.23 -56.33 3.41
C SER I 222 6.96 -57.82 3.61
N ARG I 223 6.25 -58.18 4.67
CA ARG I 223 5.75 -59.53 4.87
C ARG I 223 4.29 -59.45 5.25
N VAL I 224 3.48 -60.30 4.64
CA VAL I 224 2.07 -60.37 4.99
C VAL I 224 1.89 -61.27 6.20
N GLU I 225 1.21 -60.76 7.22
CA GLU I 225 0.88 -61.54 8.40
C GLU I 225 -0.63 -61.66 8.50
N THR I 226 -1.07 -62.48 9.47
CA THR I 226 -2.50 -62.76 9.60
C THR I 226 -3.29 -61.51 9.93
N GLU I 227 -2.75 -60.66 10.81
CA GLU I 227 -3.49 -59.47 11.22
C GLU I 227 -3.66 -58.48 10.07
N ASP I 228 -2.67 -58.43 9.16
CA ASP I 228 -2.70 -57.45 8.09
C ASP I 228 -3.67 -57.79 6.98
N VAL I 229 -4.31 -58.97 7.02
CA VAL I 229 -5.34 -59.26 6.03
C VAL I 229 -6.51 -58.31 6.25
N GLY I 230 -7.15 -57.93 5.16
CA GLY I 230 -8.22 -56.95 5.23
C GLY I 230 -8.25 -56.13 3.96
N ILE I 231 -9.08 -55.10 3.97
CA ILE I 231 -9.34 -54.31 2.77
C ILE I 231 -8.49 -53.06 2.80
N TYR I 232 -7.89 -52.72 1.67
CA TYR I 232 -6.99 -51.58 1.54
C TYR I 232 -7.65 -50.50 0.71
N TYR I 233 -7.55 -49.26 1.19
CA TYR I 233 -8.21 -48.09 0.62
C TYR I 233 -7.19 -47.01 0.34
N CYS I 234 -7.42 -46.26 -0.74
CA CYS I 234 -6.68 -45.03 -0.98
C CYS I 234 -7.69 -43.90 -1.18
N MET I 235 -7.51 -42.83 -0.43
CA MET I 235 -8.38 -41.66 -0.50
C MET I 235 -7.49 -40.45 -0.76
N GLN I 236 -7.97 -39.53 -1.58
CA GLN I 236 -7.21 -38.34 -1.91
C GLN I 236 -7.78 -37.12 -1.20
N GLY I 237 -6.90 -36.23 -0.78
CA GLY I 237 -7.30 -35.02 -0.08
C GLY I 237 -6.96 -33.78 -0.87
N LEU I 238 -6.59 -33.95 -2.15
CA LEU I 238 -6.19 -32.81 -2.95
C LEU I 238 -7.36 -31.90 -3.25
N GLN I 239 -8.52 -32.46 -3.56
CA GLN I 239 -9.66 -31.64 -3.94
C GLN I 239 -10.95 -32.35 -3.56
N THR I 240 -11.84 -31.61 -2.91
CA THR I 240 -13.16 -32.12 -2.59
C THR I 240 -13.92 -32.42 -3.88
N PRO I 241 -14.65 -33.54 -3.97
CA PRO I 241 -14.88 -34.58 -2.95
C PRO I 241 -13.69 -35.49 -2.73
N LEU I 242 -13.49 -35.90 -1.48
CA LEU I 242 -12.41 -36.81 -1.12
C LEU I 242 -12.86 -38.22 -1.46
N THR I 243 -12.41 -38.72 -2.61
CA THR I 243 -12.91 -39.99 -3.13
C THR I 243 -12.04 -41.13 -2.61
N PHE I 244 -12.69 -42.18 -2.14
CA PHE I 244 -12.00 -43.37 -1.70
C PHE I 244 -11.79 -44.35 -2.84
N GLY I 245 -10.76 -45.17 -2.73
CA GLY I 245 -10.52 -46.18 -3.72
C GLY I 245 -11.47 -47.35 -3.59
N GLY I 246 -11.43 -48.22 -4.60
CA GLY I 246 -12.30 -49.38 -4.59
C GLY I 246 -12.08 -50.29 -3.40
N GLY I 247 -10.81 -50.49 -3.02
CA GLY I 247 -10.50 -51.31 -1.88
C GLY I 247 -10.13 -52.73 -2.25
N THR I 248 -8.86 -53.08 -2.08
CA THR I 248 -8.39 -54.43 -2.40
C THR I 248 -8.31 -55.23 -1.10
N LYS I 249 -9.08 -56.31 -1.03
CA LYS I 249 -9.15 -57.11 0.18
C LYS I 249 -8.14 -58.25 0.04
N VAL I 250 -7.03 -58.14 0.77
CA VAL I 250 -5.98 -59.16 0.74
C VAL I 250 -6.26 -60.16 1.85
N GLU I 251 -6.35 -61.43 1.49
CA GLU I 251 -6.54 -62.52 2.42
C GLU I 251 -5.41 -63.52 2.25
N ILE I 252 -5.06 -64.20 3.35
CA ILE I 252 -4.06 -65.25 3.29
C ILE I 252 -4.69 -66.51 2.71
N LYS I 253 -4.09 -67.03 1.65
CA LYS I 253 -4.57 -68.24 1.01
C LYS I 253 -3.40 -69.01 0.41
N GLN J 3 24.99 -17.06 -33.14
CA GLN J 3 26.16 -16.22 -33.38
C GLN J 3 25.94 -15.21 -34.50
N LEU J 4 26.61 -14.08 -34.40
CA LEU J 4 26.44 -12.97 -35.33
C LEU J 4 27.76 -12.68 -36.03
N VAL J 5 27.68 -12.06 -37.21
CA VAL J 5 28.88 -11.67 -37.93
C VAL J 5 28.74 -10.21 -38.36
N GLN J 6 29.87 -9.58 -38.64
CA GLN J 6 29.89 -8.19 -39.05
C GLN J 6 30.95 -7.99 -40.12
N SER J 7 30.93 -6.81 -40.73
CA SER J 7 31.97 -6.42 -41.66
C SER J 7 33.14 -5.82 -40.90
N GLY J 8 34.17 -5.42 -41.64
CA GLY J 8 35.41 -4.93 -41.06
C GLY J 8 35.35 -3.47 -40.64
N ALA J 9 36.50 -2.98 -40.19
CA ALA J 9 36.62 -1.60 -39.78
C ALA J 9 36.45 -0.67 -40.97
N GLU J 10 36.01 0.56 -40.70
CA GLU J 10 35.78 1.52 -41.77
C GLU J 10 36.27 2.89 -41.34
N VAL J 11 36.93 3.58 -42.26
CA VAL J 11 37.39 4.94 -42.07
C VAL J 11 36.46 5.87 -42.83
N LYS J 12 36.04 6.95 -42.18
CA LYS J 12 35.12 7.90 -42.81
C LYS J 12 35.56 9.32 -42.55
N LYS J 13 35.38 10.18 -43.55
CA LYS J 13 35.64 11.59 -43.38
C LYS J 13 34.61 12.19 -42.42
N PRO J 14 35.01 13.17 -41.63
CA PRO J 14 34.06 13.79 -40.70
C PRO J 14 32.88 14.40 -41.44
N GLY J 15 31.71 14.37 -40.81
CA GLY J 15 30.52 14.88 -41.43
C GLY J 15 30.05 14.10 -42.64
N SER J 16 30.08 12.77 -42.54
CA SER J 16 29.58 11.91 -43.62
C SER J 16 28.70 10.82 -43.03
N SER J 17 28.25 9.89 -43.87
CA SER J 17 27.39 8.80 -43.43
C SER J 17 28.17 7.49 -43.48
N VAL J 18 28.28 6.83 -42.32
CA VAL J 18 28.94 5.55 -42.21
C VAL J 18 27.88 4.48 -41.99
N LYS J 19 28.04 3.35 -42.67
CA LYS J 19 27.11 2.24 -42.59
C LYS J 19 27.85 1.04 -42.02
N VAL J 20 27.31 0.46 -40.95
CA VAL J 20 27.83 -0.75 -40.34
C VAL J 20 26.78 -1.84 -40.46
N ALA J 21 27.19 -3.00 -40.94
CA ALA J 21 26.26 -4.09 -41.21
C ALA J 21 26.54 -5.25 -40.25
N CYS J 22 25.46 -5.84 -39.74
CA CYS J 22 25.56 -7.02 -38.88
C CYS J 22 24.62 -8.09 -39.41
N LYS J 23 25.18 -9.20 -39.85
CA LYS J 23 24.40 -10.31 -40.37
C LYS J 23 24.14 -11.31 -39.27
N VAL J 24 22.87 -11.69 -39.11
CA VAL J 24 22.45 -12.63 -38.08
C VAL J 24 22.24 -13.98 -38.76
N SER J 25 23.13 -14.93 -38.48
CA SER J 25 23.05 -16.28 -39.03
C SER J 25 22.75 -17.24 -37.89
N GLY J 26 21.80 -18.14 -38.13
CA GLY J 26 21.31 -19.01 -37.09
C GLY J 26 20.12 -18.41 -36.37
N GLY J 27 19.39 -19.28 -35.68
CA GLY J 27 18.17 -18.84 -35.04
C GLY J 27 17.13 -18.44 -36.08
N THR J 28 16.31 -17.45 -35.73
CA THR J 28 15.26 -16.96 -36.61
C THR J 28 15.28 -15.44 -36.63
N PHE J 29 15.52 -14.88 -37.80
CA PHE J 29 15.58 -13.43 -37.93
C PHE J 29 14.23 -12.75 -37.74
N SER J 30 13.13 -13.51 -37.79
CA SER J 30 11.81 -12.90 -37.75
C SER J 30 11.57 -12.16 -36.45
N SER J 31 11.83 -12.81 -35.32
CA SER J 31 11.56 -12.23 -34.00
C SER J 31 12.80 -12.35 -33.12
N TYR J 32 13.72 -11.40 -33.27
CA TYR J 32 14.82 -11.17 -32.35
C TYR J 32 14.86 -9.70 -32.00
N THR J 33 15.72 -9.38 -31.03
CA THR J 33 15.86 -8.03 -30.52
C THR J 33 17.28 -7.55 -30.81
N ILE J 34 17.51 -7.02 -32.01
CA ILE J 34 18.84 -6.55 -32.38
C ILE J 34 19.13 -5.27 -31.63
N SER J 35 20.27 -5.22 -30.95
CA SER J 35 20.68 -4.05 -30.18
C SER J 35 22.10 -3.67 -30.57
N TRP J 36 22.34 -2.36 -30.70
CA TRP J 36 23.64 -1.84 -31.08
C TRP J 36 24.21 -1.06 -29.92
N VAL J 37 25.43 -1.40 -29.51
CA VAL J 37 26.09 -0.74 -28.40
C VAL J 37 27.40 -0.15 -28.90
N ARG J 38 27.71 1.03 -28.38
CA ARG J 38 28.93 1.75 -28.74
C ARG J 38 29.88 1.73 -27.55
N GLN J 39 30.77 0.73 -27.54
CA GLN J 39 31.81 0.69 -26.54
C GLN J 39 32.84 1.75 -26.90
N ALA J 40 32.79 2.87 -26.20
CA ALA J 40 33.84 3.86 -26.38
C ALA J 40 35.14 3.30 -25.82
N PRO J 41 36.28 3.58 -26.45
CA PRO J 41 37.54 3.02 -25.97
C PRO J 41 37.92 3.62 -24.63
N GLY J 42 37.78 2.82 -23.57
CA GLY J 42 38.06 3.29 -22.23
C GLY J 42 37.04 4.23 -21.63
N GLN J 43 35.80 4.23 -22.15
CA GLN J 43 34.76 5.11 -21.61
C GLN J 43 33.45 4.32 -21.52
N GLY J 44 33.53 3.09 -21.04
CA GLY J 44 32.33 2.31 -20.80
C GLY J 44 31.56 1.98 -22.08
N LEU J 45 30.25 1.81 -21.92
CA LEU J 45 29.37 1.46 -23.03
C LEU J 45 28.16 2.39 -23.06
N GLU J 46 27.39 2.27 -24.13
CA GLU J 46 26.12 2.96 -24.26
C GLU J 46 25.32 2.27 -25.35
N TRP J 47 24.04 2.05 -25.07
CA TRP J 47 23.16 1.32 -25.97
C TRP J 47 22.50 2.31 -26.91
N MET J 48 22.96 2.35 -28.17
CA MET J 48 22.43 3.32 -29.11
C MET J 48 20.97 3.05 -29.42
N GLY J 49 20.60 1.79 -29.60
CA GLY J 49 19.21 1.48 -29.90
C GLY J 49 19.07 0.08 -30.43
N GLY J 50 17.81 -0.32 -30.56
CA GLY J 50 17.50 -1.67 -31.01
C GLY J 50 16.32 -1.66 -31.96
N ILE J 51 16.25 -2.74 -32.74
CA ILE J 51 15.19 -2.94 -33.71
C ILE J 51 14.76 -4.40 -33.65
N ILE J 52 13.47 -4.64 -33.91
CA ILE J 52 12.95 -5.97 -34.13
C ILE J 52 12.62 -6.10 -35.61
N PRO J 53 13.17 -7.10 -36.32
CA PRO J 53 12.89 -7.20 -37.76
C PRO J 53 11.42 -7.37 -38.09
N SER J 54 10.63 -7.93 -37.17
CA SER J 54 9.20 -8.08 -37.44
C SER J 54 8.51 -6.73 -37.58
N PHE J 55 8.82 -5.79 -36.69
CA PHE J 55 8.17 -4.49 -36.74
C PHE J 55 8.90 -3.53 -37.67
N GLY J 56 10.22 -3.66 -37.80
CA GLY J 56 10.95 -2.95 -38.81
C GLY J 56 11.29 -1.51 -38.51
N VAL J 57 10.91 -0.99 -37.35
CA VAL J 57 11.24 0.37 -36.96
C VAL J 57 11.99 0.32 -35.64
N GLY J 58 13.16 0.97 -35.61
CA GLY J 58 14.02 0.88 -34.46
C GLY J 58 13.52 1.72 -33.30
N HIS J 59 13.81 1.25 -32.08
CA HIS J 59 13.49 1.97 -30.86
C HIS J 59 14.73 2.74 -30.40
N TYR J 60 14.96 3.86 -31.07
CA TYR J 60 16.18 4.63 -30.85
C TYR J 60 16.21 5.20 -29.44
N SER J 61 17.42 5.29 -28.88
CA SER J 61 17.59 5.90 -27.58
C SER J 61 17.39 7.41 -27.68
N GLN J 62 17.19 8.04 -26.52
CA GLN J 62 16.90 9.46 -26.48
C GLN J 62 18.09 10.29 -26.97
N LYS J 63 19.30 9.88 -26.65
CA LYS J 63 20.47 10.65 -27.04
C LYS J 63 20.86 10.39 -28.49
N PHE J 64 20.48 9.25 -29.04
CA PHE J 64 20.84 8.87 -30.41
C PHE J 64 19.65 8.89 -31.36
N ARG J 65 18.52 9.45 -30.95
CA ARG J 65 17.37 9.49 -31.85
C ARG J 65 17.66 10.38 -33.05
N ASP J 66 18.41 11.45 -32.85
CA ASP J 66 18.56 12.47 -33.88
C ASP J 66 19.47 12.01 -35.02
N ARG J 67 20.58 11.34 -34.70
CA ARG J 67 21.67 11.15 -35.64
C ARG J 67 21.96 9.68 -35.92
N VAL J 68 21.05 8.77 -35.62
CA VAL J 68 21.25 7.34 -35.85
C VAL J 68 20.00 6.78 -36.53
N THR J 69 20.20 6.02 -37.59
CA THR J 69 19.08 5.32 -38.22
C THR J 69 19.39 3.83 -38.30
N LEU J 70 18.35 3.02 -38.14
CA LEU J 70 18.47 1.58 -38.06
C LEU J 70 17.53 0.93 -39.06
N THR J 71 17.93 -0.25 -39.55
CA THR J 71 17.09 -1.01 -40.46
C THR J 71 17.35 -2.50 -40.25
N ALA J 72 16.32 -3.32 -40.43
CA ALA J 72 16.44 -4.76 -40.35
C ALA J 72 15.74 -5.38 -41.56
N ASP J 73 16.50 -6.12 -42.37
CA ASP J 73 15.97 -6.72 -43.59
C ASP J 73 16.06 -8.23 -43.49
N LYS J 74 14.93 -8.90 -43.69
CA LYS J 74 14.89 -10.35 -43.66
C LYS J 74 15.26 -10.99 -45.00
N SER J 75 15.39 -10.19 -46.06
CA SER J 75 15.76 -10.74 -47.35
C SER J 75 17.12 -11.41 -47.29
N THR J 76 18.11 -10.74 -46.68
CA THR J 76 19.40 -11.33 -46.40
C THR J 76 19.65 -11.43 -44.90
N THR J 77 18.64 -11.15 -44.08
CA THR J 77 18.73 -11.25 -42.62
C THR J 77 19.92 -10.45 -42.10
N THR J 78 19.85 -9.14 -42.30
CA THR J 78 20.92 -8.24 -41.86
C THR J 78 20.33 -7.02 -41.20
N ALA J 79 21.01 -6.53 -40.16
CA ALA J 79 20.68 -5.28 -39.50
C ALA J 79 21.72 -4.25 -39.90
N PHE J 80 21.24 -3.13 -40.45
CA PHE J 80 22.10 -2.04 -40.90
C PHE J 80 21.95 -0.85 -39.98
N LEU J 81 23.07 -0.26 -39.58
CA LEU J 81 23.07 0.95 -38.79
C LEU J 81 23.81 2.03 -39.57
N GLU J 82 23.21 3.22 -39.64
CA GLU J 82 23.80 4.33 -40.39
C GLU J 82 23.81 5.58 -39.53
N LEU J 83 24.99 6.19 -39.41
CA LEU J 83 25.09 7.51 -38.79
C LEU J 83 24.72 8.58 -39.81
N SER J 84 23.82 9.49 -39.42
CA SER J 84 23.50 10.62 -40.29
C SER J 84 24.71 11.50 -40.50
N SER J 85 25.44 11.81 -39.43
CA SER J 85 26.70 12.52 -39.52
C SER J 85 27.70 11.85 -38.59
N VAL J 86 28.98 12.00 -38.90
CA VAL J 86 30.04 11.38 -38.13
C VAL J 86 30.98 12.46 -37.60
N ARG J 87 31.43 12.29 -36.37
CA ARG J 87 32.37 13.19 -35.74
C ARG J 87 33.47 12.35 -35.09
N SER J 88 34.55 13.03 -34.70
CA SER J 88 35.75 12.33 -34.24
C SER J 88 35.48 11.45 -33.03
N GLU J 89 34.67 11.93 -32.09
CA GLU J 89 34.42 11.19 -30.86
C GLU J 89 33.66 9.89 -31.09
N ASP J 90 33.09 9.70 -32.27
CA ASP J 90 32.35 8.48 -32.58
C ASP J 90 33.27 7.34 -33.01
N THR J 91 34.56 7.43 -32.73
CA THR J 91 35.49 6.33 -32.99
C THR J 91 35.41 5.37 -31.82
N ALA J 92 34.64 4.29 -31.99
CA ALA J 92 34.41 3.35 -30.91
C ALA J 92 33.97 2.03 -31.51
N LEU J 93 33.97 0.98 -30.69
CA LEU J 93 33.56 -0.33 -31.17
C LEU J 93 32.04 -0.41 -31.20
N TYR J 94 31.49 -0.73 -32.36
CA TYR J 94 30.04 -0.90 -32.51
C TYR J 94 29.75 -2.39 -32.50
N TYR J 95 29.05 -2.84 -31.47
CA TYR J 95 28.66 -4.24 -31.32
C TYR J 95 27.18 -4.37 -31.62
N CYS J 96 26.83 -5.48 -32.25
CA CYS J 96 25.44 -5.89 -32.45
C CYS J 96 25.19 -7.14 -31.63
N ALA J 97 24.14 -7.14 -30.83
CA ALA J 97 23.84 -8.26 -29.95
C ALA J 97 22.34 -8.45 -29.84
N ILE J 98 21.94 -9.42 -29.04
CA ILE J 98 20.54 -9.65 -28.74
C ILE J 98 20.34 -9.21 -27.30
N LEU J 99 19.95 -7.96 -27.10
CA LEU J 99 19.76 -7.38 -25.78
C LEU J 99 18.34 -6.89 -25.65
N GLY J 100 17.61 -7.40 -24.66
CA GLY J 100 16.24 -7.04 -24.44
C GLY J 100 16.05 -6.33 -23.10
N THR J 101 14.80 -5.94 -22.86
CA THR J 101 14.41 -5.25 -21.64
C THR J 101 13.17 -5.91 -21.07
N PHE J 102 12.68 -5.34 -19.96
CA PHE J 102 11.48 -5.88 -19.33
C PHE J 102 10.27 -5.54 -20.19
N ASN J 103 10.12 -6.26 -21.31
CA ASN J 103 8.99 -6.10 -22.20
C ASN J 103 8.87 -4.68 -22.74
N TRP J 104 9.82 -3.82 -22.37
CA TRP J 104 9.92 -2.53 -23.04
C TRP J 104 10.26 -2.73 -24.51
N LYS J 105 11.15 -3.66 -24.80
CA LYS J 105 11.42 -4.00 -26.19
C LYS J 105 11.65 -5.51 -26.34
N SER J 106 11.11 -6.30 -25.41
CA SER J 106 11.33 -7.74 -25.47
C SER J 106 10.62 -8.34 -26.66
N GLY J 107 11.38 -8.93 -27.57
CA GLY J 107 10.81 -9.62 -28.70
C GLY J 107 11.03 -11.11 -28.59
N GLY J 108 12.04 -11.50 -27.81
CA GLY J 108 12.33 -12.90 -27.58
C GLY J 108 12.81 -13.11 -26.17
N ASN J 109 13.94 -13.81 -26.01
CA ASN J 109 14.53 -13.94 -24.69
C ASN J 109 15.20 -12.62 -24.29
N TYR J 110 15.55 -12.53 -23.01
CA TYR J 110 16.17 -11.32 -22.50
C TYR J 110 17.61 -11.15 -22.93
N PHE J 111 18.22 -12.16 -23.55
CA PHE J 111 19.64 -12.06 -23.86
C PHE J 111 19.96 -12.87 -25.10
N GLY J 112 21.20 -12.71 -25.57
CA GLY J 112 21.70 -13.43 -26.71
C GLY J 112 23.19 -13.23 -26.88
N PRO J 113 23.76 -13.84 -27.93
CA PRO J 113 25.20 -13.73 -28.17
C PRO J 113 25.57 -12.44 -28.88
N TRP J 114 26.71 -11.88 -28.47
CA TRP J 114 27.23 -10.65 -29.05
C TRP J 114 27.91 -10.92 -30.38
N GLY J 115 28.58 -9.90 -30.92
CA GLY J 115 29.27 -10.02 -32.18
C GLY J 115 30.75 -9.66 -32.05
N GLN J 116 31.45 -9.83 -33.16
CA GLN J 116 32.88 -9.52 -33.19
C GLN J 116 33.13 -8.05 -32.93
N GLY J 117 32.28 -7.18 -33.47
CA GLY J 117 32.42 -5.76 -33.26
C GLY J 117 33.13 -5.06 -34.40
N THR J 118 32.57 -3.94 -34.86
CA THR J 118 33.12 -3.19 -35.98
C THR J 118 33.77 -1.91 -35.47
N LEU J 119 34.98 -1.66 -35.91
CA LEU J 119 35.70 -0.44 -35.56
C LEU J 119 35.45 0.63 -36.62
N VAL J 120 35.04 1.81 -36.18
CA VAL J 120 34.81 2.94 -37.07
C VAL J 120 35.72 4.07 -36.64
N THR J 121 36.45 4.63 -37.60
CA THR J 121 37.39 5.70 -37.30
C THR J 121 37.11 6.90 -38.20
N VAL J 122 37.52 8.07 -37.73
CA VAL J 122 37.20 9.35 -38.35
C VAL J 122 38.50 9.98 -38.85
N SER J 123 38.56 10.29 -40.13
CA SER J 123 39.74 10.89 -40.73
C SER J 123 39.94 12.32 -40.27
N ASP K 1 15.67 8.37 -17.24
CA ASP K 1 16.54 7.23 -17.52
C ASP K 1 17.17 6.71 -16.24
N ILE K 2 17.59 5.45 -16.26
CA ILE K 2 18.20 4.81 -15.11
C ILE K 2 19.71 4.84 -15.31
N VAL K 3 20.39 5.71 -14.59
CA VAL K 3 21.83 5.83 -14.68
C VAL K 3 22.48 4.95 -13.62
N LEU K 4 23.52 4.22 -14.01
CA LEU K 4 24.21 3.29 -13.12
C LEU K 4 25.58 3.82 -12.75
N THR K 5 25.96 3.58 -11.51
CA THR K 5 27.27 3.97 -10.99
C THR K 5 27.90 2.76 -10.31
N GLN K 6 29.20 2.61 -10.48
CA GLN K 6 29.96 1.55 -9.83
C GLN K 6 30.88 2.19 -8.82
N SER K 7 30.69 1.87 -7.54
CA SER K 7 31.52 2.46 -6.50
C SER K 7 33.00 2.11 -6.66
N PRO K 8 33.40 0.84 -6.82
CA PRO K 8 34.82 0.56 -7.09
C PRO K 8 35.13 0.78 -8.55
N ASP K 9 35.85 1.86 -8.84
CA ASP K 9 36.22 2.11 -10.23
C ASP K 9 37.37 1.20 -10.65
N SER K 10 38.29 0.91 -9.73
CA SER K 10 39.42 0.04 -10.03
C SER K 10 39.81 -0.67 -8.74
N LEU K 11 39.30 -1.88 -8.55
CA LEU K 11 39.61 -2.69 -7.39
C LEU K 11 40.64 -3.75 -7.77
N ALA K 12 41.70 -3.85 -6.97
CA ALA K 12 42.76 -4.82 -7.16
C ALA K 12 42.94 -5.62 -5.88
N ALA K 13 42.91 -6.94 -5.99
CA ALA K 13 43.13 -7.82 -4.85
C ALA K 13 44.12 -8.90 -5.26
N SER K 14 44.86 -9.40 -4.27
CA SER K 14 45.83 -10.45 -4.54
C SER K 14 45.12 -11.78 -4.74
N LEU K 15 45.91 -12.80 -5.06
CA LEU K 15 45.35 -14.13 -5.32
C LEU K 15 44.69 -14.69 -4.08
N GLY K 16 43.52 -15.29 -4.26
CA GLY K 16 42.84 -15.98 -3.20
C GLY K 16 41.97 -15.13 -2.30
N GLU K 17 41.85 -13.84 -2.57
CA GLU K 17 41.09 -12.96 -1.70
C GLU K 17 39.68 -12.76 -2.23
N ARG K 18 38.87 -12.09 -1.41
CA ARG K 18 37.45 -11.92 -1.65
C ARG K 18 37.31 -10.56 -2.31
N ALA K 19 36.68 -10.48 -3.47
CA ALA K 19 36.61 -9.24 -4.23
C ALA K 19 35.17 -8.77 -4.35
N THR K 20 34.89 -7.53 -3.93
CA THR K 20 33.53 -7.02 -3.96
C THR K 20 33.42 -5.83 -4.91
N ILE K 21 32.37 -5.83 -5.73
CA ILE K 21 32.05 -4.72 -6.61
C ILE K 21 30.60 -4.33 -6.36
N SER K 22 30.39 -3.09 -5.92
CA SER K 22 29.06 -2.57 -5.64
C SER K 22 28.62 -1.63 -6.75
N CYS K 23 27.32 -1.63 -7.03
CA CYS K 23 26.78 -0.90 -8.17
C CYS K 23 25.43 -0.36 -7.75
N LYS K 24 25.29 0.96 -7.73
CA LYS K 24 24.12 1.62 -7.15
C LYS K 24 23.30 2.24 -8.26
N SER K 25 22.12 1.68 -8.50
CA SER K 25 21.22 2.20 -9.51
C SER K 25 20.54 3.48 -9.05
N SER K 26 20.11 4.28 -10.02
CA SER K 26 19.35 5.48 -9.73
C SER K 26 17.90 5.16 -9.39
N HIS K 27 17.34 4.13 -10.00
CA HIS K 27 15.97 3.69 -9.72
C HIS K 27 16.00 2.24 -9.24
N SER K 28 14.86 1.80 -8.72
CA SER K 28 14.70 0.39 -8.42
C SER K 28 14.55 -0.39 -9.71
N VAL K 29 15.19 -1.55 -9.78
CA VAL K 29 15.11 -2.40 -10.96
C VAL K 29 14.69 -3.80 -10.52
N LEU K 30 13.93 -3.89 -9.43
CA LEU K 30 13.41 -5.16 -8.94
C LEU K 30 11.91 -5.16 -9.17
N TYR K 31 11.45 -6.06 -10.03
CA TYR K 31 10.04 -6.13 -10.35
C TYR K 31 9.24 -6.59 -9.12
N SER K 32 8.04 -6.05 -8.97
CA SER K 32 7.35 -6.17 -7.68
C SER K 32 6.68 -7.53 -7.52
N SER K 33 5.73 -7.87 -8.41
CA SER K 33 5.01 -9.12 -8.26
C SER K 33 5.93 -10.32 -8.43
N ASN K 34 6.70 -10.35 -9.51
CA ASN K 34 7.73 -11.37 -9.69
C ASN K 34 9.02 -10.83 -9.08
N ASN K 35 9.47 -11.47 -8.00
CA ASN K 35 10.58 -10.95 -7.22
C ASN K 35 11.88 -10.89 -8.02
N LYS K 36 11.85 -11.36 -9.27
CA LYS K 36 13.02 -11.26 -10.12
C LYS K 36 13.40 -9.80 -10.33
N ASP K 37 14.69 -9.51 -10.20
CA ASP K 37 15.25 -8.20 -10.51
C ASP K 37 16.06 -8.27 -11.80
N PHE K 38 16.13 -7.14 -12.49
CA PHE K 38 16.68 -7.07 -13.85
C PHE K 38 18.05 -6.40 -13.80
N PHE K 39 19.09 -7.19 -13.62
CA PHE K 39 20.43 -6.63 -13.53
C PHE K 39 21.44 -7.70 -13.91
N ALA K 40 22.41 -7.34 -14.74
CA ALA K 40 23.36 -8.29 -15.30
C ALA K 40 24.78 -7.75 -15.20
N TRP K 41 25.73 -8.67 -15.06
CA TRP K 41 27.13 -8.33 -14.97
C TRP K 41 27.88 -8.87 -16.20
N TYR K 42 28.75 -8.05 -16.76
CA TYR K 42 29.49 -8.42 -17.97
C TYR K 42 30.99 -8.42 -17.70
N GLN K 43 31.65 -9.52 -18.05
CA GLN K 43 33.08 -9.65 -17.92
C GLN K 43 33.70 -9.53 -19.31
N GLN K 44 34.34 -8.40 -19.58
CA GLN K 44 35.01 -8.18 -20.85
C GLN K 44 36.52 -8.27 -20.62
N LYS K 45 37.12 -9.30 -21.18
CA LYS K 45 38.56 -9.32 -21.32
C LYS K 45 38.95 -8.49 -22.54
N PRO K 46 39.98 -7.66 -22.43
CA PRO K 46 40.34 -6.79 -23.57
C PRO K 46 40.60 -7.61 -24.83
N GLY K 47 40.13 -7.07 -25.96
CA GLY K 47 40.26 -7.77 -27.22
C GLY K 47 39.20 -8.80 -27.50
N GLN K 48 38.09 -8.79 -26.76
CA GLN K 48 37.05 -9.79 -26.94
C GLN K 48 35.72 -9.14 -26.58
N PRO K 49 34.64 -9.45 -27.30
CA PRO K 49 33.34 -8.89 -26.93
C PRO K 49 32.92 -9.36 -25.55
N PRO K 50 32.16 -8.56 -24.81
CA PRO K 50 31.77 -8.93 -23.46
C PRO K 50 30.92 -10.19 -23.43
N LYS K 51 31.05 -10.93 -22.34
CA LYS K 51 30.28 -12.14 -22.11
C LYS K 51 29.38 -11.93 -20.89
N LEU K 52 28.16 -12.43 -20.97
CA LEU K 52 27.21 -12.32 -19.86
C LEU K 52 27.66 -13.21 -18.71
N LEU K 53 28.08 -12.60 -17.60
CA LEU K 53 28.50 -13.39 -16.45
C LEU K 53 27.30 -13.92 -15.68
N ILE K 54 26.50 -13.02 -15.11
CA ILE K 54 25.31 -13.41 -14.37
C ILE K 54 24.15 -12.50 -14.76
N SER K 55 22.99 -13.12 -14.99
CA SER K 55 21.74 -12.44 -15.30
C SER K 55 20.80 -12.53 -14.10
N TRP K 56 19.86 -11.60 -14.04
CA TRP K 56 18.94 -11.45 -12.91
C TRP K 56 19.70 -11.23 -11.60
N ALA K 57 20.96 -10.82 -11.71
CA ALA K 57 21.85 -10.46 -10.62
C ALA K 57 22.18 -11.65 -9.71
N SER K 58 21.52 -12.78 -9.91
CA SER K 58 21.77 -13.94 -9.07
C SER K 58 22.17 -15.17 -9.88
N THR K 59 21.43 -15.48 -10.94
CA THR K 59 21.62 -16.72 -11.66
C THR K 59 22.95 -16.71 -12.41
N ARG K 60 23.70 -17.78 -12.29
CA ARG K 60 24.97 -17.91 -12.95
C ARG K 60 24.79 -18.60 -14.30
N GLU K 61 25.48 -18.08 -15.32
CA GLU K 61 25.33 -18.61 -16.66
C GLU K 61 26.10 -19.91 -16.81
N SER K 62 25.74 -20.64 -17.87
CA SER K 62 26.38 -21.94 -18.13
C SER K 62 27.84 -21.76 -18.50
N GLY K 63 28.68 -22.65 -17.96
CA GLY K 63 30.10 -22.58 -18.16
C GLY K 63 30.81 -21.64 -17.21
N VAL K 64 30.08 -20.78 -16.52
CA VAL K 64 30.68 -19.84 -15.58
C VAL K 64 30.99 -20.58 -14.28
N PRO K 65 32.21 -20.45 -13.75
CA PRO K 65 32.55 -21.16 -12.51
C PRO K 65 31.74 -20.64 -11.33
N VAL K 66 31.52 -21.52 -10.35
CA VAL K 66 30.81 -21.17 -9.12
C VAL K 66 31.52 -20.05 -8.38
N ARG K 67 32.78 -19.79 -8.71
CA ARG K 67 33.51 -18.69 -8.11
C ARG K 67 32.75 -17.38 -8.20
N PHE K 68 32.16 -17.08 -9.35
CA PHE K 68 31.45 -15.83 -9.54
C PHE K 68 30.14 -15.83 -8.76
N ASN K 69 29.90 -14.80 -7.95
CA ASN K 69 28.72 -14.74 -7.11
C ASN K 69 27.99 -13.41 -7.27
N GLY K 70 26.67 -13.45 -7.21
CA GLY K 70 25.86 -12.26 -7.35
C GLY K 70 24.89 -12.09 -6.21
N GLY K 71 24.61 -10.83 -5.87
CA GLY K 71 23.65 -10.56 -4.84
C GLY K 71 23.19 -9.12 -4.88
N GLY K 72 22.29 -8.78 -3.97
CA GLY K 72 21.80 -7.42 -3.83
C GLY K 72 20.36 -7.30 -4.31
N SER K 73 19.83 -6.11 -4.13
CA SER K 73 18.44 -5.85 -4.45
C SER K 73 18.22 -4.36 -4.65
N GLY K 74 17.06 -4.04 -5.23
CA GLY K 74 16.63 -2.67 -5.39
C GLY K 74 17.63 -1.83 -6.13
N THR K 75 18.28 -0.93 -5.41
CA THR K 75 19.32 -0.10 -6.00
C THR K 75 20.69 -0.74 -5.90
N HIS K 76 21.02 -1.32 -4.75
CA HIS K 76 22.38 -1.75 -4.48
C HIS K 76 22.57 -3.19 -4.93
N PHE K 77 23.54 -3.41 -5.83
CA PHE K 77 23.84 -4.74 -6.31
C PHE K 77 25.32 -5.03 -6.10
N THR K 78 25.65 -6.30 -5.89
CA THR K 78 27.00 -6.69 -5.55
C THR K 78 27.44 -7.89 -6.38
N LEU K 79 28.63 -7.78 -6.94
CA LEU K 79 29.30 -8.87 -7.64
C LEU K 79 30.51 -9.27 -6.81
N THR K 80 30.57 -10.54 -6.44
CA THR K 80 31.64 -11.06 -5.60
C THR K 80 32.50 -12.03 -6.40
N ILE K 81 33.79 -11.72 -6.47
CA ILE K 81 34.77 -12.60 -7.07
C ILE K 81 35.30 -13.37 -5.87
N SER K 82 34.82 -14.60 -5.71
CA SER K 82 35.02 -15.32 -4.47
C SER K 82 36.50 -15.61 -4.21
N SER K 83 37.20 -16.09 -5.22
CA SER K 83 38.62 -16.45 -5.10
C SER K 83 39.28 -16.01 -6.39
N LEU K 84 40.01 -14.89 -6.32
CA LEU K 84 40.64 -14.36 -7.52
C LEU K 84 41.59 -15.37 -8.14
N GLN K 85 41.59 -15.39 -9.47
CA GLN K 85 42.46 -16.23 -10.26
C GLN K 85 43.34 -15.33 -11.12
N ALA K 86 44.34 -15.95 -11.76
CA ALA K 86 45.18 -15.20 -12.69
C ALA K 86 44.38 -14.71 -13.89
N GLU K 87 43.45 -15.54 -14.39
CA GLU K 87 42.70 -15.21 -15.59
C GLU K 87 41.55 -14.26 -15.36
N ASP K 88 41.20 -13.95 -14.11
CA ASP K 88 40.03 -13.12 -13.84
C ASP K 88 40.27 -11.65 -14.17
N VAL K 89 41.51 -11.27 -14.49
CA VAL K 89 41.81 -9.89 -14.84
C VAL K 89 41.01 -9.46 -16.07
N ALA K 90 40.13 -8.47 -15.89
CA ALA K 90 39.26 -8.00 -16.96
C ALA K 90 38.51 -6.77 -16.45
N VAL K 91 37.60 -6.27 -17.27
CA VAL K 91 36.71 -5.18 -16.87
C VAL K 91 35.31 -5.75 -16.65
N TYR K 92 34.59 -5.16 -15.70
CA TYR K 92 33.26 -5.62 -15.32
C TYR K 92 32.26 -4.49 -15.47
N TYR K 93 31.09 -4.81 -16.05
CA TYR K 93 30.09 -3.83 -16.43
C TYR K 93 28.75 -4.19 -15.81
N CYS K 94 28.08 -3.17 -15.27
CA CYS K 94 26.69 -3.31 -14.87
C CYS K 94 25.80 -3.14 -16.08
N GLN K 95 24.63 -3.79 -16.04
CA GLN K 95 23.61 -3.49 -17.04
C GLN K 95 22.23 -3.68 -16.43
N GLN K 96 21.38 -2.67 -16.55
CA GLN K 96 19.98 -2.79 -16.19
C GLN K 96 19.16 -2.92 -17.46
N TYR K 97 18.16 -3.79 -17.41
CA TYR K 97 17.20 -3.92 -18.50
C TYR K 97 15.78 -3.90 -17.99
N PHE K 98 15.56 -3.23 -16.85
CA PHE K 98 14.22 -3.07 -16.33
C PHE K 98 13.42 -2.08 -17.14
N SER K 99 14.08 -1.10 -17.76
CA SER K 99 13.38 -0.13 -18.58
C SER K 99 14.37 0.51 -19.54
N SER K 100 13.94 0.68 -20.78
CA SER K 100 14.77 1.33 -21.79
C SER K 100 14.92 2.82 -21.43
N PRO K 101 16.01 3.45 -21.86
CA PRO K 101 17.13 2.88 -22.61
C PRO K 101 18.07 2.07 -21.74
N ILE K 102 18.68 1.04 -22.32
CA ILE K 102 19.64 0.24 -21.58
C ILE K 102 20.83 1.11 -21.23
N THR K 103 21.28 1.02 -20.00
CA THR K 103 22.41 1.80 -19.51
C THR K 103 23.43 0.88 -18.87
N PHE K 104 24.70 1.11 -19.16
CA PHE K 104 25.80 0.36 -18.59
C PHE K 104 26.62 1.24 -17.67
N GLY K 105 27.18 0.62 -16.63
CA GLY K 105 28.06 1.35 -15.73
C GLY K 105 29.37 1.69 -16.43
N GLN K 106 30.12 2.58 -15.77
CA GLN K 106 31.40 3.02 -16.35
C GLN K 106 32.41 1.88 -16.42
N GLY K 107 32.36 0.94 -15.48
CA GLY K 107 33.22 -0.21 -15.55
C GLY K 107 34.21 -0.28 -14.41
N THR K 108 34.51 -1.51 -13.96
CA THR K 108 35.49 -1.76 -12.92
C THR K 108 36.62 -2.60 -13.49
N ARG K 109 37.85 -2.10 -13.39
CA ARG K 109 39.01 -2.83 -13.87
C ARG K 109 39.58 -3.66 -12.72
N LEU K 110 39.54 -4.98 -12.88
CA LEU K 110 40.01 -5.91 -11.85
C LEU K 110 41.26 -6.62 -12.35
N GLU K 111 42.33 -6.52 -11.56
CA GLU K 111 43.63 -7.04 -11.95
C GLU K 111 44.32 -7.61 -10.73
N ILE K 112 45.32 -8.46 -10.99
CA ILE K 112 46.11 -9.06 -9.93
C ILE K 112 46.91 -7.98 -9.22
N LYS K 113 46.98 -8.08 -7.90
CA LYS K 113 47.75 -7.13 -7.11
C LYS K 113 49.21 -7.58 -7.01
#